data_1T0B
#
_entry.id   1T0B
#
_cell.length_a   71.542
_cell.length_b   74.603
_cell.length_c   123.518
_cell.angle_alpha   90.84
_cell.angle_beta   97.78
_cell.angle_gamma   118.69
#
_symmetry.space_group_name_H-M   'P 1'
#
loop_
_entity.id
_entity.type
_entity.pdbx_description
1 polymer 'ThuA-like protein'
2 non-polymer 'ZINC ION'
3 water water
#
_entity_poly.entity_id   1
_entity_poly.type   'polypeptide(L)'
_entity_poly.pdbx_seq_one_letter_code
;SNAMTTPIRVVVWNEFRHEKKDEQVRAIYPEGMHTVIASYLAEAGFDAATAVLDEPEHGLTDEVLDRCDVLVWWGHIAHD
EVKDEVVERVHRRVLEGMGLIVLHSGHFSKIFKKLMGTTCNLKWREADEKERLWVVAPGHPIVEGIGPYIELEQEEMYGE
FFDIPEPDETIFISWFEGGEVFRSGCTFTRGKGKIFYFRPGHETYPTYHHPDVLKVIANAVRWAAPVNRGEIVFGNVKPL
EPIKAKQGGVTQ
;
_entity_poly.pdbx_strand_id   A,B,C,D,E,F,G,H
#
# COMPACT_ATOMS: atom_id res chain seq x y z
N THR A 6 -59.05 7.35 24.08
CA THR A 6 -58.45 6.11 24.68
C THR A 6 -56.94 6.15 24.54
N PRO A 7 -56.18 5.83 25.58
CA PRO A 7 -54.74 5.83 25.42
C PRO A 7 -54.29 4.65 24.55
N ILE A 8 -53.19 4.88 23.86
CA ILE A 8 -52.60 3.91 22.97
C ILE A 8 -52.00 2.83 23.84
N ARG A 9 -52.26 1.59 23.44
CA ARG A 9 -51.78 0.43 24.15
C ARG A 9 -50.51 -0.05 23.51
N VAL A 10 -49.44 -0.10 24.30
CA VAL A 10 -48.15 -0.44 23.76
C VAL A 10 -47.56 -1.60 24.58
N VAL A 11 -47.06 -2.62 23.90
CA VAL A 11 -46.34 -3.72 24.56
C VAL A 11 -44.86 -3.56 24.20
N VAL A 12 -43.98 -3.56 25.21
CA VAL A 12 -42.57 -3.50 25.05
C VAL A 12 -42.01 -4.89 25.27
N TRP A 13 -41.52 -5.49 24.20
CA TRP A 13 -41.01 -6.88 24.15
C TRP A 13 -39.50 -6.82 24.25
N ASN A 14 -38.92 -7.63 25.11
CA ASN A 14 -37.50 -7.62 25.28
C ASN A 14 -37.07 -9.08 25.52
N GLU A 15 -36.03 -9.44 24.82
CA GLU A 15 -35.35 -10.77 24.98
C GLU A 15 -35.05 -11.06 26.43
N PHE A 16 -34.49 -10.07 27.17
CA PHE A 16 -34.31 -10.12 28.62
C PHE A 16 -33.38 -11.28 29.02
N ARG A 17 -32.30 -11.45 28.28
CA ARG A 17 -31.25 -12.40 28.62
C ARG A 17 -30.06 -11.66 29.14
N HIS A 18 -29.59 -10.66 28.42
CA HIS A 18 -28.37 -9.94 28.87
C HIS A 18 -28.46 -9.44 30.31
N GLU A 19 -29.62 -8.86 30.69
CA GLU A 19 -29.78 -8.31 32.03
C GLU A 19 -29.70 -9.36 33.17
N LYS A 20 -29.85 -10.63 32.81
CA LYS A 20 -29.61 -11.74 33.77
C LYS A 20 -28.21 -12.32 33.67
N LYS A 21 -27.56 -12.15 32.53
CA LYS A 21 -26.29 -12.90 32.29
C LYS A 21 -25.14 -12.08 32.78
N ASP A 22 -25.25 -10.77 32.63
CA ASP A 22 -24.06 -9.94 32.64
C ASP A 22 -24.21 -8.90 33.74
N GLU A 23 -23.31 -8.97 34.71
CA GLU A 23 -23.37 -8.11 35.88
C GLU A 23 -23.37 -6.64 35.50
N GLN A 24 -22.59 -6.28 34.49
CA GLN A 24 -22.48 -4.85 34.14
C GLN A 24 -23.79 -4.34 33.50
N VAL A 25 -24.52 -5.23 32.84
CA VAL A 25 -25.80 -4.86 32.23
C VAL A 25 -26.85 -4.76 33.32
N ARG A 26 -26.89 -5.78 34.19
CA ARG A 26 -27.85 -5.81 35.29
C ARG A 26 -27.74 -4.54 36.15
N ALA A 27 -26.53 -4.04 36.28
CA ALA A 27 -26.29 -2.85 37.08
C ALA A 27 -27.01 -1.66 36.46
N ILE A 28 -27.13 -1.63 35.13
CA ILE A 28 -27.79 -0.50 34.43
C ILE A 28 -29.29 -0.70 34.31
N TYR A 29 -29.68 -1.94 34.07
CA TYR A 29 -31.06 -2.29 33.80
C TYR A 29 -31.45 -3.48 34.67
N PRO A 30 -31.57 -3.26 35.98
CA PRO A 30 -31.74 -4.38 36.92
C PRO A 30 -33.05 -5.15 36.77
N GLU A 31 -34.05 -4.47 36.21
CA GLU A 31 -35.32 -5.12 35.91
C GLU A 31 -35.58 -5.21 34.42
N GLY A 32 -34.54 -5.03 33.64
CA GLY A 32 -34.66 -5.19 32.20
C GLY A 32 -34.90 -3.88 31.49
N MET A 33 -34.48 -3.79 30.24
CA MET A 33 -34.67 -2.53 29.46
C MET A 33 -36.12 -2.30 29.20
N HIS A 34 -36.88 -3.38 29.08
CA HIS A 34 -38.35 -3.27 28.89
C HIS A 34 -39.06 -2.45 29.97
N THR A 35 -38.63 -2.61 31.22
CA THR A 35 -39.23 -1.99 32.39
C THR A 35 -38.96 -0.48 32.35
N VAL A 36 -37.73 -0.12 32.01
CA VAL A 36 -37.36 1.29 31.87
C VAL A 36 -38.15 1.98 30.74
N ILE A 37 -38.20 1.36 29.56
CA ILE A 37 -38.97 1.92 28.44
C ILE A 37 -40.46 1.97 28.78
N ALA A 38 -41.01 0.87 29.27
CA ALA A 38 -42.45 0.86 29.59
C ALA A 38 -42.80 1.86 30.68
N SER A 39 -41.91 2.07 31.66
CA SER A 39 -42.20 3.03 32.72
C SER A 39 -42.30 4.43 32.15
N TYR A 40 -41.37 4.78 31.27
CA TYR A 40 -41.41 6.11 30.65
C TYR A 40 -42.69 6.27 29.87
N LEU A 41 -43.02 5.26 29.07
CA LEU A 41 -44.24 5.35 28.25
C LEU A 41 -45.48 5.50 29.11
N ALA A 42 -45.56 4.77 30.21
CA ALA A 42 -46.69 4.85 31.15
C ALA A 42 -46.80 6.29 31.70
N GLU A 43 -45.67 6.85 32.13
CA GLU A 43 -45.66 8.26 32.55
C GLU A 43 -46.07 9.26 31.47
N ALA A 44 -45.85 8.93 30.21
CA ALA A 44 -46.19 9.80 29.10
C ALA A 44 -47.65 9.59 28.67
N GLY A 45 -48.38 8.74 29.35
CA GLY A 45 -49.82 8.62 29.12
C GLY A 45 -50.25 7.42 28.31
N PHE A 46 -49.30 6.56 27.96
CA PHE A 46 -49.63 5.34 27.21
C PHE A 46 -50.07 4.22 28.19
N ASP A 47 -50.85 3.27 27.71
CA ASP A 47 -51.22 2.11 28.47
C ASP A 47 -50.15 1.09 28.13
N ALA A 48 -49.11 1.03 28.95
CA ALA A 48 -47.89 0.26 28.64
C ALA A 48 -47.86 -1.09 29.37
N ALA A 49 -47.40 -2.13 28.68
CA ALA A 49 -47.21 -3.48 29.26
C ALA A 49 -45.91 -4.03 28.70
N THR A 50 -45.44 -5.13 29.25
CA THR A 50 -44.19 -5.67 28.79
C THR A 50 -44.35 -7.17 28.50
N ALA A 51 -43.43 -7.67 27.72
CA ALA A 51 -43.41 -9.13 27.38
C ALA A 51 -42.00 -9.54 27.16
N VAL A 52 -41.67 -10.80 27.41
CA VAL A 52 -40.27 -11.21 27.32
C VAL A 52 -40.21 -12.61 26.73
N LEU A 53 -39.04 -12.97 26.24
CA LEU A 53 -38.81 -14.19 25.48
C LEU A 53 -39.16 -15.41 26.33
N ASP A 54 -38.71 -15.44 27.59
CA ASP A 54 -38.85 -16.66 28.44
C ASP A 54 -40.20 -16.78 29.15
N GLU A 55 -41.29 -16.64 28.40
CA GLU A 55 -42.71 -16.63 28.87
C GLU A 55 -43.38 -17.51 27.85
N PRO A 56 -44.48 -18.15 28.19
CA PRO A 56 -45.31 -18.85 27.20
C PRO A 56 -45.69 -17.93 26.06
N GLU A 57 -45.48 -18.39 24.82
CA GLU A 57 -45.71 -17.64 23.61
C GLU A 57 -44.92 -16.34 23.58
N HIS A 58 -43.84 -16.31 24.34
CA HIS A 58 -43.00 -15.10 24.47
C HIS A 58 -43.84 -13.88 24.84
N GLY A 59 -44.93 -14.14 25.55
CA GLY A 59 -45.79 -13.14 26.06
C GLY A 59 -46.69 -12.61 25.00
N LEU A 60 -46.63 -13.12 23.77
CA LEU A 60 -47.36 -12.55 22.68
C LEU A 60 -48.45 -13.52 22.23
N THR A 61 -49.40 -13.78 23.11
CA THR A 61 -50.58 -14.60 22.77
C THR A 61 -51.50 -13.78 21.89
N ASP A 62 -52.48 -14.46 21.30
CA ASP A 62 -53.48 -13.74 20.50
C ASP A 62 -54.18 -12.65 21.28
N GLU A 63 -54.41 -12.89 22.56
CA GLU A 63 -55.22 -11.98 23.38
C GLU A 63 -54.42 -10.72 23.64
N VAL A 64 -53.13 -10.92 23.86
CA VAL A 64 -52.26 -9.78 24.07
C VAL A 64 -52.15 -8.94 22.79
N LEU A 65 -51.91 -9.61 21.67
CA LEU A 65 -51.60 -8.89 20.43
C LEU A 65 -52.84 -8.25 19.89
N ASP A 66 -53.97 -8.88 20.14
CA ASP A 66 -55.22 -8.28 19.64
C ASP A 66 -55.55 -6.96 20.28
N ARG A 67 -55.07 -6.72 21.51
CA ARG A 67 -55.27 -5.43 22.16
C ARG A 67 -54.00 -4.57 22.16
N CYS A 68 -53.03 -4.96 21.36
CA CYS A 68 -51.76 -4.20 21.27
C CYS A 68 -51.86 -3.29 20.07
N ASP A 69 -51.79 -1.98 20.29
CA ASP A 69 -51.76 -1.04 19.21
C ASP A 69 -50.35 -0.87 18.62
N VAL A 70 -49.30 -0.90 19.47
CA VAL A 70 -47.94 -0.76 18.99
C VAL A 70 -47.06 -1.74 19.81
N LEU A 71 -46.28 -2.55 19.13
CA LEU A 71 -45.28 -3.44 19.73
C LEU A 71 -43.89 -2.83 19.54
N VAL A 72 -43.12 -2.78 20.63
CA VAL A 72 -41.74 -2.32 20.63
C VAL A 72 -40.87 -3.61 20.80
N TRP A 73 -39.80 -3.76 20.03
CA TRP A 73 -39.01 -5.03 20.02
C TRP A 73 -37.52 -4.77 20.22
N TRP A 74 -36.91 -5.41 21.22
CA TRP A 74 -35.48 -5.41 21.37
C TRP A 74 -35.05 -6.88 21.54
N GLY A 75 -34.09 -7.29 20.74
CA GLY A 75 -33.46 -8.64 20.87
C GLY A 75 -32.01 -8.59 20.43
N HIS A 76 -31.25 -9.66 20.69
CA HIS A 76 -29.87 -9.66 20.29
C HIS A 76 -29.26 -11.08 20.15
N ILE A 77 -29.23 -11.77 21.25
CA ILE A 77 -28.46 -13.02 21.33
C ILE A 77 -29.30 -14.25 21.23
N ALA A 78 -30.59 -14.05 21.20
CA ALA A 78 -31.53 -15.18 21.10
C ALA A 78 -32.62 -14.97 20.06
N HIS A 79 -32.28 -14.36 18.89
CA HIS A 79 -33.31 -14.10 17.87
C HIS A 79 -33.91 -15.42 17.37
N ASP A 80 -33.05 -16.45 17.32
CA ASP A 80 -33.35 -17.79 16.85
C ASP A 80 -34.43 -18.51 17.69
N GLU A 81 -34.58 -18.07 18.93
CA GLU A 81 -35.43 -18.74 19.91
C GLU A 81 -36.88 -18.25 19.86
N VAL A 82 -37.13 -17.18 19.14
CA VAL A 82 -38.49 -16.77 18.92
C VAL A 82 -39.14 -17.75 17.94
N LYS A 83 -40.17 -18.42 18.41
CA LYS A 83 -40.83 -19.43 17.61
C LYS A 83 -41.49 -18.87 16.39
N ASP A 84 -41.32 -19.55 15.28
CA ASP A 84 -41.94 -19.11 14.02
C ASP A 84 -43.44 -18.83 14.11
N GLU A 85 -44.16 -19.60 14.93
CA GLU A 85 -45.62 -19.42 15.06
C GLU A 85 -45.96 -18.00 15.60
N VAL A 86 -45.14 -17.56 16.54
CA VAL A 86 -45.25 -16.23 17.11
C VAL A 86 -44.84 -15.16 16.12
N VAL A 87 -43.72 -15.36 15.41
CA VAL A 87 -43.28 -14.38 14.37
C VAL A 87 -44.41 -14.23 13.37
N GLU A 88 -45.01 -15.34 12.94
CA GLU A 88 -46.08 -15.24 11.97
C GLU A 88 -47.29 -14.47 12.53
N ARG A 89 -47.61 -14.65 13.81
CA ARG A 89 -48.73 -14.00 14.45
C ARG A 89 -48.51 -12.51 14.46
N VAL A 90 -47.30 -12.15 14.84
CA VAL A 90 -46.93 -10.70 14.87
C VAL A 90 -47.01 -10.08 13.47
N HIS A 91 -46.46 -10.77 12.52
CA HIS A 91 -46.39 -10.31 11.11
C HIS A 91 -47.83 -10.06 10.62
N ARG A 92 -48.72 -11.00 10.85
CA ARG A 92 -50.15 -10.79 10.49
C ARG A 92 -50.74 -9.53 11.14
N ARG A 93 -50.41 -9.30 12.40
CA ARG A 93 -50.93 -8.15 13.13
C ARG A 93 -50.41 -6.86 12.55
N VAL A 94 -49.11 -6.81 12.27
CA VAL A 94 -48.55 -5.59 11.63
C VAL A 94 -49.22 -5.29 10.29
N LEU A 95 -49.42 -6.31 9.47
CA LEU A 95 -50.07 -6.04 8.17
C LEU A 95 -51.47 -5.54 8.30
N GLU A 96 -52.16 -5.92 9.39
CA GLU A 96 -53.53 -5.43 9.70
C GLU A 96 -53.55 -4.07 10.32
N GLY A 97 -52.37 -3.53 10.64
CA GLY A 97 -52.31 -2.21 11.23
C GLY A 97 -51.57 -1.97 12.52
N MET A 98 -51.18 -3.02 13.23
CA MET A 98 -50.42 -2.88 14.45
C MET A 98 -49.06 -2.20 14.13
N GLY A 99 -48.67 -1.24 14.96
CA GLY A 99 -47.40 -0.56 14.77
C GLY A 99 -46.28 -1.44 15.32
N LEU A 100 -45.05 -1.21 14.83
CA LEU A 100 -43.88 -2.01 15.28
C LEU A 100 -42.73 -1.02 15.39
N ILE A 101 -42.07 -0.95 16.55
CA ILE A 101 -40.86 -0.13 16.77
C ILE A 101 -39.75 -1.11 17.03
N VAL A 102 -38.79 -1.17 16.16
CA VAL A 102 -37.67 -2.15 16.28
C VAL A 102 -36.47 -1.41 16.77
N LEU A 103 -35.85 -1.88 17.87
CA LEU A 103 -34.76 -1.14 18.51
C LEU A 103 -33.43 -1.83 18.34
N HIS A 104 -32.37 -1.08 17.94
CA HIS A 104 -30.97 -1.58 18.07
C HIS A 104 -30.83 -2.99 17.39
N SER A 105 -30.42 -4.01 18.15
CA SER A 105 -30.04 -5.31 17.64
C SER A 105 -31.32 -6.06 17.17
N GLY A 106 -32.44 -5.45 17.44
CA GLY A 106 -33.72 -5.84 16.81
C GLY A 106 -33.65 -5.93 15.29
N HIS A 107 -32.72 -5.19 14.67
CA HIS A 107 -32.50 -5.34 13.23
C HIS A 107 -32.33 -6.77 12.72
N PHE A 108 -31.85 -7.70 13.55
CA PHE A 108 -31.65 -9.05 13.11
C PHE A 108 -32.70 -9.96 13.69
N SER A 109 -33.81 -9.39 14.16
CA SER A 109 -34.92 -10.21 14.68
C SER A 109 -35.62 -10.88 13.53
N LYS A 110 -36.21 -12.03 13.80
CA LYS A 110 -36.94 -12.69 12.76
C LYS A 110 -38.06 -11.82 12.17
N ILE A 111 -38.78 -11.11 13.01
CA ILE A 111 -39.88 -10.25 12.54
C ILE A 111 -39.41 -9.13 11.63
N PHE A 112 -38.33 -8.46 12.00
CA PHE A 112 -37.87 -7.35 11.16
C PHE A 112 -37.38 -7.87 9.86
N LYS A 113 -36.59 -8.98 9.86
CA LYS A 113 -36.11 -9.53 8.65
C LYS A 113 -37.24 -9.97 7.74
N LYS A 114 -38.30 -10.54 8.34
CA LYS A 114 -39.42 -11.05 7.55
C LYS A 114 -40.13 -9.89 6.85
N LEU A 115 -40.36 -8.83 7.60
CA LEU A 115 -41.01 -7.61 7.00
C LEU A 115 -40.21 -6.89 5.95
N MET A 116 -38.90 -6.91 6.11
CA MET A 116 -37.96 -6.24 5.16
C MET A 116 -37.67 -7.03 3.92
N GLY A 117 -37.53 -8.37 3.99
CA GLY A 117 -37.22 -9.12 2.80
C GLY A 117 -35.72 -9.22 2.44
N THR A 118 -34.87 -8.61 3.31
CA THR A 118 -33.44 -8.60 3.13
C THR A 118 -32.73 -9.23 4.34
N THR A 119 -31.38 -9.22 4.35
CA THR A 119 -30.70 -9.84 5.48
C THR A 119 -30.70 -8.98 6.75
N CYS A 120 -30.75 -7.65 6.56
CA CYS A 120 -30.67 -6.67 7.62
C CYS A 120 -29.31 -6.75 8.29
N ASN A 121 -28.31 -7.21 7.56
CA ASN A 121 -26.92 -7.25 8.09
C ASN A 121 -26.33 -5.86 7.99
N LEU A 122 -25.17 -5.67 8.61
CA LEU A 122 -24.58 -4.33 8.64
C LEU A 122 -23.15 -4.54 9.14
N LYS A 123 -22.35 -3.50 9.11
CA LYS A 123 -21.04 -3.49 9.77
C LYS A 123 -21.23 -3.06 11.23
N TRP A 124 -20.32 -3.49 12.12
CA TRP A 124 -20.49 -3.17 13.54
C TRP A 124 -19.17 -3.18 14.30
N ARG A 125 -19.16 -2.54 15.45
CA ARG A 125 -17.97 -2.45 16.33
C ARG A 125 -18.42 -2.06 17.72
N GLU A 126 -17.94 -2.81 18.71
CA GLU A 126 -18.23 -2.47 20.11
C GLU A 126 -17.00 -1.80 20.67
N ALA A 127 -16.98 -0.47 20.65
CA ALA A 127 -15.79 0.26 21.12
C ALA A 127 -16.06 1.53 21.99
N ASP A 128 -17.25 1.61 22.60
CA ASP A 128 -17.64 2.64 23.55
C ASP A 128 -17.48 4.02 22.92
N GLU A 129 -17.79 4.15 21.64
CA GLU A 129 -17.50 5.40 20.92
C GLU A 129 -18.68 6.30 20.85
N LYS A 130 -18.42 7.55 20.49
CA LYS A 130 -19.46 8.56 20.41
C LYS A 130 -20.32 8.40 19.17
N GLU A 131 -21.64 8.65 19.26
CA GLU A 131 -22.57 8.63 18.14
C GLU A 131 -23.36 9.95 18.17
N ARG A 132 -23.52 10.61 17.05
CA ARG A 132 -24.34 11.80 16.98
C ARG A 132 -25.43 11.47 15.92
N LEU A 133 -26.68 11.38 16.34
CA LEU A 133 -27.84 11.13 15.48
C LEU A 133 -28.42 12.46 14.98
N TRP A 134 -28.19 12.73 13.73
CA TRP A 134 -28.63 13.98 13.05
C TRP A 134 -30.01 13.77 12.53
N VAL A 135 -30.84 14.74 12.79
CA VAL A 135 -32.20 14.70 12.24
C VAL A 135 -32.15 15.14 10.78
N VAL A 136 -32.83 14.39 9.92
CA VAL A 136 -32.86 14.68 8.49
C VAL A 136 -34.33 14.80 7.97
N ALA A 137 -35.31 14.64 8.87
CA ALA A 137 -36.75 14.85 8.55
C ALA A 137 -37.31 15.77 9.64
N PRO A 138 -36.91 17.04 9.64
CA PRO A 138 -37.15 17.91 10.78
C PRO A 138 -38.58 18.32 11.01
N GLY A 139 -39.46 17.94 10.12
CA GLY A 139 -40.91 18.16 10.32
C GLY A 139 -41.64 16.88 10.74
N HIS A 140 -40.90 15.80 10.97
CA HIS A 140 -41.60 14.55 11.19
C HIS A 140 -42.09 14.47 12.63
N PRO A 141 -43.27 13.93 12.87
CA PRO A 141 -43.74 13.76 14.25
C PRO A 141 -42.76 13.01 15.22
N ILE A 142 -42.01 12.11 14.69
CA ILE A 142 -41.05 11.32 15.50
C ILE A 142 -40.05 12.24 16.16
N VAL A 143 -39.78 13.37 15.50
CA VAL A 143 -38.76 14.25 16.11
C VAL A 143 -39.35 15.46 16.86
N GLU A 144 -40.63 15.43 17.23
CA GLU A 144 -41.23 16.52 18.05
C GLU A 144 -40.44 16.68 19.33
N GLY A 145 -40.02 17.89 19.65
CA GLY A 145 -39.23 18.08 20.85
C GLY A 145 -37.76 17.70 20.81
N ILE A 146 -37.27 17.33 19.63
CA ILE A 146 -35.86 16.92 19.52
C ILE A 146 -35.10 18.02 18.80
N GLY A 147 -33.86 18.23 19.19
CA GLY A 147 -33.06 19.31 18.62
C GLY A 147 -32.47 18.83 17.31
N PRO A 148 -31.45 19.49 16.78
CA PRO A 148 -30.88 19.10 15.50
C PRO A 148 -30.24 17.71 15.53
N TYR A 149 -29.82 17.33 16.70
CA TYR A 149 -29.18 16.03 16.92
C TYR A 149 -29.33 15.55 18.32
N ILE A 150 -29.14 14.22 18.49
CA ILE A 150 -29.03 13.57 19.76
C ILE A 150 -27.58 13.05 19.83
N GLU A 151 -26.88 13.34 20.93
CA GLU A 151 -25.53 12.90 21.10
C GLU A 151 -25.49 11.87 22.23
N LEU A 152 -24.87 10.72 21.95
CA LEU A 152 -24.69 9.67 22.90
C LEU A 152 -23.18 9.50 23.08
N GLU A 153 -22.74 9.59 24.32
CA GLU A 153 -21.33 9.58 24.58
C GLU A 153 -20.66 8.24 24.33
N GLN A 154 -21.40 7.14 24.49
CA GLN A 154 -20.91 5.78 24.27
C GLN A 154 -22.03 5.00 23.60
N GLU A 155 -21.72 4.35 22.49
CA GLU A 155 -22.64 3.37 21.89
C GLU A 155 -21.87 2.37 21.07
N GLU A 156 -22.54 1.30 20.68
CA GLU A 156 -21.98 0.39 19.72
C GLU A 156 -22.21 0.95 18.32
N MET A 157 -21.15 1.03 17.51
CA MET A 157 -21.27 1.39 16.13
C MET A 157 -21.99 0.33 15.27
N TYR A 158 -23.00 0.76 14.53
CA TYR A 158 -23.42 0.04 13.33
C TYR A 158 -23.07 0.94 12.17
N GLY A 159 -22.72 0.37 11.03
CA GLY A 159 -22.34 1.12 9.87
C GLY A 159 -22.95 0.61 8.57
N GLU A 160 -23.04 1.52 7.60
CA GLU A 160 -23.51 1.20 6.25
C GLU A 160 -22.45 0.34 5.56
N PHE A 161 -22.80 -0.56 4.65
CA PHE A 161 -24.18 -0.74 4.13
C PHE A 161 -25.01 -1.62 5.04
N PHE A 162 -26.18 -1.08 5.40
CA PHE A 162 -27.23 -1.71 6.17
C PHE A 162 -28.20 -2.30 5.14
N ASP A 163 -28.36 -3.62 5.16
CA ASP A 163 -29.04 -4.29 4.08
C ASP A 163 -30.53 -4.28 4.38
N ILE A 164 -31.10 -3.12 4.19
CA ILE A 164 -32.58 -2.91 4.32
C ILE A 164 -33.12 -2.34 2.97
N PRO A 165 -34.39 -2.58 2.71
CA PRO A 165 -35.03 -1.88 1.66
C PRO A 165 -34.94 -0.38 1.98
N GLU A 166 -34.94 0.48 0.95
CA GLU A 166 -34.85 1.92 1.17
C GLU A 166 -36.04 2.28 2.04
N PRO A 167 -35.82 3.01 3.12
CA PRO A 167 -36.93 3.38 4.00
C PRO A 167 -37.96 4.28 3.29
N ASP A 168 -39.20 4.25 3.72
CA ASP A 168 -40.17 5.26 3.35
C ASP A 168 -39.64 6.66 3.65
N GLU A 169 -39.14 6.87 4.85
CA GLU A 169 -38.44 8.10 5.22
C GLU A 169 -37.27 7.74 6.14
N THR A 170 -36.18 8.48 5.94
CA THR A 170 -35.02 8.42 6.82
C THR A 170 -35.20 9.60 7.76
N ILE A 171 -35.25 9.31 9.06
CA ILE A 171 -35.47 10.32 10.09
C ILE A 171 -34.19 10.84 10.71
N PHE A 172 -33.32 9.92 11.00
CA PHE A 172 -32.00 10.16 11.63
C PHE A 172 -30.88 9.51 10.77
N ILE A 173 -29.72 10.16 10.71
CA ILE A 173 -28.52 9.55 10.18
C ILE A 173 -27.51 9.77 11.25
N SER A 174 -26.83 8.71 11.65
CA SER A 174 -25.79 8.75 12.68
C SER A 174 -24.38 8.95 12.14
N TRP A 175 -23.57 9.77 12.86
CA TRP A 175 -22.15 9.90 12.70
C TRP A 175 -21.50 9.16 13.86
N PHE A 176 -20.50 8.35 13.58
CA PHE A 176 -19.78 7.64 14.60
C PHE A 176 -18.34 8.13 14.62
N GLU A 177 -17.82 8.20 15.81
CA GLU A 177 -16.44 8.62 16.06
C GLU A 177 -15.40 7.89 15.20
N GLY A 178 -15.61 6.59 15.02
CA GLY A 178 -14.75 5.75 14.21
C GLY A 178 -14.79 5.84 12.71
N GLY A 179 -15.66 6.69 12.11
CA GLY A 179 -15.59 6.85 10.70
C GLY A 179 -16.77 6.48 9.85
N GLU A 180 -17.72 5.80 10.46
CA GLU A 180 -18.88 5.27 9.77
C GLU A 180 -20.10 6.16 9.93
N VAL A 181 -21.11 5.87 9.10
CA VAL A 181 -22.39 6.49 9.21
C VAL A 181 -23.46 5.38 9.20
N PHE A 182 -24.68 5.77 9.52
CA PHE A 182 -25.80 4.76 9.58
C PHE A 182 -27.14 5.46 9.44
N ARG A 183 -28.03 4.86 8.67
CA ARG A 183 -29.40 5.35 8.64
C ARG A 183 -30.09 4.81 9.90
N SER A 184 -30.02 5.58 10.96
CA SER A 184 -30.40 5.17 12.33
C SER A 184 -31.86 5.37 12.72
N GLY A 185 -32.67 6.08 11.94
CA GLY A 185 -34.11 6.03 12.19
C GLY A 185 -34.74 6.00 10.82
N CYS A 186 -35.50 4.92 10.56
CA CYS A 186 -36.05 4.65 9.23
C CYS A 186 -37.49 4.25 9.45
N THR A 187 -38.40 4.80 8.69
CA THR A 187 -39.81 4.31 8.69
C THR A 187 -40.08 3.42 7.52
N PHE A 188 -41.08 2.53 7.69
CA PHE A 188 -41.57 1.69 6.64
C PHE A 188 -43.03 1.46 6.88
N THR A 189 -43.76 1.19 5.83
CA THR A 189 -45.15 0.80 5.98
C THR A 189 -45.27 -0.56 5.35
N ARG A 190 -45.92 -1.47 6.06
CA ARG A 190 -46.20 -2.81 5.56
C ARG A 190 -47.64 -3.15 5.82
N GLY A 191 -48.41 -3.36 4.77
CA GLY A 191 -49.87 -3.46 4.88
C GLY A 191 -50.37 -2.18 5.40
N LYS A 192 -51.16 -2.25 6.47
CA LYS A 192 -51.61 -1.05 7.17
C LYS A 192 -50.66 -0.59 8.29
N GLY A 193 -49.63 -1.39 8.58
CA GLY A 193 -48.84 -1.21 9.75
C GLY A 193 -47.65 -0.29 9.49
N LYS A 194 -47.33 0.53 10.48
CA LYS A 194 -46.27 1.49 10.44
C LYS A 194 -45.14 0.91 11.29
N ILE A 195 -43.92 0.97 10.76
CA ILE A 195 -42.74 0.43 11.43
C ILE A 195 -41.73 1.57 11.53
N PHE A 196 -41.01 1.61 12.66
CA PHE A 196 -39.92 2.55 12.83
C PHE A 196 -38.79 1.73 13.38
N TYR A 197 -37.68 1.79 12.67
CA TYR A 197 -36.38 1.21 13.16
C TYR A 197 -35.60 2.33 13.78
N PHE A 198 -35.16 2.19 15.05
CA PHE A 198 -34.35 3.22 15.77
C PHE A 198 -33.14 2.53 16.33
N ARG A 199 -31.97 2.99 15.91
CA ARG A 199 -30.72 2.24 16.15
C ARG A 199 -30.23 2.16 17.62
N PRO A 200 -30.26 3.26 18.41
CA PRO A 200 -29.60 3.25 19.72
C PRO A 200 -30.17 2.28 20.73
N GLY A 201 -29.28 1.63 21.48
CA GLY A 201 -29.81 0.80 22.54
C GLY A 201 -28.95 -0.36 22.97
N HIS A 202 -27.62 -0.20 22.90
CA HIS A 202 -26.76 -1.34 23.32
C HIS A 202 -26.89 -1.63 24.80
N GLU A 203 -26.87 -2.91 25.15
CA GLU A 203 -27.17 -3.32 26.50
C GLU A 203 -26.17 -2.84 27.56
N THR A 204 -24.94 -2.60 27.15
CA THR A 204 -23.89 -2.23 28.07
C THR A 204 -23.78 -0.74 28.33
N TYR A 205 -24.68 0.04 27.74
CA TYR A 205 -24.66 1.49 27.94
C TYR A 205 -26.07 1.95 28.39
N PRO A 206 -26.17 2.99 29.20
CA PRO A 206 -27.46 3.49 29.70
C PRO A 206 -28.27 4.30 28.66
N THR A 207 -28.27 3.87 27.41
CA THR A 207 -28.93 4.59 26.31
C THR A 207 -30.40 4.83 26.57
N TYR A 208 -31.07 3.85 27.20
CA TYR A 208 -32.52 3.99 27.48
C TYR A 208 -32.83 4.80 28.72
N HIS A 209 -31.82 5.43 29.31
CA HIS A 209 -32.02 6.46 30.30
C HIS A 209 -31.82 7.84 29.72
N HIS A 210 -31.51 7.93 28.45
CA HIS A 210 -31.28 9.24 27.81
C HIS A 210 -32.64 9.84 27.48
N PRO A 211 -32.98 11.05 28.00
CA PRO A 211 -34.30 11.60 27.75
C PRO A 211 -34.69 11.79 26.30
N ASP A 212 -33.76 12.13 25.40
CA ASP A 212 -34.04 12.29 24.00
C ASP A 212 -34.37 10.94 23.34
N VAL A 213 -33.66 9.91 23.75
CA VAL A 213 -33.94 8.58 23.22
C VAL A 213 -35.34 8.16 23.57
N LEU A 214 -35.75 8.34 24.82
CA LEU A 214 -37.04 7.88 25.31
C LEU A 214 -38.12 8.75 24.67
N LYS A 215 -37.82 10.02 24.47
CA LYS A 215 -38.76 10.92 23.78
C LYS A 215 -39.06 10.48 22.33
N VAL A 216 -38.04 10.08 21.62
CA VAL A 216 -38.17 9.59 20.27
C VAL A 216 -39.03 8.34 20.24
N ILE A 217 -38.71 7.39 21.12
CA ILE A 217 -39.58 6.19 21.21
C ILE A 217 -41.06 6.54 21.47
N ALA A 218 -41.33 7.41 22.45
CA ALA A 218 -42.70 7.85 22.73
C ALA A 218 -43.35 8.49 21.52
N ASN A 219 -42.64 9.40 20.85
CA ASN A 219 -43.17 10.03 19.64
C ASN A 219 -43.50 9.02 18.52
N ALA A 220 -42.66 7.98 18.41
CA ALA A 220 -42.78 6.95 17.40
C ALA A 220 -43.97 6.05 17.74
N VAL A 221 -44.20 5.79 19.04
CA VAL A 221 -45.37 4.98 19.45
C VAL A 221 -46.64 5.74 19.04
N ARG A 222 -46.65 7.04 19.32
CA ARG A 222 -47.81 7.83 18.90
C ARG A 222 -48.00 7.80 17.40
N TRP A 223 -46.91 7.97 16.66
CA TRP A 223 -46.88 7.97 15.19
C TRP A 223 -47.36 6.65 14.58
N ALA A 224 -46.96 5.54 15.20
CA ALA A 224 -47.18 4.20 14.66
C ALA A 224 -48.53 3.65 15.05
N ALA A 225 -49.28 4.35 15.86
CA ALA A 225 -50.55 3.75 16.31
C ALA A 225 -51.54 3.64 15.13
N PRO A 226 -52.28 2.54 15.03
CA PRO A 226 -53.16 2.35 13.90
C PRO A 226 -54.38 3.28 13.98
N VAL A 227 -54.93 3.75 12.89
CA VAL A 227 -56.23 4.43 12.98
C VAL A 227 -57.35 3.81 12.13
N ASN A 228 -57.05 2.81 11.24
CA ASN A 228 -58.00 2.05 10.37
C ASN A 228 -57.85 0.49 10.58
N ARG A 229 -57.83 0.06 11.80
CA ARG A 229 -57.28 -1.26 12.07
C ARG A 229 -58.19 -2.43 11.67
N GLY A 230 -57.58 -3.45 11.05
CA GLY A 230 -58.28 -4.73 10.82
C GLY A 230 -58.07 -5.23 9.42
N GLU A 231 -59.01 -6.09 8.99
CA GLU A 231 -58.91 -6.83 7.73
C GLU A 231 -59.23 -5.99 6.48
N ILE A 232 -58.32 -6.07 5.50
CA ILE A 232 -58.56 -5.57 4.16
C ILE A 232 -59.24 -6.68 3.37
N VAL A 233 -60.12 -6.29 2.46
CA VAL A 233 -60.73 -7.24 1.51
C VAL A 233 -59.82 -7.55 0.32
N PHE A 234 -59.52 -8.84 0.14
CA PHE A 234 -58.84 -9.32 -1.03
C PHE A 234 -59.66 -10.36 -1.76
N GLY A 235 -59.18 -10.87 -2.89
CA GLY A 235 -59.88 -11.97 -3.57
C GLY A 235 -60.77 -11.55 -4.71
N ASN A 236 -61.64 -12.47 -5.08
CA ASN A 236 -62.42 -12.33 -6.27
C ASN A 236 -63.50 -11.32 -5.99
N VAL A 237 -63.69 -10.35 -6.90
CA VAL A 237 -64.71 -9.30 -6.73
C VAL A 237 -65.51 -9.00 -7.98
N LYS A 238 -66.77 -8.64 -7.79
CA LYS A 238 -67.64 -8.33 -8.86
C LYS A 238 -67.33 -6.94 -9.35
N PRO A 239 -67.55 -6.69 -10.63
CA PRO A 239 -67.31 -5.39 -11.22
C PRO A 239 -68.24 -4.31 -10.73
N LEU A 240 -67.72 -3.09 -10.63
CA LEU A 240 -68.52 -1.92 -10.27
C LEU A 240 -69.06 -1.26 -11.51
N GLU A 241 -68.51 -1.57 -12.67
CA GLU A 241 -68.99 -1.07 -13.94
C GLU A 241 -69.28 -2.22 -14.89
N PRO A 242 -70.20 -2.01 -15.82
CA PRO A 242 -70.53 -3.00 -16.85
C PRO A 242 -69.34 -3.39 -17.69
N ILE A 243 -69.18 -4.68 -17.91
CA ILE A 243 -68.11 -5.13 -18.78
C ILE A 243 -68.72 -5.64 -20.06
N LYS A 244 -68.26 -5.14 -21.21
CA LYS A 244 -68.84 -5.54 -22.51
C LYS A 244 -68.39 -6.95 -22.87
N ALA A 245 -69.35 -7.81 -23.18
CA ALA A 245 -69.03 -9.20 -23.51
C ALA A 245 -68.50 -9.33 -24.95
N THR B 6 -54.64 22.29 22.13
CA THR B 6 -55.44 23.43 21.58
C THR B 6 -55.77 23.16 20.11
N PRO B 7 -56.92 23.62 19.62
CA PRO B 7 -57.29 23.34 18.23
C PRO B 7 -56.21 23.75 17.22
N ILE B 8 -56.07 22.94 16.18
CA ILE B 8 -55.29 23.29 15.01
C ILE B 8 -55.97 24.48 14.29
N ARG B 9 -55.17 25.47 13.91
CA ARG B 9 -55.66 26.68 13.27
C ARG B 9 -55.48 26.56 11.76
N VAL B 10 -56.59 26.58 11.05
CA VAL B 10 -56.58 26.36 9.62
C VAL B 10 -57.18 27.56 8.88
N VAL B 11 -56.50 27.99 7.83
CA VAL B 11 -57.04 29.04 6.94
C VAL B 11 -57.37 28.39 5.59
N VAL B 12 -58.63 28.51 5.19
CA VAL B 12 -59.08 28.05 3.91
C VAL B 12 -59.07 29.18 2.91
N TRP B 13 -58.15 29.13 1.95
CA TRP B 13 -57.98 30.17 0.92
C TRP B 13 -58.64 29.75 -0.37
N ASN B 14 -59.40 30.68 -0.95
CA ASN B 14 -60.15 30.42 -2.14
C ASN B 14 -60.15 31.64 -3.01
N GLU B 15 -59.95 31.39 -4.30
CA GLU B 15 -59.85 32.45 -5.29
C GLU B 15 -61.13 33.22 -5.23
N PHE B 16 -62.24 32.49 -5.09
CA PHE B 16 -63.59 33.14 -4.90
C PHE B 16 -63.93 34.07 -6.04
N ARG B 17 -63.73 33.60 -7.26
CA ARG B 17 -64.20 34.31 -8.45
C ARG B 17 -65.42 33.65 -9.10
N HIS B 18 -65.32 32.36 -9.34
CA HIS B 18 -66.43 31.63 -9.96
C HIS B 18 -67.73 31.80 -9.22
N GLU B 19 -67.68 31.79 -7.89
CA GLU B 19 -68.94 31.75 -7.15
C GLU B 19 -69.66 33.10 -7.20
N LYS B 20 -68.92 34.16 -7.56
CA LYS B 20 -69.50 35.52 -7.57
C LYS B 20 -70.29 35.78 -8.85
N LYS B 21 -69.90 35.09 -9.92
CA LYS B 21 -70.19 35.52 -11.30
C LYS B 21 -70.84 34.41 -12.14
N ASP B 22 -70.59 33.13 -11.82
CA ASP B 22 -71.09 32.01 -12.60
C ASP B 22 -72.35 31.46 -11.96
N GLU B 23 -73.49 31.60 -12.62
CA GLU B 23 -74.78 31.17 -12.03
C GLU B 23 -74.83 29.74 -11.50
N GLN B 24 -74.30 28.81 -12.28
CA GLN B 24 -74.37 27.39 -11.95
C GLN B 24 -73.49 27.09 -10.75
N VAL B 25 -72.38 27.81 -10.61
CA VAL B 25 -71.52 27.64 -9.42
C VAL B 25 -72.15 28.29 -8.18
N ARG B 26 -72.65 29.52 -8.32
CA ARG B 26 -73.25 30.22 -7.19
C ARG B 26 -74.41 29.39 -6.63
N ALA B 27 -75.07 28.63 -7.49
CA ALA B 27 -76.18 27.82 -7.07
C ALA B 27 -75.73 26.72 -6.11
N ILE B 28 -74.51 26.22 -6.30
CA ILE B 28 -73.94 25.16 -5.48
C ILE B 28 -73.23 25.70 -4.26
N TYR B 29 -72.51 26.79 -4.44
CA TYR B 29 -71.70 27.38 -3.42
C TYR B 29 -72.00 28.88 -3.30
N PRO B 30 -73.18 29.24 -2.80
CA PRO B 30 -73.62 30.65 -2.82
C PRO B 30 -72.76 31.57 -1.94
N GLU B 31 -72.05 31.02 -0.97
CA GLU B 31 -71.17 31.78 -0.09
C GLU B 31 -69.67 31.41 -0.30
N GLY B 32 -69.39 30.68 -1.38
CA GLY B 32 -68.08 30.27 -1.72
C GLY B 32 -67.73 28.88 -1.19
N MET B 33 -66.88 28.20 -1.91
CA MET B 33 -66.33 26.89 -1.48
C MET B 33 -65.60 26.99 -0.16
N HIS B 34 -64.98 28.13 0.09
CA HIS B 34 -64.23 28.28 1.33
C HIS B 34 -65.12 28.22 2.53
N THR B 35 -66.33 28.78 2.43
CA THR B 35 -67.25 28.83 3.53
C THR B 35 -67.71 27.43 3.92
N VAL B 36 -67.93 26.63 2.90
CA VAL B 36 -68.38 25.24 3.07
C VAL B 36 -67.31 24.36 3.78
N ILE B 37 -66.09 24.45 3.28
CA ILE B 37 -64.97 23.71 3.80
C ILE B 37 -64.73 24.22 5.23
N ALA B 38 -64.67 25.56 5.43
CA ALA B 38 -64.36 26.09 6.75
C ALA B 38 -65.44 25.77 7.74
N SER B 39 -66.70 25.71 7.31
CA SER B 39 -67.77 25.41 8.24
C SER B 39 -67.64 23.99 8.75
N TYR B 40 -67.36 23.07 7.84
CA TYR B 40 -67.18 21.66 8.17
C TYR B 40 -66.03 21.52 9.16
N LEU B 41 -64.92 22.17 8.88
CA LEU B 41 -63.74 22.09 9.73
C LEU B 41 -63.98 22.64 11.13
N ALA B 42 -64.67 23.78 11.21
CA ALA B 42 -65.05 24.33 12.50
C ALA B 42 -65.95 23.35 13.30
N GLU B 43 -66.91 22.74 12.64
CA GLU B 43 -67.83 21.82 13.31
C GLU B 43 -67.08 20.53 13.71
N ALA B 44 -65.94 20.27 13.08
CA ALA B 44 -65.03 19.17 13.45
C ALA B 44 -63.99 19.54 14.53
N GLY B 45 -64.05 20.74 15.08
CA GLY B 45 -63.14 21.14 16.17
C GLY B 45 -61.92 21.95 15.80
N PHE B 46 -61.75 22.28 14.53
CA PHE B 46 -60.62 23.07 14.12
C PHE B 46 -60.96 24.53 14.39
N ASP B 47 -59.92 25.34 14.54
CA ASP B 47 -60.11 26.78 14.59
C ASP B 47 -59.99 27.29 13.16
N ALA B 48 -61.10 27.46 12.45
CA ALA B 48 -61.06 27.62 11.00
C ALA B 48 -61.40 29.07 10.60
N ALA B 49 -60.70 29.59 9.63
CA ALA B 49 -60.95 30.92 9.10
C ALA B 49 -60.89 30.79 7.60
N THR B 50 -61.24 31.87 6.89
CA THR B 50 -61.05 31.90 5.46
C THR B 50 -60.30 33.13 5.00
N ALA B 51 -59.77 33.04 3.79
CA ALA B 51 -59.06 34.13 3.08
C ALA B 51 -59.40 34.02 1.61
N VAL B 52 -59.56 35.16 0.91
CA VAL B 52 -59.82 35.13 -0.51
C VAL B 52 -58.91 36.08 -1.27
N LEU B 53 -58.80 35.86 -2.57
CA LEU B 53 -57.89 36.60 -3.43
C LEU B 53 -58.09 38.09 -3.31
N ASP B 54 -59.34 38.51 -3.32
CA ASP B 54 -59.60 39.99 -3.38
C ASP B 54 -59.61 40.73 -2.03
N GLU B 55 -59.16 40.12 -0.95
CA GLU B 55 -58.88 40.78 0.34
C GLU B 55 -57.46 41.43 0.21
N PRO B 56 -57.15 42.41 1.07
CA PRO B 56 -55.76 42.91 1.12
C PRO B 56 -54.78 41.79 1.36
N GLU B 57 -53.68 41.76 0.60
CA GLU B 57 -52.67 40.70 0.68
C GLU B 57 -53.27 39.31 0.50
N HIS B 58 -54.35 39.29 -0.24
CA HIS B 58 -55.11 38.04 -0.50
C HIS B 58 -55.51 37.36 0.82
N GLY B 59 -55.58 38.16 1.87
CA GLY B 59 -55.98 37.68 3.19
C GLY B 59 -54.88 36.97 3.95
N LEU B 60 -53.69 36.99 3.37
CA LEU B 60 -52.55 36.22 3.88
C LEU B 60 -51.48 37.20 4.33
N THR B 61 -51.85 38.07 5.26
CA THR B 61 -50.87 39.00 5.88
C THR B 61 -49.93 38.14 6.70
N ASP B 62 -48.80 38.72 7.10
CA ASP B 62 -47.93 38.05 8.09
C ASP B 62 -48.65 37.64 9.36
N GLU B 63 -49.53 38.51 9.84
CA GLU B 63 -50.26 38.28 11.08
C GLU B 63 -51.14 37.02 10.95
N VAL B 64 -51.85 36.94 9.84
CA VAL B 64 -52.70 35.78 9.54
C VAL B 64 -51.85 34.51 9.43
N LEU B 65 -50.78 34.56 8.64
CA LEU B 65 -49.95 33.35 8.40
C LEU B 65 -49.22 32.89 9.62
N ASP B 66 -48.83 33.85 10.47
CA ASP B 66 -48.10 33.50 11.67
C ASP B 66 -48.97 32.74 12.66
N ARG B 67 -50.30 32.84 12.58
CA ARG B 67 -51.17 32.06 13.44
C ARG B 67 -51.90 30.97 12.65
N CYS B 68 -51.37 30.62 11.47
CA CYS B 68 -51.96 29.59 10.63
C CYS B 68 -51.12 28.38 10.73
N ASP B 69 -51.71 27.26 11.12
CA ASP B 69 -50.99 26.03 11.21
C ASP B 69 -51.02 25.25 9.92
N VAL B 70 -52.18 25.27 9.24
CA VAL B 70 -52.35 24.66 7.98
C VAL B 70 -53.16 25.57 7.08
N LEU B 71 -52.67 25.73 5.87
CA LEU B 71 -53.35 26.50 4.78
C LEU B 71 -53.91 25.55 3.73
N VAL B 72 -55.18 25.74 3.40
CA VAL B 72 -55.85 24.96 2.36
C VAL B 72 -56.02 25.93 1.18
N TRP B 73 -55.77 25.46 -0.04
CA TRP B 73 -55.72 26.31 -1.21
C TRP B 73 -56.54 25.78 -2.41
N TRP B 74 -57.49 26.57 -2.90
CA TRP B 74 -58.21 26.33 -4.11
C TRP B 74 -58.12 27.59 -5.01
N GLY B 75 -57.70 27.37 -6.24
CA GLY B 75 -57.64 28.40 -7.29
C GLY B 75 -57.87 27.80 -8.65
N HIS B 76 -58.12 28.66 -9.65
CA HIS B 76 -58.39 28.16 -11.00
C HIS B 76 -58.11 29.18 -12.12
N ILE B 77 -58.92 30.22 -12.18
CA ILE B 77 -58.87 31.13 -13.29
C ILE B 77 -58.05 32.39 -13.02
N ALA B 78 -57.47 32.51 -11.83
CA ALA B 78 -56.72 33.72 -11.45
C ALA B 78 -55.45 33.42 -10.75
N HIS B 79 -54.81 32.28 -11.09
CA HIS B 79 -53.54 31.92 -10.41
C HIS B 79 -52.51 33.03 -10.52
N ASP B 80 -52.50 33.66 -11.67
CA ASP B 80 -51.49 34.69 -12.01
C ASP B 80 -51.64 35.99 -11.19
N GLU B 81 -52.83 36.19 -10.60
CA GLU B 81 -53.10 37.40 -9.78
C GLU B 81 -52.65 37.32 -8.32
N VAL B 82 -52.19 36.15 -7.87
CA VAL B 82 -51.65 36.07 -6.55
C VAL B 82 -50.25 36.68 -6.62
N LYS B 83 -50.01 37.72 -5.84
CA LYS B 83 -48.76 38.44 -5.97
C LYS B 83 -47.57 37.60 -5.54
N ASP B 84 -46.46 37.77 -6.24
CA ASP B 84 -45.27 37.06 -5.88
C ASP B 84 -44.85 37.24 -4.44
N GLU B 85 -44.99 38.45 -3.88
CA GLU B 85 -44.62 38.71 -2.47
C GLU B 85 -45.34 37.78 -1.48
N VAL B 86 -46.63 37.53 -1.73
CA VAL B 86 -47.43 36.66 -0.91
C VAL B 86 -47.08 35.16 -1.14
N VAL B 87 -46.85 34.78 -2.39
CA VAL B 87 -46.37 33.42 -2.73
C VAL B 87 -45.09 33.14 -1.96
N GLU B 88 -44.16 34.10 -1.98
CA GLU B 88 -42.92 33.92 -1.24
C GLU B 88 -43.13 33.78 0.25
N ARG B 89 -44.01 34.58 0.79
CA ARG B 89 -44.37 34.55 2.21
C ARG B 89 -44.95 33.20 2.64
N VAL B 90 -45.89 32.72 1.85
CA VAL B 90 -46.42 31.37 2.06
C VAL B 90 -45.36 30.29 1.94
N HIS B 91 -44.55 30.35 0.89
CA HIS B 91 -43.43 29.40 0.65
C HIS B 91 -42.56 29.34 1.91
N ARG B 92 -42.13 30.50 2.40
CA ARG B 92 -41.33 30.55 3.63
C ARG B 92 -41.99 29.87 4.83
N ARG B 93 -43.29 30.09 5.00
CA ARG B 93 -44.04 29.52 6.10
C ARG B 93 -44.11 27.98 5.96
N VAL B 94 -44.32 27.48 4.75
CA VAL B 94 -44.37 26.00 4.54
C VAL B 94 -43.04 25.43 4.88
N LEU B 95 -41.97 26.04 4.38
CA LEU B 95 -40.63 25.49 4.73
C LEU B 95 -40.32 25.49 6.23
N GLU B 96 -40.85 26.46 6.98
CA GLU B 96 -40.75 26.56 8.43
C GLU B 96 -41.62 25.60 9.16
N GLY B 97 -42.57 24.98 8.48
CA GLY B 97 -43.39 23.94 9.10
C GLY B 97 -44.91 24.09 8.89
N MET B 98 -45.39 25.20 8.31
CA MET B 98 -46.82 25.28 8.03
C MET B 98 -47.27 24.20 7.04
N GLY B 99 -48.40 23.57 7.31
CA GLY B 99 -48.91 22.59 6.43
C GLY B 99 -49.63 23.24 5.30
N LEU B 100 -49.75 22.51 4.18
CA LEU B 100 -50.46 23.03 2.98
C LEU B 100 -51.30 21.94 2.37
N ILE B 101 -52.58 22.18 2.19
CA ILE B 101 -53.47 21.25 1.50
C ILE B 101 -53.87 21.96 0.20
N VAL B 102 -53.46 21.41 -0.94
CA VAL B 102 -53.76 21.96 -2.24
C VAL B 102 -54.85 21.15 -2.89
N LEU B 103 -55.88 21.85 -3.35
CA LEU B 103 -57.09 21.19 -3.87
C LEU B 103 -57.31 21.41 -5.37
N HIS B 104 -57.67 20.32 -6.09
CA HIS B 104 -58.14 20.35 -7.46
C HIS B 104 -57.26 21.28 -8.36
N SER B 105 -57.83 22.40 -8.84
CA SER B 105 -57.20 23.25 -9.84
C SER B 105 -56.03 24.05 -9.17
N GLY B 106 -55.93 23.98 -7.85
CA GLY B 106 -54.73 24.44 -7.10
C GLY B 106 -53.45 23.77 -7.55
N HIS B 107 -53.51 22.69 -8.36
CA HIS B 107 -52.27 22.11 -8.95
C HIS B 107 -51.55 23.10 -9.83
N PHE B 108 -52.25 24.13 -10.35
CA PHE B 108 -51.61 25.15 -11.16
C PHE B 108 -51.36 26.45 -10.40
N SER B 109 -51.55 26.46 -9.09
CA SER B 109 -51.24 27.62 -8.27
C SER B 109 -49.79 27.95 -8.33
N LYS B 110 -49.47 29.24 -8.22
CA LYS B 110 -48.06 29.56 -8.10
C LYS B 110 -47.38 28.86 -6.96
N ILE B 111 -48.06 28.76 -5.80
CA ILE B 111 -47.42 28.15 -4.63
C ILE B 111 -47.13 26.69 -4.85
N PHE B 112 -48.10 25.94 -5.35
CA PHE B 112 -47.83 24.51 -5.60
C PHE B 112 -46.73 24.26 -6.67
N LYS B 113 -46.74 25.00 -7.77
CA LYS B 113 -45.75 24.90 -8.84
C LYS B 113 -44.37 25.24 -8.29
N LYS B 114 -44.33 26.25 -7.45
CA LYS B 114 -43.03 26.65 -6.81
C LYS B 114 -42.46 25.53 -5.97
N LEU B 115 -43.31 24.97 -5.10
CA LEU B 115 -42.87 23.80 -4.22
C LEU B 115 -42.51 22.58 -4.98
N MET B 116 -43.21 22.32 -6.08
CA MET B 116 -43.01 21.07 -6.85
C MET B 116 -41.74 21.19 -7.74
N GLY B 117 -41.47 22.41 -8.27
CA GLY B 117 -40.40 22.56 -9.25
C GLY B 117 -40.64 21.97 -10.64
N THR B 118 -41.91 21.61 -10.95
CA THR B 118 -42.28 21.09 -12.26
C THR B 118 -43.46 21.92 -12.77
N THR B 119 -43.97 21.63 -13.96
CA THR B 119 -45.10 22.45 -14.51
C THR B 119 -46.43 22.18 -13.83
N CYS B 120 -46.58 20.98 -13.26
CA CYS B 120 -47.80 20.53 -12.65
C CYS B 120 -48.91 20.39 -13.68
N ASN B 121 -48.55 20.22 -14.97
CA ASN B 121 -49.55 20.11 -16.03
C ASN B 121 -50.10 18.70 -16.03
N LEU B 122 -51.15 18.50 -16.81
CA LEU B 122 -51.84 17.21 -16.76
C LEU B 122 -52.78 17.19 -17.98
N LYS B 123 -53.36 16.04 -18.27
CA LYS B 123 -54.51 15.94 -19.15
C LYS B 123 -55.80 16.24 -18.44
N TRP B 124 -56.82 16.73 -19.16
CA TRP B 124 -58.06 17.03 -18.49
C TRP B 124 -59.26 17.06 -19.46
N ARG B 125 -60.44 16.96 -18.88
CA ARG B 125 -61.70 16.98 -19.64
C ARG B 125 -62.86 17.30 -18.73
N GLU B 126 -63.75 18.20 -19.14
CA GLU B 126 -64.92 18.53 -18.34
C GLU B 126 -66.07 17.87 -19.07
N ALA B 127 -66.46 16.68 -18.60
CA ALA B 127 -67.51 15.87 -19.22
C ALA B 127 -68.52 15.24 -18.27
N ASP B 128 -68.62 15.77 -17.03
CA ASP B 128 -69.60 15.32 -16.04
C ASP B 128 -69.45 13.83 -15.85
N GLU B 129 -68.23 13.35 -15.76
CA GLU B 129 -68.01 11.88 -15.70
C GLU B 129 -67.69 11.34 -14.31
N LYS B 130 -67.75 10.00 -14.16
CA LYS B 130 -67.64 9.40 -12.89
C LYS B 130 -66.18 9.27 -12.51
N GLU B 131 -65.88 9.51 -11.25
CA GLU B 131 -64.52 9.29 -10.65
C GLU B 131 -64.63 8.36 -9.47
N ARG B 132 -63.70 7.42 -9.32
CA ARG B 132 -63.63 6.62 -8.16
C ARG B 132 -62.16 6.75 -7.67
N LEU B 133 -62.03 7.26 -6.48
CA LEU B 133 -60.71 7.53 -5.83
C LEU B 133 -60.44 6.34 -4.97
N TRP B 134 -59.57 5.47 -5.45
CA TRP B 134 -59.22 4.26 -4.72
C TRP B 134 -58.13 4.52 -3.69
N VAL B 135 -58.31 3.99 -2.48
CA VAL B 135 -57.24 4.10 -1.45
C VAL B 135 -56.13 3.09 -1.79
N VAL B 136 -54.89 3.60 -1.82
CA VAL B 136 -53.73 2.76 -1.99
C VAL B 136 -52.72 2.89 -0.81
N ALA B 137 -53.09 3.63 0.25
CA ALA B 137 -52.30 3.72 1.51
C ALA B 137 -53.24 3.51 2.70
N PRO B 138 -53.73 2.26 2.85
CA PRO B 138 -54.87 2.05 3.69
C PRO B 138 -54.65 2.29 5.17
N GLY B 139 -53.41 2.36 5.63
CA GLY B 139 -53.23 2.71 7.03
C GLY B 139 -52.86 4.16 7.27
N HIS B 140 -52.91 4.97 6.22
CA HIS B 140 -52.45 6.35 6.36
C HIS B 140 -53.53 7.14 7.09
N PRO B 141 -53.13 8.04 8.01
CA PRO B 141 -54.10 8.83 8.76
C PRO B 141 -55.06 9.64 7.85
N ILE B 142 -54.65 9.94 6.62
CA ILE B 142 -55.48 10.77 5.76
C ILE B 142 -56.74 9.98 5.39
N VAL B 143 -56.66 8.65 5.36
CA VAL B 143 -57.83 7.85 4.93
C VAL B 143 -58.66 7.24 6.06
N GLU B 144 -58.44 7.73 7.27
CA GLU B 144 -59.24 7.31 8.43
C GLU B 144 -60.73 7.50 8.19
N GLY B 145 -61.53 6.43 8.32
CA GLY B 145 -62.93 6.61 8.13
C GLY B 145 -63.49 6.57 6.71
N ILE B 146 -62.66 6.28 5.71
CA ILE B 146 -63.03 6.50 4.31
C ILE B 146 -63.61 5.36 3.45
N GLY B 147 -63.28 4.15 3.83
CA GLY B 147 -63.70 2.96 3.03
C GLY B 147 -62.64 2.72 2.01
N PRO B 148 -62.84 1.74 1.13
CA PRO B 148 -61.84 1.39 0.11
C PRO B 148 -61.72 2.44 -1.02
N TYR B 149 -62.78 3.22 -1.20
CA TYR B 149 -62.79 4.29 -2.21
C TYR B 149 -63.81 5.37 -1.90
N ILE B 150 -63.65 6.49 -2.59
CA ILE B 150 -64.66 7.54 -2.62
C ILE B 150 -65.19 7.60 -4.04
N GLU B 151 -66.52 7.65 -4.28
CA GLU B 151 -67.04 7.69 -5.59
C GLU B 151 -67.70 9.06 -5.76
N LEU B 152 -67.39 9.71 -6.85
CA LEU B 152 -68.02 10.99 -7.22
C LEU B 152 -68.77 10.80 -8.54
N GLU B 153 -70.07 11.08 -8.56
CA GLU B 153 -70.86 10.74 -9.72
C GLU B 153 -70.51 11.57 -10.96
N GLN B 154 -70.06 12.82 -10.74
CA GLN B 154 -69.67 13.69 -11.83
C GLN B 154 -68.48 14.46 -11.32
N GLU B 155 -67.43 14.54 -12.09
CA GLU B 155 -66.27 15.44 -11.80
C GLU B 155 -65.57 15.76 -13.09
N GLU B 156 -64.63 16.67 -13.02
CA GLU B 156 -63.77 16.95 -14.14
C GLU B 156 -62.64 15.97 -14.09
N MET B 157 -62.34 15.30 -15.18
CA MET B 157 -61.20 14.31 -15.25
C MET B 157 -59.88 15.11 -15.27
N TYR B 158 -58.92 14.69 -14.44
CA TYR B 158 -57.55 14.95 -14.67
C TYR B 158 -56.89 13.58 -14.91
N GLY B 159 -55.81 13.57 -15.69
CA GLY B 159 -55.23 12.30 -16.18
C GLY B 159 -53.74 12.37 -16.22
N GLU B 160 -53.14 11.21 -15.98
CA GLU B 160 -51.71 11.10 -16.12
C GLU B 160 -51.30 11.29 -17.54
N PHE B 161 -50.09 11.78 -17.82
CA PHE B 161 -49.02 12.06 -16.85
C PHE B 161 -49.22 13.44 -16.20
N PHE B 162 -49.24 13.44 -14.88
CA PHE B 162 -49.29 14.60 -14.00
C PHE B 162 -47.84 14.97 -13.73
N ASP B 163 -47.47 16.14 -14.17
CA ASP B 163 -46.07 16.53 -14.08
C ASP B 163 -45.73 17.03 -12.71
N ILE B 164 -45.55 16.10 -11.77
CA ILE B 164 -45.20 16.39 -10.38
C ILE B 164 -43.99 15.51 -10.06
N PRO B 165 -43.16 15.95 -9.10
CA PRO B 165 -42.21 15.04 -8.55
C PRO B 165 -42.95 13.83 -7.95
N GLU B 166 -42.31 12.67 -7.98
CA GLU B 166 -42.89 11.47 -7.38
C GLU B 166 -43.26 11.80 -5.93
N PRO B 167 -44.50 11.54 -5.53
CA PRO B 167 -44.91 11.82 -4.14
C PRO B 167 -44.12 11.05 -3.11
N ASP B 168 -43.97 11.63 -1.92
CA ASP B 168 -43.56 10.91 -0.72
C ASP B 168 -44.44 9.68 -0.55
N GLU B 169 -45.72 9.86 -0.66
CA GLU B 169 -46.68 8.79 -0.60
C GLU B 169 -47.84 9.09 -1.51
N THR B 170 -48.32 8.06 -2.20
CA THR B 170 -49.56 8.13 -2.95
C THR B 170 -50.65 7.48 -2.11
N ILE B 171 -51.72 8.24 -1.86
CA ILE B 171 -52.74 7.85 -0.97
C ILE B 171 -53.95 7.35 -1.79
N PHE B 172 -54.31 8.08 -2.85
CA PHE B 172 -55.46 7.80 -3.73
C PHE B 172 -54.97 7.74 -5.15
N ILE B 173 -55.56 6.85 -5.89
CA ILE B 173 -55.43 6.80 -7.35
C ILE B 173 -56.84 6.75 -7.90
N SER B 174 -57.17 7.70 -8.76
CA SER B 174 -58.51 7.76 -9.37
C SER B 174 -58.62 6.97 -10.62
N TRP B 175 -59.81 6.38 -10.81
CA TRP B 175 -60.28 5.79 -12.03
C TRP B 175 -61.36 6.77 -12.58
N PHE B 176 -61.30 7.08 -13.84
CA PHE B 176 -62.32 7.91 -14.53
C PHE B 176 -63.03 7.07 -15.55
N GLU B 177 -64.31 7.38 -15.71
CA GLU B 177 -65.17 6.70 -16.64
C GLU B 177 -64.55 6.67 -18.05
N GLY B 178 -64.00 7.79 -18.50
CA GLY B 178 -63.43 7.90 -19.84
C GLY B 178 -62.12 7.23 -20.17
N GLY B 179 -61.51 6.56 -19.21
CA GLY B 179 -60.38 5.71 -19.51
C GLY B 179 -59.08 6.08 -18.87
N GLU B 180 -59.06 7.23 -18.18
CA GLU B 180 -57.79 7.72 -17.57
C GLU B 180 -57.65 7.33 -16.10
N VAL B 181 -56.44 7.54 -15.52
CA VAL B 181 -56.23 7.39 -14.12
C VAL B 181 -55.42 8.58 -13.64
N PHE B 182 -55.42 8.77 -12.35
CA PHE B 182 -54.67 9.94 -11.77
C PHE B 182 -54.22 9.67 -10.39
N ARG B 183 -53.00 10.12 -10.09
CA ARG B 183 -52.58 10.09 -8.71
C ARG B 183 -53.21 11.27 -7.95
N SER B 184 -54.38 11.02 -7.33
CA SER B 184 -55.29 12.02 -6.83
C SER B 184 -55.15 12.41 -5.37
N GLY B 185 -54.30 11.71 -4.59
CA GLY B 185 -53.95 12.10 -3.27
C GLY B 185 -52.49 11.83 -3.10
N CYS B 186 -51.69 12.87 -2.86
CA CYS B 186 -50.24 12.71 -2.88
C CYS B 186 -49.72 13.54 -1.72
N THR B 187 -48.78 12.99 -0.95
CA THR B 187 -48.15 13.79 0.09
C THR B 187 -46.74 14.15 -0.33
N PHE B 188 -46.25 15.28 0.18
CA PHE B 188 -44.88 15.75 -0.01
C PHE B 188 -44.42 16.44 1.23
N THR B 189 -43.09 16.49 1.42
CA THR B 189 -42.57 17.25 2.52
C THR B 189 -41.56 18.25 1.92
N ARG B 190 -41.67 19.49 2.37
CA ARG B 190 -40.79 20.55 1.88
C ARG B 190 -40.36 21.31 3.11
N GLY B 191 -39.07 21.24 3.42
CA GLY B 191 -38.58 21.84 4.66
C GLY B 191 -39.19 21.05 5.77
N LYS B 192 -39.76 21.75 6.73
CA LYS B 192 -40.49 21.15 7.79
C LYS B 192 -41.97 20.95 7.43
N GLY B 193 -42.41 21.54 6.33
CA GLY B 193 -43.86 21.53 6.00
C GLY B 193 -44.27 20.26 5.32
N LYS B 194 -45.49 19.83 5.62
CA LYS B 194 -46.15 18.74 5.03
C LYS B 194 -47.26 19.25 4.06
N ILE B 195 -47.29 18.68 2.86
CA ILE B 195 -48.20 19.14 1.81
C ILE B 195 -49.03 17.94 1.37
N PHE B 196 -50.30 18.13 1.15
CA PHE B 196 -51.17 17.09 0.61
C PHE B 196 -51.90 17.67 -0.57
N TYR B 197 -51.71 17.06 -1.76
CA TYR B 197 -52.44 17.40 -2.96
C TYR B 197 -53.67 16.49 -2.99
N PHE B 198 -54.85 17.07 -3.13
CA PHE B 198 -56.10 16.25 -3.21
C PHE B 198 -56.96 16.73 -4.36
N ARG B 199 -57.20 15.81 -5.29
CA ARG B 199 -57.64 16.20 -6.63
C ARG B 199 -59.09 16.71 -6.73
N PRO B 200 -60.05 16.11 -6.04
CA PRO B 200 -61.42 16.53 -6.30
C PRO B 200 -61.77 17.95 -5.93
N GLY B 201 -62.74 18.51 -6.68
CA GLY B 201 -63.34 19.77 -6.31
C GLY B 201 -63.65 20.74 -7.42
N HIS B 202 -64.04 20.26 -8.58
CA HIS B 202 -64.46 21.20 -9.65
C HIS B 202 -65.65 22.07 -9.26
N GLU B 203 -65.61 23.36 -9.65
CA GLU B 203 -66.49 24.36 -9.12
C GLU B 203 -67.97 24.12 -9.50
N THR B 204 -68.19 23.36 -10.56
CA THR B 204 -69.56 23.16 -11.08
C THR B 204 -70.24 21.92 -10.53
N TYR B 205 -69.58 21.20 -9.62
CA TYR B 205 -70.15 20.02 -8.97
C TYR B 205 -70.07 20.21 -7.44
N PRO B 206 -70.98 19.59 -6.70
CA PRO B 206 -71.09 19.77 -5.25
C PRO B 206 -70.12 18.84 -4.53
N THR B 207 -68.90 18.82 -5.02
CA THR B 207 -67.90 17.85 -4.50
C THR B 207 -67.60 18.15 -3.03
N TYR B 208 -67.52 19.44 -2.67
CA TYR B 208 -67.27 19.84 -1.29
C TYR B 208 -68.45 19.80 -0.35
N HIS B 209 -69.58 19.26 -0.80
CA HIS B 209 -70.60 18.83 0.09
C HIS B 209 -70.61 17.32 0.39
N HIS B 210 -69.71 16.56 -0.27
CA HIS B 210 -69.62 15.09 -0.09
C HIS B 210 -68.84 14.85 1.22
N PRO B 211 -69.47 14.17 2.18
CA PRO B 211 -68.93 13.97 3.51
C PRO B 211 -67.58 13.28 3.48
N ASP B 212 -67.34 12.36 2.54
CA ASP B 212 -66.01 11.65 2.51
C ASP B 212 -64.91 12.58 2.06
N VAL B 213 -65.24 13.44 1.11
CA VAL B 213 -64.29 14.49 0.63
C VAL B 213 -63.91 15.39 1.80
N LEU B 214 -64.90 15.91 2.53
CA LEU B 214 -64.65 16.84 3.66
C LEU B 214 -63.84 16.11 4.77
N LYS B 215 -64.21 14.86 5.03
CA LYS B 215 -63.43 14.07 5.99
C LYS B 215 -61.99 13.91 5.61
N VAL B 216 -61.68 13.65 4.33
CA VAL B 216 -60.25 13.55 3.89
C VAL B 216 -59.56 14.86 4.15
N ILE B 217 -60.26 15.94 3.89
CA ILE B 217 -59.63 17.24 4.13
C ILE B 217 -59.33 17.46 5.63
N ALA B 218 -60.25 17.09 6.48
CA ALA B 218 -60.11 17.24 7.91
C ALA B 218 -58.96 16.35 8.37
N ASN B 219 -59.01 15.09 7.96
CA ASN B 219 -57.89 14.17 8.26
C ASN B 219 -56.53 14.70 7.82
N ALA B 220 -56.49 15.31 6.64
CA ALA B 220 -55.28 15.88 6.09
C ALA B 220 -54.80 17.09 6.86
N VAL B 221 -55.73 17.96 7.26
CA VAL B 221 -55.37 19.10 8.14
C VAL B 221 -54.67 18.62 9.42
N ARG B 222 -55.18 17.57 10.03
CA ARG B 222 -54.59 17.02 11.23
C ARG B 222 -53.23 16.46 10.94
N TRP B 223 -53.09 15.73 9.83
CA TRP B 223 -51.81 15.06 9.44
C TRP B 223 -50.72 16.12 9.12
N ALA B 224 -51.16 17.22 8.52
CA ALA B 224 -50.29 18.30 8.09
C ALA B 224 -49.90 19.30 9.19
N ALA B 225 -50.43 19.16 10.41
CA ALA B 225 -50.19 20.19 11.43
C ALA B 225 -48.70 20.23 11.74
N PRO B 226 -48.18 21.41 12.00
CA PRO B 226 -46.76 21.56 12.28
C PRO B 226 -46.26 20.81 13.50
N VAL B 227 -45.00 20.38 13.52
CA VAL B 227 -44.49 19.76 14.78
C VAL B 227 -43.45 20.62 15.53
N ASN B 228 -42.43 21.07 14.80
CA ASN B 228 -41.24 21.82 15.36
C ASN B 228 -41.17 23.15 14.61
N ARG B 229 -42.30 23.81 14.45
CA ARG B 229 -42.28 24.97 13.55
C ARG B 229 -41.19 26.02 13.95
N GLY B 230 -40.43 26.48 12.93
CA GLY B 230 -39.56 27.67 13.04
C GLY B 230 -38.03 27.58 13.03
N GLU B 231 -37.44 26.53 13.65
CA GLU B 231 -36.08 26.58 14.31
C GLU B 231 -34.72 26.19 13.61
N ILE B 232 -34.63 25.98 12.27
CA ILE B 232 -33.39 25.39 11.64
C ILE B 232 -32.25 26.38 11.36
N VAL B 233 -31.09 26.03 11.85
CA VAL B 233 -29.88 26.78 11.63
C VAL B 233 -29.20 26.27 10.38
N PHE B 234 -28.89 27.22 9.50
CA PHE B 234 -28.07 26.96 8.36
C PHE B 234 -26.81 27.79 8.45
N GLY B 235 -25.97 27.73 7.45
CA GLY B 235 -24.84 28.65 7.35
C GLY B 235 -23.54 28.13 7.87
N ASN B 236 -22.60 29.05 8.02
CA ASN B 236 -21.25 28.67 8.38
C ASN B 236 -21.20 28.22 9.82
N VAL B 237 -20.63 27.04 10.11
CA VAL B 237 -20.63 26.48 11.46
C VAL B 237 -19.23 25.95 11.82
N LYS B 238 -18.88 26.08 13.09
CA LYS B 238 -17.62 25.67 13.66
C LYS B 238 -17.77 24.13 13.92
N PRO B 239 -16.65 23.44 13.99
CA PRO B 239 -16.66 22.00 14.18
C PRO B 239 -17.15 21.58 15.54
N LEU B 240 -17.77 20.35 15.59
CA LEU B 240 -18.21 19.76 16.85
C LEU B 240 -17.14 18.83 17.40
N GLU B 241 -16.20 18.44 16.56
CA GLU B 241 -15.08 17.58 16.93
C GLU B 241 -13.73 18.20 16.52
N PRO B 242 -12.67 17.86 17.19
CA PRO B 242 -11.34 18.36 16.78
C PRO B 242 -10.97 17.91 15.37
N ILE B 243 -10.65 18.86 14.50
CA ILE B 243 -10.08 18.56 13.20
C ILE B 243 -8.56 18.52 13.27
N LYS B 244 -7.94 17.44 12.79
CA LYS B 244 -6.48 17.28 12.88
C LYS B 244 -5.81 18.01 11.74
N ALA B 245 -4.80 18.82 12.04
CA ALA B 245 -3.98 19.40 10.97
C ALA B 245 -3.32 18.27 10.17
N THR C 6 -24.23 8.63 -31.55
CA THR C 6 -24.25 7.51 -30.56
C THR C 6 -23.64 7.89 -29.20
N PRO C 7 -22.49 8.58 -29.14
CA PRO C 7 -21.97 8.97 -27.81
C PRO C 7 -22.90 9.98 -27.13
N ILE C 8 -22.98 9.91 -25.82
CA ILE C 8 -23.78 10.83 -25.05
C ILE C 8 -23.07 12.18 -25.08
N ARG C 9 -23.85 13.22 -25.31
CA ARG C 9 -23.34 14.59 -25.42
C ARG C 9 -23.51 15.35 -24.10
N VAL C 10 -22.41 15.88 -23.55
CA VAL C 10 -22.44 16.38 -22.21
C VAL C 10 -21.88 17.78 -22.31
N VAL C 11 -22.52 18.71 -21.64
CA VAL C 11 -21.95 20.08 -21.49
C VAL C 11 -21.63 20.33 -20.04
N VAL C 12 -20.39 20.73 -19.76
CA VAL C 12 -19.93 20.92 -18.42
C VAL C 12 -19.91 22.43 -18.20
N TRP C 13 -20.83 22.92 -17.40
CA TRP C 13 -21.00 24.39 -17.12
C TRP C 13 -20.33 24.77 -15.83
N ASN C 14 -19.46 25.78 -15.87
CA ASN C 14 -18.75 26.20 -14.73
C ASN C 14 -18.79 27.73 -14.68
N GLU C 15 -19.02 28.28 -13.51
CA GLU C 15 -19.13 29.76 -13.36
C GLU C 15 -17.83 30.38 -13.84
N PHE C 16 -16.72 29.78 -13.45
CA PHE C 16 -15.36 30.23 -13.87
C PHE C 16 -15.01 31.67 -13.51
N ARG C 17 -15.31 32.02 -12.27
CA ARG C 17 -14.87 33.26 -11.65
C ARG C 17 -13.71 32.98 -10.68
N HIS C 18 -13.84 31.99 -9.80
CA HIS C 18 -12.74 31.74 -8.81
C HIS C 18 -11.37 31.53 -9.42
N GLU C 19 -11.36 30.73 -10.48
CA GLU C 19 -10.09 30.28 -11.05
C GLU C 19 -9.33 31.43 -11.70
N LYS C 20 -10.01 32.54 -11.97
CA LYS C 20 -9.36 33.75 -12.43
C LYS C 20 -8.95 34.71 -11.31
N LYS C 21 -9.68 34.72 -10.20
CA LYS C 21 -9.42 35.69 -9.13
C LYS C 21 -8.59 35.14 -7.95
N ASP C 22 -8.49 33.83 -7.79
CA ASP C 22 -7.68 33.26 -6.70
C ASP C 22 -6.47 32.45 -7.21
N GLU C 23 -5.24 32.91 -6.96
CA GLU C 23 -4.07 32.19 -7.45
C GLU C 23 -3.96 30.76 -6.91
N GLN C 24 -4.45 30.56 -5.71
CA GLN C 24 -4.38 29.22 -5.08
C GLN C 24 -5.32 28.26 -5.81
N VAL C 25 -6.42 28.80 -6.30
CA VAL C 25 -7.37 28.01 -7.12
C VAL C 25 -6.79 27.75 -8.52
N ARG C 26 -6.25 28.80 -9.15
CA ARG C 26 -5.68 28.72 -10.48
C ARG C 26 -4.59 27.69 -10.53
N ALA C 27 -3.81 27.56 -9.47
CA ALA C 27 -2.73 26.59 -9.48
C ALA C 27 -3.23 25.18 -9.57
N ILE C 28 -4.40 24.91 -8.99
CA ILE C 28 -5.00 23.55 -9.01
C ILE C 28 -5.72 23.30 -10.31
N TYR C 29 -6.41 24.32 -10.80
CA TYR C 29 -7.21 24.24 -11.99
C TYR C 29 -6.85 25.35 -13.00
N PRO C 30 -5.67 25.27 -13.63
CA PRO C 30 -5.14 26.39 -14.41
C PRO C 30 -5.98 26.72 -15.63
N GLU C 31 -6.78 25.77 -16.10
CA GLU C 31 -7.73 26.00 -17.18
C GLU C 31 -9.20 25.83 -16.71
N GLY C 32 -9.41 25.86 -15.39
CA GLY C 32 -10.71 25.83 -14.77
C GLY C 32 -11.16 24.39 -14.54
N MET C 33 -12.10 24.20 -13.64
CA MET C 33 -12.62 22.86 -13.32
C MET C 33 -13.33 22.20 -14.49
N HIS C 34 -13.98 23.00 -15.32
CA HIS C 34 -14.73 22.47 -16.48
C HIS C 34 -13.83 21.70 -17.42
N THR C 35 -12.59 22.18 -17.58
CA THR C 35 -11.68 21.59 -18.49
C THR C 35 -11.25 20.21 -17.99
N VAL C 36 -10.98 20.11 -16.69
CA VAL C 36 -10.57 18.84 -16.07
C VAL C 36 -11.68 17.76 -16.19
N ILE C 37 -12.91 18.18 -15.86
CA ILE C 37 -14.06 17.29 -15.90
C ILE C 37 -14.35 16.89 -17.34
N ALA C 38 -14.42 17.86 -18.26
CA ALA C 38 -14.71 17.57 -19.64
C ALA C 38 -13.64 16.72 -20.32
N SER C 39 -12.36 16.96 -19.99
CA SER C 39 -11.29 16.13 -20.51
C SER C 39 -11.47 14.68 -20.11
N TYR C 40 -11.78 14.43 -18.85
CA TYR C 40 -11.96 13.05 -18.38
C TYR C 40 -13.15 12.45 -19.09
N LEU C 41 -14.22 13.22 -19.24
CA LEU C 41 -15.41 12.66 -19.89
C LEU C 41 -15.16 12.31 -21.40
N ALA C 42 -14.39 13.15 -22.06
CA ALA C 42 -13.94 12.89 -23.43
C ALA C 42 -13.17 11.58 -23.55
N GLU C 43 -12.23 11.39 -22.66
CA GLU C 43 -11.43 10.16 -22.65
C GLU C 43 -12.26 8.93 -22.30
N ALA C 44 -13.34 9.12 -21.56
CA ALA C 44 -14.28 8.07 -21.21
C ALA C 44 -15.20 7.74 -22.36
N GLY C 45 -15.20 8.55 -23.42
CA GLY C 45 -15.95 8.25 -24.63
C GLY C 45 -17.15 9.13 -24.86
N PHE C 46 -17.30 10.18 -24.04
CA PHE C 46 -18.45 11.08 -24.13
C PHE C 46 -18.08 12.21 -25.12
N ASP C 47 -19.09 12.74 -25.81
CA ASP C 47 -18.93 13.93 -26.61
C ASP C 47 -19.08 15.12 -25.64
N ALA C 48 -17.96 15.72 -25.21
CA ALA C 48 -18.01 16.66 -24.08
C ALA C 48 -17.63 18.08 -24.51
N ALA C 49 -18.36 19.08 -24.03
CA ALA C 49 -18.06 20.51 -24.30
C ALA C 49 -18.10 21.25 -22.98
N THR C 50 -17.64 22.52 -22.98
CA THR C 50 -17.73 23.30 -21.77
C THR C 50 -18.45 24.61 -22.05
N ALA C 51 -18.98 25.19 -21.03
CA ALA C 51 -19.63 26.53 -21.12
C ALA C 51 -19.43 27.25 -19.84
N VAL C 52 -19.39 28.60 -19.86
CA VAL C 52 -19.20 29.30 -18.63
C VAL C 52 -20.12 30.52 -18.56
N LEU C 53 -20.25 31.07 -17.37
CA LEU C 53 -21.12 32.19 -17.11
C LEU C 53 -20.92 33.36 -18.09
N ASP C 54 -19.67 33.72 -18.42
CA ASP C 54 -19.46 34.94 -19.17
C ASP C 54 -19.63 34.83 -20.69
N GLU C 55 -19.89 33.59 -21.18
CA GLU C 55 -20.23 33.42 -22.58
C GLU C 55 -21.65 34.00 -22.75
N PRO C 56 -22.04 34.32 -23.97
CA PRO C 56 -23.37 34.90 -24.25
C PRO C 56 -24.39 33.84 -23.95
N GLU C 57 -25.51 34.21 -23.33
CA GLU C 57 -26.49 33.25 -22.79
C GLU C 57 -25.85 32.26 -21.83
N HIS C 58 -24.73 32.63 -21.21
CA HIS C 58 -24.00 31.70 -20.34
C HIS C 58 -23.60 30.40 -21.06
N GLY C 59 -23.45 30.44 -22.38
CA GLY C 59 -23.08 29.27 -23.15
C GLY C 59 -24.22 28.31 -23.45
N LEU C 60 -25.40 28.69 -23.03
CA LEU C 60 -26.58 27.78 -23.07
C LEU C 60 -27.71 28.38 -23.89
N THR C 61 -27.39 28.57 -25.16
CA THR C 61 -28.39 28.90 -26.15
C THR C 61 -29.29 27.70 -26.41
N ASP C 62 -30.41 27.94 -27.07
CA ASP C 62 -31.29 26.81 -27.44
C ASP C 62 -30.57 25.78 -28.30
N GLU C 63 -29.73 26.30 -29.18
CA GLU C 63 -28.95 25.48 -30.09
C GLU C 63 -28.06 24.51 -29.30
N VAL C 64 -27.31 25.03 -28.33
CA VAL C 64 -26.49 24.18 -27.47
C VAL C 64 -27.32 23.24 -26.61
N LEU C 65 -28.41 23.74 -26.02
CA LEU C 65 -29.21 22.88 -25.15
C LEU C 65 -29.94 21.78 -25.92
N ASP C 66 -30.33 22.07 -27.15
CA ASP C 66 -31.09 21.07 -27.92
C ASP C 66 -30.20 19.91 -28.30
N ARG C 67 -28.88 20.11 -28.35
CA ARG C 67 -27.94 19.01 -28.58
C ARG C 67 -27.23 18.52 -27.30
N CYS C 68 -27.72 18.90 -26.14
CA CYS C 68 -27.11 18.52 -24.88
C CYS C 68 -27.99 17.42 -24.28
N ASP C 69 -27.41 16.25 -24.05
CA ASP C 69 -28.07 15.16 -23.39
C ASP C 69 -28.03 15.30 -21.87
N VAL C 70 -26.87 15.72 -21.32
CA VAL C 70 -26.72 15.85 -19.93
C VAL C 70 -25.88 17.15 -19.70
N LEU C 71 -26.37 17.98 -18.82
CA LEU C 71 -25.68 19.22 -18.40
C LEU C 71 -25.09 18.98 -17.01
N VAL C 72 -23.82 19.37 -16.79
CA VAL C 72 -23.20 19.30 -15.49
C VAL C 72 -23.03 20.75 -15.01
N TRP C 73 -23.31 21.01 -13.77
CA TRP C 73 -23.36 22.42 -13.26
C TRP C 73 -22.56 22.64 -11.99
N TRP C 74 -21.57 23.59 -12.03
CA TRP C 74 -20.92 24.05 -10.86
C TRP C 74 -20.93 25.58 -10.82
N GLY C 75 -21.34 26.11 -9.70
CA GLY C 75 -21.36 27.60 -9.48
C GLY C 75 -21.14 27.89 -8.01
N HIS C 76 -20.87 29.16 -7.64
CA HIS C 76 -20.63 29.47 -6.25
C HIS C 76 -20.87 30.93 -5.91
N ILE C 77 -20.05 31.78 -6.50
CA ILE C 77 -20.06 33.22 -6.11
C ILE C 77 -20.84 34.15 -6.99
N ALA C 78 -21.44 33.63 -8.07
CA ALA C 78 -22.19 34.46 -9.01
C ALA C 78 -23.46 33.70 -9.46
N HIS C 79 -24.11 33.00 -8.55
CA HIS C 79 -25.38 32.27 -8.88
C HIS C 79 -26.40 33.27 -9.38
N ASP C 80 -26.36 34.47 -8.81
CA ASP C 80 -27.37 35.54 -9.15
C ASP C 80 -27.23 36.11 -10.57
N GLU C 81 -26.06 35.93 -11.19
CA GLU C 81 -25.80 36.50 -12.49
C GLU C 81 -26.31 35.66 -13.64
N VAL C 82 -26.77 34.42 -13.35
CA VAL C 82 -27.36 33.59 -14.34
C VAL C 82 -28.76 34.11 -14.58
N LYS C 83 -29.01 34.56 -15.80
CA LYS C 83 -30.25 35.24 -16.11
C LYS C 83 -31.43 34.30 -16.03
N ASP C 84 -32.53 34.83 -15.55
CA ASP C 84 -33.74 34.01 -15.42
C ASP C 84 -34.19 33.36 -16.74
N GLU C 85 -34.07 34.09 -17.86
CA GLU C 85 -34.43 33.53 -19.19
C GLU C 85 -33.73 32.22 -19.46
N VAL C 86 -32.44 32.17 -19.13
CA VAL C 86 -31.64 30.96 -19.29
C VAL C 86 -31.97 29.87 -18.27
N VAL C 87 -32.22 30.24 -17.03
CA VAL C 87 -32.65 29.26 -16.03
C VAL C 87 -33.95 28.59 -16.51
N GLU C 88 -34.86 29.40 -16.99
CA GLU C 88 -36.13 28.89 -17.49
C GLU C 88 -35.96 27.95 -18.70
N ARG C 89 -35.03 28.27 -19.61
CA ARG C 89 -34.69 27.43 -20.76
C ARG C 89 -34.15 26.08 -20.32
N VAL C 90 -33.20 26.10 -19.41
CA VAL C 90 -32.65 24.83 -18.85
C VAL C 90 -33.72 24.00 -18.13
N HIS C 91 -34.56 24.65 -17.32
CA HIS C 91 -35.62 24.01 -16.57
C HIS C 91 -36.53 23.27 -17.52
N ARG C 92 -36.93 23.94 -18.60
CA ARG C 92 -37.79 23.29 -19.64
C ARG C 92 -37.15 22.07 -20.28
N ARG C 93 -35.84 22.17 -20.53
CA ARG C 93 -35.06 21.09 -21.15
C ARG C 93 -34.95 19.91 -20.22
N VAL C 94 -34.75 20.13 -18.91
CA VAL C 94 -34.69 19.00 -17.95
C VAL C 94 -36.06 18.30 -17.89
N LEU C 95 -37.12 19.07 -17.84
CA LEU C 95 -38.44 18.43 -17.79
C LEU C 95 -38.75 17.59 -18.98
N GLU C 96 -38.22 17.98 -20.15
CA GLU C 96 -38.42 17.26 -21.38
C GLU C 96 -37.48 16.06 -21.49
N GLY C 97 -36.56 15.92 -20.54
CA GLY C 97 -35.72 14.69 -20.46
C GLY C 97 -34.20 14.96 -20.42
N MET C 98 -33.74 16.21 -20.56
CA MET C 98 -32.27 16.43 -20.41
C MET C 98 -31.80 16.07 -19.03
N GLY C 99 -30.65 15.38 -18.90
CA GLY C 99 -30.12 15.09 -17.59
C GLY C 99 -29.41 16.28 -17.01
N LEU C 100 -29.30 16.29 -15.70
CA LEU C 100 -28.60 17.36 -14.95
C LEU C 100 -27.79 16.77 -13.82
N ILE C 101 -26.49 17.10 -13.78
CA ILE C 101 -25.63 16.72 -12.69
C ILE C 101 -25.23 18.01 -12.01
N VAL C 102 -25.63 18.20 -10.81
CA VAL C 102 -25.33 19.41 -10.02
C VAL C 102 -24.20 19.08 -9.06
N LEU C 103 -23.17 19.90 -9.07
CA LEU C 103 -21.95 19.59 -8.31
C LEU C 103 -21.72 20.60 -7.16
N HIS C 104 -21.41 20.12 -5.93
CA HIS C 104 -20.93 20.94 -4.85
C HIS C 104 -21.80 22.23 -4.61
N SER C 105 -21.18 23.41 -4.76
CA SER C 105 -21.85 24.70 -4.58
C SER C 105 -22.96 24.99 -5.58
N GLY C 106 -23.08 24.17 -6.64
CA GLY C 106 -24.29 24.19 -7.48
C GLY C 106 -25.62 23.93 -6.73
N HIS C 107 -25.57 23.53 -5.45
CA HIS C 107 -26.77 23.36 -4.61
C HIS C 107 -27.50 24.70 -4.44
N PHE C 108 -26.75 25.82 -4.51
CA PHE C 108 -27.40 27.11 -4.48
C PHE C 108 -27.61 27.77 -5.84
N SER C 109 -27.51 27.01 -6.92
CA SER C 109 -27.77 27.52 -8.25
C SER C 109 -29.24 27.82 -8.42
N LYS C 110 -29.58 28.84 -9.19
CA LYS C 110 -30.97 29.06 -9.50
C LYS C 110 -31.67 27.80 -10.03
N ILE C 111 -31.03 27.11 -10.97
CA ILE C 111 -31.67 25.95 -11.62
C ILE C 111 -31.93 24.87 -10.54
N PHE C 112 -30.97 24.55 -9.68
CA PHE C 112 -31.24 23.45 -8.73
C PHE C 112 -32.34 23.85 -7.72
N LYS C 113 -32.31 25.10 -7.24
CA LYS C 113 -33.34 25.60 -6.31
C LYS C 113 -34.69 25.57 -6.99
N LYS C 114 -34.74 25.91 -8.27
CA LYS C 114 -36.04 25.92 -9.00
C LYS C 114 -36.59 24.51 -9.08
N LEU C 115 -35.75 23.55 -9.42
CA LEU C 115 -36.21 22.16 -9.55
C LEU C 115 -36.58 21.50 -8.23
N MET C 116 -35.90 21.90 -7.16
CA MET C 116 -36.13 21.39 -5.82
C MET C 116 -37.35 22.00 -5.12
N GLY C 117 -37.66 23.27 -5.40
CA GLY C 117 -38.76 23.91 -4.71
C GLY C 117 -38.48 24.29 -3.27
N THR C 118 -37.20 24.23 -2.81
CA THR C 118 -36.85 24.52 -1.44
C THR C 118 -35.63 25.48 -1.48
N THR C 119 -35.14 25.89 -0.34
CA THR C 119 -34.00 26.84 -0.32
C THR C 119 -32.67 26.21 -0.72
N CYS C 120 -32.57 24.89 -0.50
CA CYS C 120 -31.34 24.12 -0.68
C CYS C 120 -30.24 24.71 0.20
N ASN C 121 -30.61 25.29 1.33
CA ASN C 121 -29.60 25.76 2.28
C ASN C 121 -29.03 24.55 3.05
N LEU C 122 -27.97 24.80 3.78
CA LEU C 122 -27.31 23.73 4.51
C LEU C 122 -26.31 24.41 5.48
N LYS C 123 -25.67 23.61 6.33
CA LYS C 123 -24.52 24.09 7.14
C LYS C 123 -23.25 23.82 6.35
N TRP C 124 -22.18 24.63 6.59
CA TRP C 124 -20.99 24.48 5.86
C TRP C 124 -19.79 25.04 6.65
N ARG C 125 -18.62 24.60 6.24
CA ARG C 125 -17.38 24.98 6.88
C ARG C 125 -16.24 24.69 5.95
N GLU C 126 -15.28 25.62 5.82
CA GLU C 126 -14.09 25.33 5.02
C GLU C 126 -12.93 25.20 5.98
N ALA C 127 -12.55 23.96 6.27
CA ALA C 127 -11.48 23.68 7.22
C ALA C 127 -10.55 22.54 6.77
N ASP C 128 -10.50 22.25 5.47
CA ASP C 128 -9.57 21.29 4.92
C ASP C 128 -9.72 19.92 5.56
N GLU C 129 -10.95 19.55 5.93
CA GLU C 129 -11.13 18.33 6.75
C GLU C 129 -11.48 17.08 5.90
N LYS C 130 -11.36 15.89 6.51
CA LYS C 130 -11.56 14.66 5.83
C LYS C 130 -13.03 14.47 5.60
N GLU C 131 -13.38 13.93 4.42
CA GLU C 131 -14.72 13.46 4.08
C GLU C 131 -14.63 12.00 3.65
N ARG C 132 -15.61 11.18 4.07
CA ARG C 132 -15.68 9.81 3.63
C ARG C 132 -17.11 9.64 3.16
N LEU C 133 -17.24 9.42 1.88
CA LEU C 133 -18.55 9.28 1.20
C LEU C 133 -18.85 7.79 1.20
N TRP C 134 -19.81 7.36 2.02
CA TRP C 134 -20.22 5.96 2.08
C TRP C 134 -21.32 5.70 1.10
N VAL C 135 -21.17 4.57 0.39
CA VAL C 135 -22.18 4.11 -0.55
C VAL C 135 -23.30 3.48 0.25
N VAL C 136 -24.54 3.89 -0.08
CA VAL C 136 -25.69 3.33 0.60
C VAL C 136 -26.71 2.79 -0.44
N ALA C 137 -26.34 2.79 -1.73
CA ALA C 137 -27.10 2.19 -2.85
C ALA C 137 -26.16 1.35 -3.72
N PRO C 138 -25.68 0.25 -3.15
CA PRO C 138 -24.51 -0.45 -3.68
C PRO C 138 -24.68 -1.11 -5.05
N GLY C 139 -25.93 -1.23 -5.50
CA GLY C 139 -26.24 -1.75 -6.83
C GLY C 139 -26.65 -0.67 -7.84
N HIS C 140 -26.50 0.60 -7.48
CA HIS C 140 -26.88 1.68 -8.37
C HIS C 140 -25.84 1.88 -9.46
N PRO C 141 -26.28 2.11 -10.69
CA PRO C 141 -25.38 2.39 -11.79
C PRO C 141 -24.37 3.47 -11.48
N ILE C 142 -24.75 4.47 -10.69
CA ILE C 142 -23.82 5.59 -10.39
C ILE C 142 -22.60 5.12 -9.61
N VAL C 143 -22.69 3.99 -8.93
CA VAL C 143 -21.53 3.51 -8.14
C VAL C 143 -20.82 2.28 -8.75
N GLU C 144 -21.00 2.09 -10.04
CA GLU C 144 -20.33 0.99 -10.75
C GLU C 144 -18.86 1.21 -10.59
N GLY C 145 -18.17 0.22 -10.12
CA GLY C 145 -16.73 0.34 -9.99
C GLY C 145 -16.21 1.12 -8.81
N ILE C 146 -17.11 1.55 -7.92
CA ILE C 146 -16.73 2.29 -6.71
C ILE C 146 -16.76 1.31 -5.56
N GLY C 147 -15.81 1.43 -4.64
CA GLY C 147 -15.77 0.56 -3.44
C GLY C 147 -16.78 0.98 -2.40
N PRO C 148 -16.60 0.55 -1.15
CA PRO C 148 -17.61 0.87 -0.12
C PRO C 148 -17.71 2.36 0.21
N TYR C 149 -16.63 3.08 0.01
CA TYR C 149 -16.62 4.54 0.23
C TYR C 149 -15.53 5.17 -0.64
N ILE C 150 -15.64 6.49 -0.81
CA ILE C 150 -14.59 7.33 -1.40
C ILE C 150 -14.08 8.22 -0.25
N GLU C 151 -12.77 8.34 -0.09
CA GLU C 151 -12.25 9.13 0.98
C GLU C 151 -11.50 10.30 0.35
N LEU C 152 -11.85 11.52 0.80
CA LEU C 152 -11.16 12.75 0.36
C LEU C 152 -10.44 13.33 1.53
N GLU C 153 -9.14 13.53 1.41
CA GLU C 153 -8.36 13.94 2.54
C GLU C 153 -8.70 15.36 3.02
N GLN C 154 -9.11 16.22 2.09
CA GLN C 154 -9.50 17.59 2.40
C GLN C 154 -10.72 17.90 1.55
N GLU C 155 -11.74 18.46 2.17
CA GLU C 155 -12.87 19.07 1.49
C GLU C 155 -13.57 20.09 2.39
N GLU C 156 -14.50 20.85 1.82
CA GLU C 156 -15.38 21.69 2.57
C GLU C 156 -16.55 20.89 3.09
N MET C 157 -16.78 20.92 4.38
CA MET C 157 -17.92 20.29 4.96
C MET C 157 -19.20 20.95 4.49
N TYR C 158 -20.18 20.15 4.05
CA TYR C 158 -21.58 20.55 4.10
C TYR C 158 -22.30 19.58 5.09
N GLY C 159 -23.35 20.05 5.74
CA GLY C 159 -23.94 19.32 6.89
C GLY C 159 -25.44 19.38 6.87
N GLU C 160 -26.08 18.26 7.26
CA GLU C 160 -27.52 18.28 7.41
C GLU C 160 -27.92 19.22 8.55
N PHE C 161 -29.11 19.79 8.53
CA PHE C 161 -30.16 19.52 7.51
C PHE C 161 -29.93 20.27 6.20
N PHE C 162 -29.97 19.55 5.09
CA PHE C 162 -29.91 20.06 3.76
C PHE C 162 -31.31 20.22 3.32
N ASP C 163 -31.71 21.42 2.98
CA ASP C 163 -33.09 21.72 2.69
C ASP C 163 -33.43 21.38 1.25
N ILE C 164 -33.62 20.09 1.02
CA ILE C 164 -33.99 19.55 -0.29
C ILE C 164 -35.22 18.61 -0.06
N PRO C 165 -36.01 18.44 -1.10
CA PRO C 165 -37.04 17.43 -1.05
C PRO C 165 -36.34 16.08 -0.82
N GLU C 166 -37.01 15.11 -0.23
CA GLU C 166 -36.41 13.80 -0.07
C GLU C 166 -36.02 13.26 -1.47
N PRO C 167 -34.80 12.77 -1.63
CA PRO C 167 -34.39 12.26 -2.90
C PRO C 167 -35.19 11.03 -3.33
N ASP C 168 -35.23 10.77 -4.61
CA ASP C 168 -35.73 9.47 -5.12
C ASP C 168 -34.87 8.37 -4.52
N GLU C 169 -33.58 8.59 -4.52
CA GLU C 169 -32.65 7.64 -3.97
C GLU C 169 -31.46 8.39 -3.41
N THR C 170 -30.98 7.93 -2.27
CA THR C 170 -29.70 8.45 -1.67
C THR C 170 -28.63 7.44 -1.98
N ILE C 171 -27.61 7.90 -2.70
CA ILE C 171 -26.50 7.03 -3.19
C ILE C 171 -25.31 7.00 -2.26
N PHE C 172 -24.93 8.19 -1.79
CA PHE C 172 -23.83 8.38 -0.84
C PHE C 172 -24.33 9.15 0.39
N ILE C 173 -23.78 8.82 1.56
CA ILE C 173 -23.88 9.64 2.73
C ILE C 173 -22.49 9.93 3.22
N SER C 174 -22.16 11.18 3.37
CA SER C 174 -20.83 11.57 3.86
C SER C 174 -20.67 11.64 5.34
N TRP C 175 -19.45 11.31 5.86
CA TRP C 175 -19.05 11.45 7.23
C TRP C 175 -17.96 12.53 7.17
N PHE C 176 -18.07 13.57 7.97
CA PHE C 176 -17.03 14.57 8.09
C PHE C 176 -16.31 14.51 9.42
N GLU C 177 -15.01 14.86 9.41
CA GLU C 177 -14.16 14.84 10.53
C GLU C 177 -14.73 15.67 11.66
N GLY C 178 -15.36 16.80 11.35
CA GLY C 178 -15.86 17.74 12.36
C GLY C 178 -17.17 17.40 13.02
N GLY C 179 -17.80 16.27 12.62
CA GLY C 179 -18.98 15.82 13.34
C GLY C 179 -20.28 15.70 12.57
N GLU C 180 -20.29 16.25 11.37
CA GLU C 180 -21.52 16.34 10.56
C GLU C 180 -21.61 15.18 9.56
N VAL C 181 -22.84 14.99 9.05
CA VAL C 181 -23.09 14.07 7.99
C VAL C 181 -23.84 14.79 6.88
N PHE C 182 -23.86 14.19 5.71
CA PHE C 182 -24.52 14.83 4.53
C PHE C 182 -25.00 13.82 3.53
N ARG C 183 -26.22 13.99 3.01
CA ARG C 183 -26.68 13.16 1.89
C ARG C 183 -26.01 13.71 0.61
N SER C 184 -24.85 13.18 0.30
CA SER C 184 -23.90 13.74 -0.65
C SER C 184 -24.05 13.19 -2.03
N GLY C 185 -24.94 12.22 -2.29
CA GLY C 185 -25.22 11.81 -3.64
C GLY C 185 -26.69 11.47 -3.63
N CYS C 186 -27.49 12.24 -4.34
CA CYS C 186 -28.98 12.12 -4.28
C CYS C 186 -29.47 12.16 -5.71
N THR C 187 -30.45 11.32 -6.06
CA THR C 187 -31.03 11.36 -7.38
C THR C 187 -32.49 11.86 -7.23
N PHE C 188 -32.93 12.60 -8.25
CA PHE C 188 -34.29 13.06 -8.40
C PHE C 188 -34.75 12.90 -9.83
N THR C 189 -36.06 12.81 -10.06
CA THR C 189 -36.60 12.86 -11.38
C THR C 189 -37.60 14.02 -11.41
N ARG C 190 -37.48 14.84 -12.46
CA ARG C 190 -38.31 16.01 -12.69
C ARG C 190 -38.78 15.94 -14.12
N GLY C 191 -40.07 15.67 -14.34
CA GLY C 191 -40.53 15.42 -15.67
C GLY C 191 -39.90 14.17 -16.16
N LYS C 192 -39.35 14.20 -17.36
CA LYS C 192 -38.60 13.06 -17.89
C LYS C 192 -37.16 13.12 -17.47
N GLY C 193 -36.72 14.27 -16.96
CA GLY C 193 -35.28 14.43 -16.62
C GLY C 193 -34.78 13.79 -15.33
N LYS C 194 -33.56 13.27 -15.35
CA LYS C 194 -32.95 12.67 -14.26
C LYS C 194 -31.87 13.64 -13.75
N ILE C 195 -31.88 13.89 -12.48
CA ILE C 195 -30.90 14.82 -11.82
C ILE C 195 -30.11 14.02 -10.82
N PHE C 196 -28.80 14.31 -10.69
CA PHE C 196 -27.98 13.72 -9.65
C PHE C 196 -27.22 14.90 -9.02
N TYR C 197 -27.39 15.08 -7.72
CA TYR C 197 -26.64 16.07 -6.92
C TYR C 197 -25.43 15.30 -6.34
N PHE C 198 -24.22 15.83 -6.46
CA PHE C 198 -23.05 15.13 -5.97
C PHE C 198 -22.18 16.20 -5.32
N ARG C 199 -21.96 16.01 -4.04
CA ARG C 199 -21.45 17.02 -3.15
C ARG C 199 -20.03 17.51 -3.42
N PRO C 200 -19.05 16.60 -3.64
CA PRO C 200 -17.65 17.06 -3.61
C PRO C 200 -17.29 18.06 -4.67
N GLY C 201 -16.37 18.99 -4.36
CA GLY C 201 -15.82 19.74 -5.44
C GLY C 201 -15.43 21.17 -5.08
N HIS C 202 -14.97 21.39 -3.85
CA HIS C 202 -14.62 22.77 -3.46
C HIS C 202 -13.41 23.26 -4.26
N GLU C 203 -13.38 24.56 -4.62
CA GLU C 203 -12.48 25.01 -5.64
C GLU C 203 -11.02 25.06 -5.14
N THR C 204 -10.85 25.05 -3.84
CA THR C 204 -9.46 25.16 -3.25
C THR C 204 -8.78 23.82 -3.03
N TYR C 205 -9.48 22.76 -3.41
CA TYR C 205 -8.96 21.39 -3.27
C TYR C 205 -8.99 20.69 -4.65
N PRO C 206 -8.04 19.80 -4.91
CA PRO C 206 -7.99 19.04 -6.17
C PRO C 206 -8.98 17.91 -6.24
N THR C 207 -10.21 18.19 -5.87
CA THR C 207 -11.19 17.10 -5.74
C THR C 207 -11.50 16.49 -7.12
N TYR C 208 -11.53 17.34 -8.17
CA TYR C 208 -11.82 16.80 -9.53
C TYR C 208 -10.63 16.14 -10.21
N HIS C 209 -9.55 15.97 -9.46
CA HIS C 209 -8.48 15.11 -9.92
C HIS C 209 -8.54 13.74 -9.28
N HIS C 210 -9.50 13.52 -8.37
CA HIS C 210 -9.60 12.24 -7.71
C HIS C 210 -10.31 11.26 -8.65
N PRO C 211 -9.68 10.14 -8.97
CA PRO C 211 -10.23 9.18 -9.90
C PRO C 211 -11.61 8.68 -9.58
N ASP C 212 -11.94 8.50 -8.30
CA ASP C 212 -13.27 7.91 -7.98
C ASP C 212 -14.36 8.98 -8.15
N VAL C 213 -14.00 10.22 -7.83
CA VAL C 213 -14.90 11.33 -8.03
C VAL C 213 -15.27 11.46 -9.49
N LEU C 214 -14.26 11.41 -10.36
CA LEU C 214 -14.48 11.51 -11.79
C LEU C 214 -15.26 10.29 -12.33
N LYS C 215 -14.97 9.13 -11.80
CA LYS C 215 -15.72 7.95 -12.22
C LYS C 215 -17.22 8.09 -11.87
N VAL C 216 -17.52 8.59 -10.67
CA VAL C 216 -18.93 8.81 -10.28
C VAL C 216 -19.58 9.73 -11.28
N ILE C 217 -18.89 10.85 -11.59
CA ILE C 217 -19.50 11.81 -12.55
C ILE C 217 -19.79 11.14 -13.90
N ALA C 218 -18.84 10.35 -14.39
CA ALA C 218 -19.00 9.66 -15.66
C ALA C 218 -20.16 8.66 -15.55
N ASN C 219 -20.20 7.88 -14.48
CA ASN C 219 -21.29 6.92 -14.28
C ASN C 219 -22.67 7.64 -14.27
N ALA C 220 -22.73 8.78 -13.57
CA ALA C 220 -23.95 9.59 -13.49
C ALA C 220 -24.37 10.16 -14.85
N VAL C 221 -23.39 10.57 -15.67
CA VAL C 221 -23.70 11.08 -17.03
C VAL C 221 -24.38 10.01 -17.82
N ARG C 222 -23.86 8.79 -17.73
CA ARG C 222 -24.53 7.67 -18.41
C ARG C 222 -25.92 7.36 -17.88
N TRP C 223 -26.08 7.37 -16.58
CA TRP C 223 -27.32 7.08 -15.90
C TRP C 223 -28.36 8.13 -16.26
N ALA C 224 -27.94 9.37 -16.36
CA ALA C 224 -28.86 10.50 -16.58
C ALA C 224 -29.24 10.80 -18.05
N ALA C 225 -28.69 10.05 -18.97
CA ALA C 225 -28.93 10.17 -20.42
C ALA C 225 -30.43 10.10 -20.69
N PRO C 226 -30.95 11.00 -21.49
CA PRO C 226 -32.42 11.01 -21.79
C PRO C 226 -32.97 9.74 -22.36
N VAL C 227 -34.21 9.40 -21.96
CA VAL C 227 -35.01 8.37 -22.61
C VAL C 227 -36.31 9.06 -22.95
N ASN C 228 -36.80 8.79 -24.14
CA ASN C 228 -38.03 9.37 -24.64
C ASN C 228 -38.01 10.90 -24.57
N ARG C 229 -36.85 11.50 -24.85
CA ARG C 229 -36.75 12.95 -24.74
C ARG C 229 -37.78 13.64 -25.64
N GLY C 230 -38.42 14.67 -25.08
CA GLY C 230 -39.20 15.61 -25.91
C GLY C 230 -40.41 16.12 -25.18
N GLU C 231 -41.23 16.95 -25.84
CA GLU C 231 -42.43 17.54 -25.25
C GLU C 231 -43.33 16.43 -24.72
N ILE C 232 -43.93 16.65 -23.55
CA ILE C 232 -45.03 15.77 -23.10
C ILE C 232 -46.38 16.39 -23.52
N VAL C 233 -47.32 15.55 -23.94
CA VAL C 233 -48.67 15.97 -24.27
C VAL C 233 -49.53 16.14 -23.00
N PHE C 234 -50.10 17.34 -22.86
CA PHE C 234 -50.98 17.64 -21.76
C PHE C 234 -52.25 18.21 -22.34
N GLY C 235 -53.15 18.71 -21.52
CA GLY C 235 -54.26 19.52 -22.02
C GLY C 235 -55.53 18.76 -22.23
N ASN C 236 -56.49 19.42 -22.83
CA ASN C 236 -57.81 18.86 -22.98
C ASN C 236 -57.79 17.66 -23.94
N VAL C 237 -58.41 16.53 -23.52
CA VAL C 237 -58.40 15.30 -24.31
C VAL C 237 -59.78 14.64 -24.41
N LYS C 238 -60.03 13.97 -25.52
CA LYS C 238 -61.28 13.28 -25.77
C LYS C 238 -61.22 11.96 -25.02
N PRO C 239 -62.38 11.43 -24.60
CA PRO C 239 -62.42 10.19 -23.85
C PRO C 239 -62.06 8.99 -24.74
N LEU C 240 -61.41 8.01 -24.12
CA LEU C 240 -61.16 6.73 -24.77
C LEU C 240 -62.28 5.77 -24.57
N GLU C 241 -63.19 6.06 -23.64
CA GLU C 241 -64.38 5.18 -23.39
C GLU C 241 -65.59 6.05 -23.40
N PRO C 242 -66.74 5.51 -23.74
CA PRO C 242 -67.92 6.34 -23.83
C PRO C 242 -68.34 6.78 -22.41
N ILE C 243 -68.82 8.01 -22.28
CA ILE C 243 -69.25 8.56 -21.01
C ILE C 243 -70.75 8.70 -21.03
N LYS C 244 -71.41 8.02 -20.10
CA LYS C 244 -72.88 8.11 -20.09
C LYS C 244 -73.31 9.56 -19.86
N ALA C 245 -74.19 10.06 -20.71
CA ALA C 245 -74.57 11.47 -20.63
C ALA C 245 -75.84 11.61 -19.79
N THR D 6 -20.60 -7.97 -23.94
CA THR D 6 -21.13 -9.31 -23.55
C THR D 6 -22.64 -9.20 -23.35
N PRO D 7 -23.44 -9.97 -24.08
CA PRO D 7 -24.88 -9.87 -23.89
C PRO D 7 -25.31 -10.26 -22.47
N ILE D 8 -26.37 -9.62 -21.99
CA ILE D 8 -26.94 -9.89 -20.69
C ILE D 8 -27.57 -11.26 -20.77
N ARG D 9 -27.34 -12.07 -19.74
CA ARG D 9 -27.84 -13.43 -19.68
C ARG D 9 -29.10 -13.46 -18.88
N VAL D 10 -30.20 -13.96 -19.47
CA VAL D 10 -31.50 -13.93 -18.87
C VAL D 10 -32.10 -15.33 -18.87
N VAL D 11 -32.61 -15.77 -17.75
CA VAL D 11 -33.32 -17.05 -17.65
C VAL D 11 -34.76 -16.75 -17.40
N VAL D 12 -35.62 -17.30 -18.27
CA VAL D 12 -37.05 -17.12 -18.15
C VAL D 12 -37.65 -18.38 -17.50
N TRP D 13 -38.11 -18.24 -16.26
CA TRP D 13 -38.66 -19.36 -15.46
C TRP D 13 -40.17 -19.32 -15.56
N ASN D 14 -40.77 -20.47 -15.83
CA ASN D 14 -42.19 -20.58 -16.00
C ASN D 14 -42.64 -21.93 -15.41
N GLU D 15 -43.68 -21.84 -14.58
CA GLU D 15 -44.28 -22.98 -13.92
C GLU D 15 -44.60 -24.07 -14.96
N PHE D 16 -45.17 -23.68 -16.11
CA PHE D 16 -45.42 -24.59 -17.25
C PHE D 16 -46.34 -25.76 -16.91
N ARG D 17 -47.43 -25.48 -16.22
CA ARG D 17 -48.46 -26.50 -15.98
C ARG D 17 -49.65 -26.19 -16.84
N HIS D 18 -50.08 -24.93 -16.85
CA HIS D 18 -51.32 -24.59 -17.62
C HIS D 18 -51.21 -24.99 -19.07
N GLU D 19 -50.02 -24.75 -19.67
CA GLU D 19 -49.87 -24.92 -21.13
C GLU D 19 -49.86 -26.39 -21.52
N LYS D 20 -49.61 -27.23 -20.55
CA LYS D 20 -49.67 -28.70 -20.74
C LYS D 20 -51.04 -29.30 -20.49
N LYS D 21 -51.85 -28.67 -19.66
CA LYS D 21 -53.10 -29.30 -19.17
C LYS D 21 -54.36 -28.69 -19.72
N ASP D 22 -54.31 -27.44 -20.14
CA ASP D 22 -55.52 -26.75 -20.57
C ASP D 22 -55.46 -26.48 -22.08
N GLU D 23 -56.36 -27.09 -22.87
CA GLU D 23 -56.30 -26.99 -24.33
C GLU D 23 -56.47 -25.53 -24.78
N GLN D 24 -57.21 -24.73 -24.05
CA GLN D 24 -57.48 -23.35 -24.46
C GLN D 24 -56.20 -22.56 -24.34
N VAL D 25 -55.39 -22.93 -23.35
CA VAL D 25 -54.12 -22.23 -23.09
C VAL D 25 -53.04 -22.76 -24.06
N ARG D 26 -52.98 -24.08 -24.25
CA ARG D 26 -52.03 -24.65 -25.16
C ARG D 26 -52.21 -24.13 -26.56
N ALA D 27 -53.44 -23.73 -26.94
CA ALA D 27 -53.68 -23.26 -28.27
C ALA D 27 -52.95 -21.92 -28.46
N ILE D 28 -52.79 -21.19 -27.38
CA ILE D 28 -52.19 -19.81 -27.40
C ILE D 28 -50.68 -19.95 -27.25
N TYR D 29 -50.27 -20.81 -26.34
CA TYR D 29 -48.85 -20.95 -25.97
C TYR D 29 -48.45 -22.45 -26.08
N PRO D 30 -48.42 -22.99 -27.29
CA PRO D 30 -48.17 -24.45 -27.49
C PRO D 30 -46.84 -24.93 -26.92
N GLU D 31 -45.85 -24.07 -26.88
CA GLU D 31 -44.54 -24.47 -26.30
C GLU D 31 -44.23 -23.76 -24.96
N GLY D 32 -45.24 -23.12 -24.38
CA GLY D 32 -45.15 -22.50 -23.09
C GLY D 32 -44.90 -21.01 -23.23
N MET D 33 -45.33 -20.25 -22.25
CA MET D 33 -45.13 -18.77 -22.26
C MET D 33 -43.66 -18.45 -22.19
N HIS D 34 -42.86 -19.32 -21.55
CA HIS D 34 -41.40 -19.02 -21.45
C HIS D 34 -40.72 -19.00 -22.80
N THR D 35 -41.17 -19.86 -23.70
CA THR D 35 -40.61 -19.93 -25.01
C THR D 35 -40.79 -18.67 -25.79
N VAL D 36 -41.99 -18.12 -25.70
CA VAL D 36 -42.38 -16.92 -26.44
C VAL D 36 -41.51 -15.76 -25.94
N ILE D 37 -41.42 -15.63 -24.63
CA ILE D 37 -40.64 -14.49 -24.02
C ILE D 37 -39.16 -14.68 -24.33
N ALA D 38 -38.62 -15.85 -24.08
CA ALA D 38 -37.22 -16.08 -24.35
C ALA D 38 -36.84 -15.87 -25.84
N SER D 39 -37.69 -16.28 -26.78
CA SER D 39 -37.45 -16.07 -28.19
C SER D 39 -37.37 -14.57 -28.53
N TYR D 40 -38.30 -13.79 -28.00
CA TYR D 40 -38.26 -12.34 -28.18
C TYR D 40 -36.95 -11.80 -27.62
N LEU D 41 -36.62 -12.23 -26.42
CA LEU D 41 -35.42 -11.71 -25.79
C LEU D 41 -34.13 -12.02 -26.56
N ALA D 42 -34.06 -13.22 -27.13
CA ALA D 42 -32.94 -13.59 -27.99
C ALA D 42 -32.88 -12.69 -29.26
N GLU D 43 -34.03 -12.38 -29.84
CA GLU D 43 -34.06 -11.48 -30.99
C GLU D 43 -33.68 -10.05 -30.58
N ALA D 44 -33.88 -9.70 -29.31
CA ALA D 44 -33.51 -8.38 -28.79
C ALA D 44 -32.04 -8.34 -28.37
N GLY D 45 -31.33 -9.45 -28.56
CA GLY D 45 -29.89 -9.44 -28.36
C GLY D 45 -29.44 -10.00 -27.04
N PHE D 46 -30.37 -10.52 -26.24
CA PHE D 46 -30.02 -11.12 -24.94
C PHE D 46 -29.55 -12.57 -25.13
N ASP D 47 -28.72 -13.03 -24.21
CA ASP D 47 -28.38 -14.45 -24.14
C ASP D 47 -29.45 -15.12 -23.25
N ALA D 48 -30.49 -15.66 -23.88
CA ALA D 48 -31.65 -16.12 -23.15
C ALA D 48 -31.76 -17.64 -23.09
N ALA D 49 -32.27 -18.12 -21.96
CA ALA D 49 -32.43 -19.51 -21.62
C ALA D 49 -33.75 -19.63 -20.86
N THR D 50 -34.24 -20.85 -20.75
CA THR D 50 -35.46 -21.02 -19.97
C THR D 50 -35.28 -22.07 -18.91
N ALA D 51 -36.21 -22.08 -17.95
CA ALA D 51 -36.26 -23.07 -16.88
C ALA D 51 -37.71 -23.25 -16.49
N VAL D 52 -38.06 -24.44 -16.03
CA VAL D 52 -39.43 -24.73 -15.65
C VAL D 52 -39.49 -25.57 -14.35
N LEU D 53 -40.66 -25.57 -13.72
CA LEU D 53 -40.87 -26.16 -12.44
C LEU D 53 -40.48 -27.65 -12.45
N ASP D 54 -40.89 -28.34 -13.49
CA ASP D 54 -40.73 -29.82 -13.46
C ASP D 54 -39.40 -30.36 -13.96
N GLU D 55 -38.37 -29.54 -13.94
CA GLU D 55 -36.97 -29.90 -14.21
C GLU D 55 -36.32 -30.11 -12.81
N PRO D 56 -35.20 -30.84 -12.71
CA PRO D 56 -34.49 -30.93 -11.44
C PRO D 56 -34.04 -29.57 -10.90
N GLU D 57 -34.27 -29.34 -9.60
CA GLU D 57 -34.00 -28.05 -8.91
C GLU D 57 -34.80 -26.97 -9.59
N HIS D 58 -35.88 -27.39 -10.22
CA HIS D 58 -36.66 -26.46 -11.07
C HIS D 58 -35.82 -25.66 -12.10
N GLY D 59 -34.73 -26.24 -12.55
CA GLY D 59 -33.89 -25.64 -13.56
C GLY D 59 -32.94 -24.60 -12.97
N LEU D 60 -32.99 -24.38 -11.67
CA LEU D 60 -32.28 -23.27 -11.05
C LEU D 60 -31.22 -23.79 -10.08
N THR D 61 -30.27 -24.51 -10.64
CA THR D 61 -29.08 -24.93 -9.89
C THR D 61 -28.21 -23.72 -9.59
N ASP D 62 -27.22 -23.93 -8.74
CA ASP D 62 -26.23 -22.86 -8.47
C ASP D 62 -25.49 -22.45 -9.73
N GLU D 63 -25.20 -23.43 -10.58
CA GLU D 63 -24.48 -23.20 -11.82
C GLU D 63 -25.30 -22.26 -12.75
N VAL D 64 -26.57 -22.57 -12.89
CA VAL D 64 -27.47 -21.76 -13.73
C VAL D 64 -27.57 -20.38 -13.13
N LEU D 65 -27.82 -20.28 -11.83
CA LEU D 65 -28.04 -18.94 -11.23
C LEU D 65 -26.78 -18.08 -11.23
N ASP D 66 -25.63 -18.73 -11.11
CA ASP D 66 -24.39 -17.99 -11.15
C ASP D 66 -24.12 -17.36 -12.50
N ARG D 67 -24.63 -17.91 -13.59
CA ARG D 67 -24.42 -17.29 -14.88
C ARG D 67 -25.68 -16.55 -15.33
N CYS D 68 -26.65 -16.42 -14.43
CA CYS D 68 -27.87 -15.67 -14.73
C CYS D 68 -27.69 -14.24 -14.27
N ASP D 69 -27.84 -13.27 -15.18
CA ASP D 69 -27.88 -11.85 -14.83
C ASP D 69 -29.27 -11.37 -14.37
N VAL D 70 -30.33 -11.86 -15.02
CA VAL D 70 -31.65 -11.46 -14.70
C VAL D 70 -32.53 -12.74 -14.85
N LEU D 71 -33.32 -12.98 -13.84
CA LEU D 71 -34.30 -14.08 -13.80
C LEU D 71 -35.67 -13.48 -14.01
N VAL D 72 -36.46 -14.07 -14.90
CA VAL D 72 -37.85 -13.66 -15.10
C VAL D 72 -38.74 -14.81 -14.56
N TRP D 73 -39.83 -14.48 -13.84
CA TRP D 73 -40.61 -15.54 -13.09
C TRP D 73 -42.10 -15.41 -13.38
N TRP D 74 -42.73 -16.49 -13.82
CA TRP D 74 -44.18 -16.58 -13.96
C TRP D 74 -44.64 -17.87 -13.30
N GLY D 75 -45.57 -17.77 -12.35
CA GLY D 75 -46.20 -18.93 -11.73
C GLY D 75 -47.65 -18.65 -11.42
N HIS D 76 -48.38 -19.67 -10.99
CA HIS D 76 -49.81 -19.45 -10.69
C HIS D 76 -50.47 -20.52 -9.80
N ILE D 77 -50.55 -21.74 -10.32
CA ILE D 77 -51.26 -22.82 -9.60
C ILE D 77 -50.36 -23.78 -8.87
N ALA D 78 -49.04 -23.57 -8.87
CA ALA D 78 -48.14 -24.48 -8.15
C ALA D 78 -47.02 -23.70 -7.44
N HIS D 79 -47.36 -22.56 -6.87
CA HIS D 79 -46.34 -21.73 -6.19
C HIS D 79 -45.73 -22.57 -5.04
N ASP D 80 -46.57 -23.38 -4.37
CA ASP D 80 -46.16 -24.15 -3.21
C ASP D 80 -45.17 -25.27 -3.55
N GLU D 81 -45.12 -25.67 -4.83
CA GLU D 81 -44.20 -26.76 -5.25
C GLU D 81 -42.77 -26.32 -5.56
N VAL D 82 -42.53 -25.03 -5.52
CA VAL D 82 -41.16 -24.57 -5.59
C VAL D 82 -40.49 -24.80 -4.22
N LYS D 83 -39.44 -25.60 -4.20
CA LYS D 83 -38.78 -25.94 -2.99
C LYS D 83 -38.13 -24.75 -2.35
N ASP D 84 -38.29 -24.67 -1.02
CA ASP D 84 -37.72 -23.58 -0.22
C ASP D 84 -36.21 -23.44 -0.43
N GLU D 85 -35.49 -24.56 -0.57
CA GLU D 85 -34.04 -24.49 -0.89
C GLU D 85 -33.72 -23.65 -2.16
N VAL D 86 -34.55 -23.80 -3.20
CA VAL D 86 -34.42 -23.08 -4.44
C VAL D 86 -34.82 -21.64 -4.21
N VAL D 87 -35.92 -21.39 -3.46
CA VAL D 87 -36.31 -20.00 -3.18
C VAL D 87 -35.19 -19.30 -2.48
N GLU D 88 -34.63 -19.93 -1.45
CA GLU D 88 -33.48 -19.33 -0.73
C GLU D 88 -32.27 -19.01 -1.62
N ARG D 89 -31.95 -19.92 -2.54
CA ARG D 89 -30.88 -19.77 -3.52
C ARG D 89 -31.10 -18.53 -4.39
N VAL D 90 -32.31 -18.43 -4.89
CA VAL D 90 -32.68 -17.24 -5.67
C VAL D 90 -32.59 -15.96 -4.82
N HIS D 91 -33.17 -16.00 -3.65
CA HIS D 91 -33.17 -14.83 -2.77
C HIS D 91 -31.76 -14.33 -2.55
N ARG D 92 -30.84 -15.21 -2.24
CA ARG D 92 -29.43 -14.79 -2.04
C ARG D 92 -28.81 -14.17 -3.25
N ARG D 93 -29.16 -14.69 -4.40
CA ARG D 93 -28.63 -14.21 -5.67
C ARG D 93 -29.17 -12.80 -5.96
N VAL D 94 -30.45 -12.58 -5.71
CA VAL D 94 -31.04 -11.19 -5.87
C VAL D 94 -30.33 -10.24 -4.96
N LEU D 95 -30.19 -10.60 -3.68
CA LEU D 95 -29.45 -9.66 -2.76
C LEU D 95 -28.04 -9.32 -3.17
N GLU D 96 -27.36 -10.25 -3.85
CA GLU D 96 -25.99 -10.04 -4.39
C GLU D 96 -25.97 -9.28 -5.73
N GLY D 97 -27.16 -9.02 -6.30
CA GLY D 97 -27.33 -8.19 -7.48
C GLY D 97 -27.99 -8.78 -8.69
N MET D 98 -28.40 -10.05 -8.66
CA MET D 98 -29.13 -10.61 -9.76
C MET D 98 -30.50 -9.90 -9.86
N GLY D 99 -30.91 -9.59 -11.06
CA GLY D 99 -32.14 -8.89 -11.35
C GLY D 99 -33.25 -9.88 -11.33
N LEU D 100 -34.48 -9.40 -11.11
CA LEU D 100 -35.64 -10.33 -11.05
C LEU D 100 -36.80 -9.58 -11.63
N ILE D 101 -37.47 -10.15 -12.63
CA ILE D 101 -38.69 -9.58 -13.23
C ILE D 101 -39.84 -10.55 -12.93
N VAL D 102 -40.83 -10.12 -12.13
CA VAL D 102 -41.93 -10.95 -11.68
C VAL D 102 -43.12 -10.57 -12.49
N LEU D 103 -43.76 -11.57 -13.08
CA LEU D 103 -44.83 -11.33 -14.01
C LEU D 103 -46.13 -11.87 -13.48
N HIS D 104 -47.14 -11.04 -13.56
CA HIS D 104 -48.54 -11.46 -13.39
C HIS D 104 -48.71 -12.23 -12.10
N SER D 105 -49.20 -13.51 -12.15
CA SER D 105 -49.51 -14.29 -10.95
C SER D 105 -48.26 -14.69 -10.14
N GLY D 106 -47.09 -14.35 -10.67
CA GLY D 106 -45.82 -14.35 -9.93
C GLY D 106 -45.85 -13.44 -8.70
N HIS D 107 -46.85 -12.54 -8.61
CA HIS D 107 -47.11 -11.79 -7.35
C HIS D 107 -47.24 -12.72 -6.12
N PHE D 108 -47.78 -13.97 -6.30
CA PHE D 108 -47.95 -14.88 -5.23
C PHE D 108 -46.87 -15.94 -5.20
N SER D 109 -45.75 -15.73 -5.91
CA SER D 109 -44.62 -16.66 -5.84
C SER D 109 -43.98 -16.57 -4.47
N LYS D 110 -43.39 -17.67 -4.01
CA LYS D 110 -42.69 -17.63 -2.75
C LYS D 110 -41.59 -16.56 -2.83
N ILE D 111 -40.86 -16.47 -3.92
CA ILE D 111 -39.68 -15.55 -3.94
C ILE D 111 -40.16 -14.12 -3.87
N PHE D 112 -41.24 -13.79 -4.56
CA PHE D 112 -41.68 -12.37 -4.57
C PHE D 112 -42.18 -11.99 -3.17
N LYS D 113 -43.01 -12.82 -2.59
CA LYS D 113 -43.51 -12.63 -1.25
C LYS D 113 -42.36 -12.50 -0.21
N LYS D 114 -41.33 -13.30 -0.38
CA LYS D 114 -40.17 -13.26 0.52
C LYS D 114 -39.48 -11.92 0.39
N LEU D 115 -39.26 -11.46 -0.81
CA LEU D 115 -38.54 -10.13 -0.97
C LEU D 115 -39.38 -8.95 -0.51
N MET D 116 -40.69 -9.06 -0.69
CA MET D 116 -41.59 -8.00 -0.28
C MET D 116 -41.89 -7.88 1.21
N GLY D 117 -41.99 -9.01 1.90
CA GLY D 117 -42.31 -9.05 3.32
C GLY D 117 -43.81 -8.82 3.67
N THR D 118 -44.67 -8.94 2.66
CA THR D 118 -46.11 -8.70 2.77
C THR D 118 -46.82 -9.91 2.12
N THR D 119 -48.12 -9.88 2.13
CA THR D 119 -48.84 -11.03 1.59
C THR D 119 -48.83 -11.02 0.04
N CYS D 120 -48.80 -9.82 -0.55
CA CYS D 120 -48.86 -9.64 -1.97
C CYS D 120 -50.26 -9.98 -2.52
N ASN D 121 -51.26 -9.96 -1.66
CA ASN D 121 -52.61 -10.30 -2.08
C ASN D 121 -53.20 -9.06 -2.73
N LEU D 122 -54.36 -9.22 -3.38
CA LEU D 122 -54.94 -8.15 -4.17
C LEU D 122 -56.38 -8.60 -4.44
N LYS D 123 -57.16 -7.73 -5.03
CA LYS D 123 -58.48 -8.14 -5.57
C LYS D 123 -58.29 -8.63 -7.01
N TRP D 124 -59.16 -9.51 -7.53
CA TRP D 124 -58.99 -9.96 -8.89
C TRP D 124 -60.35 -10.36 -9.46
N ARG D 125 -60.42 -10.54 -10.78
CA ARG D 125 -61.63 -10.98 -11.48
C ARG D 125 -61.18 -11.45 -12.84
N GLU D 126 -61.68 -12.60 -13.30
CA GLU D 126 -61.41 -13.06 -14.65
C GLU D 126 -62.65 -12.83 -15.47
N ALA D 127 -62.70 -11.75 -16.22
CA ALA D 127 -63.90 -11.41 -17.01
C ALA D 127 -63.62 -10.88 -18.42
N ASP D 128 -62.44 -11.15 -18.96
CA ASP D 128 -62.06 -10.82 -20.34
C ASP D 128 -62.19 -9.34 -20.59
N GLU D 129 -61.83 -8.53 -19.62
CA GLU D 129 -62.13 -7.09 -19.68
C GLU D 129 -60.89 -6.32 -20.13
N LYS D 130 -61.12 -5.10 -20.60
CA LYS D 130 -60.05 -4.24 -21.11
C LYS D 130 -59.20 -3.66 -20.01
N GLU D 131 -57.89 -3.53 -20.27
CA GLU D 131 -56.88 -2.99 -19.34
C GLU D 131 -56.13 -1.96 -20.13
N ARG D 132 -55.90 -0.79 -19.53
CA ARG D 132 -55.09 0.23 -20.15
C ARG D 132 -54.02 0.58 -19.12
N LEU D 133 -52.76 0.28 -19.45
CA LEU D 133 -51.61 0.54 -18.60
C LEU D 133 -51.04 1.91 -18.95
N TRP D 134 -51.24 2.86 -18.06
CA TRP D 134 -50.80 4.22 -18.28
C TRP D 134 -49.40 4.34 -17.72
N VAL D 135 -48.55 4.98 -18.47
CA VAL D 135 -47.17 5.31 -18.04
C VAL D 135 -47.19 6.48 -17.08
N VAL D 136 -46.56 6.34 -15.91
CA VAL D 136 -46.49 7.38 -14.95
C VAL D 136 -45.03 7.76 -14.58
N ALA D 137 -44.05 7.15 -15.25
CA ALA D 137 -42.63 7.48 -15.12
C ALA D 137 -42.11 7.57 -16.54
N PRO D 138 -42.49 8.62 -17.28
CA PRO D 138 -42.23 8.71 -18.70
C PRO D 138 -40.75 8.80 -19.18
N GLY D 139 -39.86 9.06 -18.26
CA GLY D 139 -38.43 9.04 -18.56
C GLY D 139 -37.73 7.79 -18.12
N HIS D 140 -38.45 6.83 -17.56
CA HIS D 140 -37.79 5.66 -17.02
C HIS D 140 -37.31 4.74 -18.18
N PRO D 141 -36.13 4.10 -18.04
CA PRO D 141 -35.67 3.19 -19.06
C PRO D 141 -36.65 2.05 -19.43
N ILE D 142 -37.47 1.63 -18.48
CA ILE D 142 -38.42 0.49 -18.73
C ILE D 142 -39.41 0.88 -19.77
N VAL D 143 -39.69 2.16 -19.92
CA VAL D 143 -40.69 2.60 -20.91
C VAL D 143 -40.08 3.24 -22.18
N GLU D 144 -38.83 2.96 -22.47
CA GLU D 144 -38.21 3.37 -23.72
C GLU D 144 -38.98 2.79 -24.90
N GLY D 145 -39.48 3.65 -25.78
CA GLY D 145 -40.21 3.21 -26.93
C GLY D 145 -41.68 2.92 -26.70
N ILE D 146 -42.19 3.24 -25.52
CA ILE D 146 -43.55 2.92 -25.14
C ILE D 146 -44.31 4.24 -25.22
N GLY D 147 -45.52 4.16 -25.72
CA GLY D 147 -46.39 5.35 -25.85
C GLY D 147 -46.92 5.75 -24.51
N PRO D 148 -47.97 6.59 -24.46
CA PRO D 148 -48.52 7.01 -23.16
C PRO D 148 -49.19 5.90 -22.42
N TYR D 149 -49.63 4.90 -23.16
CA TYR D 149 -50.21 3.74 -22.52
C TYR D 149 -50.12 2.49 -23.41
N ILE D 150 -50.30 1.31 -22.80
CA ILE D 150 -50.46 0.06 -23.51
C ILE D 150 -51.89 -0.38 -23.25
N GLU D 151 -52.61 -0.81 -24.27
CA GLU D 151 -53.97 -1.24 -24.14
C GLU D 151 -54.03 -2.74 -24.49
N LEU D 152 -54.66 -3.52 -23.61
CA LEU D 152 -54.85 -4.93 -23.82
C LEU D 152 -56.38 -5.13 -23.88
N GLU D 153 -56.86 -5.72 -24.95
CA GLU D 153 -58.30 -5.82 -25.13
C GLU D 153 -58.97 -6.75 -24.12
N GLN D 154 -58.23 -7.76 -23.65
CA GLN D 154 -58.74 -8.70 -22.66
C GLN D 154 -57.65 -9.04 -21.69
N GLU D 155 -57.94 -9.00 -20.41
CA GLU D 155 -57.00 -9.45 -19.38
C GLU D 155 -57.78 -9.76 -18.12
N GLU D 156 -57.12 -10.43 -17.20
CA GLU D 156 -57.63 -10.57 -15.85
C GLU D 156 -57.36 -9.31 -15.07
N MET D 157 -58.38 -8.82 -14.39
CA MET D 157 -58.27 -7.68 -13.54
C MET D 157 -57.58 -8.05 -12.23
N TYR D 158 -56.56 -7.28 -11.87
CA TYR D 158 -56.09 -7.20 -10.49
C TYR D 158 -56.41 -5.81 -10.03
N GLY D 159 -56.80 -5.63 -8.77
CA GLY D 159 -57.19 -4.29 -8.27
C GLY D 159 -56.59 -3.99 -6.93
N GLU D 160 -56.45 -2.68 -6.67
CA GLU D 160 -55.97 -2.24 -5.38
C GLU D 160 -56.98 -2.54 -4.29
N PHE D 161 -56.56 -2.74 -3.05
CA PHE D 161 -55.18 -2.59 -2.56
C PHE D 161 -54.34 -3.83 -2.81
N PHE D 162 -53.16 -3.61 -3.34
CA PHE D 162 -52.19 -4.62 -3.66
C PHE D 162 -51.23 -4.56 -2.48
N ASP D 163 -51.09 -5.65 -1.73
CA ASP D 163 -50.42 -5.64 -0.47
C ASP D 163 -48.93 -5.83 -0.73
N ILE D 164 -48.33 -4.73 -1.21
CA ILE D 164 -46.90 -4.67 -1.36
C ILE D 164 -46.34 -3.47 -0.64
N PRO D 165 -45.05 -3.52 -0.33
CA PRO D 165 -44.38 -2.34 0.10
C PRO D 165 -44.49 -1.28 -1.00
N GLU D 166 -44.53 0.00 -0.62
CA GLU D 166 -44.50 1.09 -1.60
C GLU D 166 -43.32 0.88 -2.51
N PRO D 167 -43.54 0.90 -3.82
CA PRO D 167 -42.42 0.70 -4.74
C PRO D 167 -41.39 1.80 -4.67
N ASP D 168 -40.15 1.46 -4.98
CA ASP D 168 -39.19 2.51 -5.28
C ASP D 168 -39.72 3.45 -6.34
N GLU D 169 -40.28 2.95 -7.43
CA GLU D 169 -40.97 3.77 -8.39
C GLU D 169 -42.15 3.04 -8.94
N THR D 170 -43.16 3.78 -9.31
CA THR D 170 -44.33 3.20 -10.01
C THR D 170 -44.17 3.66 -11.45
N ILE D 171 -44.17 2.69 -12.34
CA ILE D 171 -43.90 2.91 -13.74
C ILE D 171 -45.19 2.97 -14.51
N PHE D 172 -46.10 2.03 -14.18
CA PHE D 172 -47.43 1.96 -14.80
C PHE D 172 -48.52 1.93 -13.75
N ILE D 173 -49.70 2.47 -14.10
CA ILE D 173 -50.91 2.30 -13.34
C ILE D 173 -51.94 1.88 -14.36
N SER D 174 -52.58 0.78 -14.08
CA SER D 174 -53.63 0.29 -14.96
C SER D 174 -55.03 0.80 -14.59
N TRP D 175 -55.85 1.04 -15.63
CA TRP D 175 -57.27 1.25 -15.57
C TRP D 175 -57.89 -0.06 -16.10
N PHE D 176 -58.89 -0.57 -15.44
CA PHE D 176 -59.68 -1.68 -15.91
C PHE D 176 -61.11 -1.26 -16.19
N GLU D 177 -61.69 -1.90 -17.18
CA GLU D 177 -63.05 -1.65 -17.56
C GLU D 177 -64.04 -1.72 -16.40
N GLY D 178 -63.87 -2.71 -15.53
CA GLY D 178 -64.79 -2.93 -14.42
C GLY D 178 -64.78 -1.96 -13.28
N GLY D 179 -63.81 -1.02 -13.26
CA GLY D 179 -63.89 0.06 -12.29
C GLY D 179 -62.65 0.23 -11.40
N GLU D 180 -61.76 -0.74 -11.42
CA GLU D 180 -60.58 -0.79 -10.55
C GLU D 180 -59.33 -0.18 -11.21
N VAL D 181 -58.33 0.09 -10.36
CA VAL D 181 -57.04 0.46 -10.80
C VAL D 181 -55.96 -0.49 -10.17
N PHE D 182 -54.74 -0.41 -10.69
CA PHE D 182 -53.62 -1.22 -10.13
C PHE D 182 -52.28 -0.61 -10.42
N ARG D 183 -51.41 -0.63 -9.44
CA ARG D 183 -50.00 -0.31 -9.68
C ARG D 183 -49.30 -1.50 -10.39
N SER D 184 -49.36 -1.46 -11.71
CA SER D 184 -49.05 -2.59 -12.61
C SER D 184 -47.62 -2.67 -13.11
N GLY D 185 -46.75 -1.69 -12.82
CA GLY D 185 -45.35 -1.86 -13.07
C GLY D 185 -44.68 -1.10 -11.92
N CYS D 186 -43.87 -1.81 -11.13
CA CYS D 186 -43.37 -1.33 -9.81
C CYS D 186 -41.92 -1.77 -9.78
N THR D 187 -40.98 -0.87 -9.49
CA THR D 187 -39.63 -1.29 -9.23
C THR D 187 -39.35 -1.35 -7.74
N PHE D 188 -38.36 -2.18 -7.35
CA PHE D 188 -37.90 -2.28 -6.02
C PHE D 188 -36.40 -2.67 -6.05
N THR D 189 -35.70 -2.28 -5.03
CA THR D 189 -34.29 -2.68 -4.85
C THR D 189 -34.21 -3.46 -3.58
N ARG D 190 -33.55 -4.66 -3.64
CA ARG D 190 -33.33 -5.49 -2.49
C ARG D 190 -31.87 -5.96 -2.50
N GLY D 191 -31.12 -5.50 -1.49
CA GLY D 191 -29.69 -5.56 -1.55
C GLY D 191 -29.18 -4.79 -2.74
N LYS D 192 -28.34 -5.44 -3.52
CA LYS D 192 -27.88 -4.96 -4.82
C LYS D 192 -28.85 -5.22 -5.98
N GLY D 193 -29.84 -6.06 -5.78
CA GLY D 193 -30.63 -6.56 -6.86
C GLY D 193 -31.80 -5.63 -7.22
N LYS D 194 -32.12 -5.53 -8.48
CA LYS D 194 -33.19 -4.68 -8.94
C LYS D 194 -34.32 -5.63 -9.31
N ILE D 195 -35.54 -5.27 -8.93
CA ILE D 195 -36.73 -6.10 -9.16
C ILE D 195 -37.77 -5.23 -9.86
N PHE D 196 -38.44 -5.80 -10.88
CA PHE D 196 -39.58 -5.11 -11.54
C PHE D 196 -40.73 -6.10 -11.53
N TYR D 197 -41.86 -5.68 -10.98
CA TYR D 197 -43.09 -6.48 -11.06
C TYR D 197 -43.88 -5.89 -12.19
N PHE D 198 -44.43 -6.73 -13.09
CA PHE D 198 -45.19 -6.23 -14.20
C PHE D 198 -46.38 -7.10 -14.31
N ARG D 199 -47.53 -6.49 -14.30
CA ARG D 199 -48.79 -7.20 -14.08
C ARG D 199 -49.27 -8.07 -15.22
N PRO D 200 -49.20 -7.64 -16.51
CA PRO D 200 -49.99 -8.40 -17.51
C PRO D 200 -49.45 -9.81 -17.75
N GLY D 201 -50.33 -10.72 -18.16
CA GLY D 201 -49.79 -12.06 -18.43
C GLY D 201 -50.71 -13.22 -18.12
N HIS D 202 -52.01 -13.02 -18.08
CA HIS D 202 -52.89 -14.21 -17.81
C HIS D 202 -52.83 -15.27 -18.92
N GLU D 203 -52.87 -16.53 -18.49
CA GLU D 203 -52.52 -17.61 -19.35
C GLU D 203 -53.58 -17.89 -20.43
N THR D 204 -54.79 -17.36 -20.23
CA THR D 204 -55.88 -17.62 -21.19
C THR D 204 -55.99 -16.52 -22.27
N TYR D 205 -55.06 -15.55 -22.26
CA TYR D 205 -55.04 -14.44 -23.23
C TYR D 205 -53.65 -14.35 -23.87
N PRO D 206 -53.55 -13.94 -25.13
CA PRO D 206 -52.28 -13.87 -25.84
C PRO D 206 -51.44 -12.64 -25.47
N THR D 207 -51.34 -12.38 -24.19
CA THR D 207 -50.73 -11.11 -23.70
C THR D 207 -49.27 -11.02 -24.08
N TYR D 208 -48.58 -12.17 -24.06
CA TYR D 208 -47.14 -12.18 -24.37
C TYR D 208 -46.85 -12.24 -25.83
N HIS D 209 -47.90 -12.14 -26.63
CA HIS D 209 -47.74 -11.92 -28.04
C HIS D 209 -47.86 -10.44 -28.38
N HIS D 210 -48.21 -9.60 -27.41
CA HIS D 210 -48.37 -8.17 -27.63
C HIS D 210 -47.01 -7.51 -27.69
N PRO D 211 -46.70 -6.79 -28.76
CA PRO D 211 -45.37 -6.20 -28.89
C PRO D 211 -44.93 -5.25 -27.81
N ASP D 212 -45.85 -4.42 -27.28
CA ASP D 212 -45.45 -3.47 -26.23
C ASP D 212 -45.17 -4.17 -24.90
N VAL D 213 -45.92 -5.23 -24.63
CA VAL D 213 -45.68 -6.00 -23.41
C VAL D 213 -44.30 -6.64 -23.48
N LEU D 214 -43.94 -7.18 -24.62
CA LEU D 214 -42.61 -7.83 -24.75
C LEU D 214 -41.51 -6.76 -24.73
N LYS D 215 -41.79 -5.62 -25.34
CA LYS D 215 -40.79 -4.52 -25.28
C LYS D 215 -40.46 -4.08 -23.86
N VAL D 216 -41.47 -3.96 -23.03
CA VAL D 216 -41.33 -3.59 -21.62
C VAL D 216 -40.49 -4.60 -20.87
N ILE D 217 -40.77 -5.85 -21.13
CA ILE D 217 -39.96 -6.90 -20.49
C ILE D 217 -38.50 -6.78 -20.89
N ALA D 218 -38.23 -6.62 -22.18
CA ALA D 218 -36.85 -6.46 -22.68
C ALA D 218 -36.16 -5.28 -22.06
N ASN D 219 -36.87 -4.16 -22.01
CA ASN D 219 -36.34 -2.97 -21.34
C ASN D 219 -36.04 -3.17 -19.86
N ALA D 220 -36.87 -3.93 -19.18
CA ALA D 220 -36.78 -4.21 -17.75
C ALA D 220 -35.58 -5.13 -17.51
N VAL D 221 -35.36 -6.10 -18.42
CA VAL D 221 -34.20 -6.98 -18.34
C VAL D 221 -32.92 -6.14 -18.44
N ARG D 222 -32.85 -5.18 -19.37
CA ARG D 222 -31.66 -4.33 -19.45
C ARG D 222 -31.50 -3.45 -18.23
N TRP D 223 -32.60 -2.87 -17.72
CA TRP D 223 -32.56 -2.02 -16.52
C TRP D 223 -32.13 -2.78 -15.26
N ALA D 224 -32.50 -4.05 -15.18
CA ALA D 224 -32.28 -4.87 -14.00
C ALA D 224 -30.94 -5.59 -13.99
N ALA D 225 -30.12 -5.39 -15.02
CA ALA D 225 -28.81 -6.05 -15.12
C ALA D 225 -27.96 -5.65 -13.93
N PRO D 226 -27.25 -6.59 -13.33
CA PRO D 226 -26.43 -6.33 -12.18
C PRO D 226 -25.34 -5.29 -12.39
N VAL D 227 -25.09 -4.56 -11.34
CA VAL D 227 -23.91 -3.75 -11.21
C VAL D 227 -23.27 -4.11 -9.85
N ASN D 228 -21.97 -4.21 -9.89
CA ASN D 228 -21.19 -4.52 -8.71
C ASN D 228 -21.61 -5.87 -8.12
N ARG D 229 -21.93 -6.83 -8.97
CA ARG D 229 -22.53 -8.06 -8.46
C ARG D 229 -21.54 -8.77 -7.56
N GLY D 230 -22.06 -9.38 -6.47
CA GLY D 230 -21.22 -10.13 -5.52
C GLY D 230 -21.61 -9.93 -4.06
N GLU D 231 -21.04 -10.80 -3.21
CA GLU D 231 -21.07 -10.76 -1.73
C GLU D 231 -20.85 -9.35 -1.24
N ILE D 232 -21.79 -8.83 -0.44
CA ILE D 232 -21.56 -7.58 0.34
C ILE D 232 -20.78 -7.91 1.64
N VAL D 233 -19.81 -7.08 2.00
CA VAL D 233 -19.10 -7.24 3.26
C VAL D 233 -19.82 -6.63 4.46
N PHE D 234 -20.01 -7.45 5.48
CA PHE D 234 -20.64 -7.04 6.71
C PHE D 234 -19.77 -7.39 7.94
N GLY D 235 -20.30 -7.31 9.15
CA GLY D 235 -19.61 -7.86 10.29
C GLY D 235 -18.74 -6.88 11.03
N ASN D 236 -17.92 -7.41 11.93
CA ASN D 236 -17.17 -6.60 12.88
C ASN D 236 -16.05 -5.92 12.08
N VAL D 237 -15.80 -4.62 12.30
CA VAL D 237 -14.80 -3.89 11.54
C VAL D 237 -13.98 -3.00 12.48
N LYS D 238 -12.72 -2.84 12.14
CA LYS D 238 -11.84 -1.95 12.88
C LYS D 238 -12.16 -0.52 12.52
N PRO D 239 -11.93 0.41 13.45
CA PRO D 239 -12.21 1.81 13.19
C PRO D 239 -11.24 2.39 12.14
N LEU D 240 -11.74 3.33 11.37
CA LEU D 240 -10.98 4.09 10.39
C LEU D 240 -10.42 5.34 11.03
N GLU D 241 -10.95 5.73 12.19
CA GLU D 241 -10.39 6.84 12.98
C GLU D 241 -10.12 6.46 14.42
N PRO D 242 -9.16 7.11 15.09
CA PRO D 242 -8.96 6.89 16.52
C PRO D 242 -10.19 7.13 17.34
N ILE D 243 -10.40 6.24 18.31
CA ILE D 243 -11.48 6.36 19.26
C ILE D 243 -10.90 6.69 20.60
N LYS D 244 -11.42 7.73 21.23
CA LYS D 244 -10.86 8.20 22.49
C LYS D 244 -11.33 7.42 23.73
N ALA D 245 -10.40 7.19 24.65
CA ALA D 245 -10.69 6.64 25.99
C ALA D 245 -11.51 7.61 26.82
N THR E 6 56.41 -3.93 30.90
CA THR E 6 55.96 -4.81 29.79
C THR E 6 54.43 -4.92 29.60
N PRO E 7 53.58 -4.61 30.57
CA PRO E 7 52.15 -4.78 30.32
C PRO E 7 51.72 -3.68 29.39
N ILE E 8 50.67 -3.96 28.64
CA ILE E 8 50.14 -2.98 27.69
C ILE E 8 49.48 -1.84 28.47
N ARG E 9 49.73 -0.60 28.04
CA ARG E 9 49.19 0.53 28.72
C ARG E 9 47.98 1.04 27.96
N VAL E 10 46.83 1.03 28.61
CA VAL E 10 45.55 1.37 27.98
C VAL E 10 44.92 2.58 28.71
N VAL E 11 44.42 3.58 27.97
CA VAL E 11 43.73 4.68 28.56
C VAL E 11 42.27 4.57 28.08
N VAL E 12 41.35 4.47 29.02
CA VAL E 12 39.91 4.38 28.72
C VAL E 12 39.37 5.81 28.78
N TRP E 13 38.95 6.29 27.65
CA TRP E 13 38.44 7.67 27.58
C TRP E 13 36.94 7.64 27.51
N ASN E 14 36.26 8.45 28.32
CA ASN E 14 34.80 8.50 28.37
C ASN E 14 34.32 9.93 28.46
N GLU E 15 33.30 10.22 27.71
CA GLU E 15 32.69 11.58 27.75
C GLU E 15 32.26 11.89 29.19
N PHE E 16 31.64 10.93 29.88
CA PHE E 16 31.26 11.04 31.29
C PHE E 16 30.31 12.21 31.57
N ARG E 17 29.28 12.33 30.75
CA ARG E 17 28.17 13.25 30.99
C ARG E 17 26.93 12.51 31.48
N HIS E 18 26.48 11.52 30.74
CA HIS E 18 25.27 10.82 31.10
C HIS E 18 25.24 10.35 32.52
N GLU E 19 26.37 9.83 33.01
CA GLU E 19 26.43 9.30 34.36
C GLU E 19 26.28 10.33 35.47
N LYS E 20 26.41 11.63 35.12
CA LYS E 20 26.17 12.76 36.00
C LYS E 20 24.76 13.37 35.76
N LYS E 21 24.17 13.15 34.60
CA LYS E 21 22.93 13.87 34.18
C LYS E 21 21.73 13.04 34.48
N ASP E 22 21.86 11.71 34.41
CA ASP E 22 20.68 10.84 34.46
C ASP E 22 20.81 9.88 35.60
N GLU E 23 19.91 10.00 36.57
CA GLU E 23 20.07 9.18 37.77
C GLU E 23 19.93 7.68 37.47
N GLN E 24 19.25 7.35 36.38
CA GLN E 24 19.10 5.93 35.99
C GLN E 24 20.43 5.33 35.51
N VAL E 25 21.18 6.15 34.80
CA VAL E 25 22.48 5.79 34.28
C VAL E 25 23.47 5.74 35.46
N ARG E 26 23.44 6.77 36.30
CA ARG E 26 24.34 6.86 37.46
C ARG E 26 24.16 5.64 38.40
N ALA E 27 22.97 5.07 38.45
CA ALA E 27 22.74 3.90 39.28
C ALA E 27 23.42 2.66 38.72
N ILE E 28 23.59 2.57 37.41
CA ILE E 28 24.34 1.46 36.78
C ILE E 28 25.83 1.70 36.84
N TYR E 29 26.23 2.96 36.61
CA TYR E 29 27.65 3.35 36.40
C TYR E 29 27.99 4.59 37.28
N PRO E 30 27.97 4.39 38.58
CA PRO E 30 28.08 5.49 39.56
C PRO E 30 29.38 6.28 39.43
N GLU E 31 30.44 5.60 38.99
CA GLU E 31 31.75 6.22 38.77
C GLU E 31 32.14 6.30 37.33
N GLY E 32 31.16 6.11 36.46
CA GLY E 32 31.37 6.18 35.05
C GLY E 32 31.65 4.85 34.41
N MET E 33 31.33 4.73 33.12
CA MET E 33 31.62 3.49 32.36
C MET E 33 33.13 3.27 32.25
N HIS E 34 33.90 4.35 32.22
CA HIS E 34 35.33 4.22 32.15
C HIS E 34 35.88 3.47 33.33
N THR E 35 35.30 3.69 34.49
CA THR E 35 35.86 3.07 35.70
C THR E 35 35.64 1.58 35.69
N VAL E 36 34.48 1.18 35.22
CA VAL E 36 34.12 -0.23 35.12
C VAL E 36 35.00 -0.95 34.10
N ILE E 37 35.24 -0.32 32.94
CA ILE E 37 36.05 -0.96 31.87
C ILE E 37 37.52 -1.00 32.30
N ALA E 38 38.01 0.12 32.79
CA ALA E 38 39.40 0.18 33.27
C ALA E 38 39.71 -0.78 34.42
N SER E 39 38.76 -0.93 35.34
CA SER E 39 38.88 -1.88 36.47
C SER E 39 39.05 -3.32 35.98
N TYR E 40 38.22 -3.70 35.00
CA TYR E 40 38.32 -5.00 34.39
C TYR E 40 39.67 -5.23 33.72
N LEU E 41 40.12 -4.23 32.98
CA LEU E 41 41.36 -4.32 32.28
C LEU E 41 42.52 -4.41 33.27
N ALA E 42 42.48 -3.66 34.37
CA ALA E 42 43.55 -3.77 35.37
C ALA E 42 43.59 -5.19 35.96
N GLU E 43 42.42 -5.73 36.31
CA GLU E 43 42.36 -7.10 36.85
C GLU E 43 42.82 -8.14 35.81
N ALA E 44 42.66 -7.82 34.53
CA ALA E 44 43.17 -8.65 33.46
C ALA E 44 44.69 -8.50 33.20
N GLY E 45 45.38 -7.67 33.95
CA GLY E 45 46.81 -7.54 33.78
C GLY E 45 47.30 -6.36 32.96
N PHE E 46 46.38 -5.52 32.46
CA PHE E 46 46.79 -4.32 31.73
C PHE E 46 47.13 -3.17 32.67
N ASP E 47 47.99 -2.26 32.22
CA ASP E 47 48.29 -1.03 32.95
C ASP E 47 47.23 -0.02 32.52
N ALA E 48 46.12 0.05 33.24
CA ALA E 48 44.97 0.87 32.79
C ALA E 48 44.88 2.23 33.49
N ALA E 49 44.38 3.25 32.76
CA ALA E 49 44.13 4.55 33.30
C ALA E 49 42.87 5.03 32.63
N THR E 50 42.36 6.17 33.08
CA THR E 50 41.18 6.72 32.44
C THR E 50 41.39 8.19 32.10
N ALA E 51 40.51 8.71 31.28
CA ALA E 51 40.52 10.15 30.92
C ALA E 51 39.10 10.51 30.56
N VAL E 52 38.74 11.77 30.70
CA VAL E 52 37.37 12.17 30.40
C VAL E 52 37.35 13.52 29.76
N LEU E 53 36.22 13.85 29.22
CA LEU E 53 36.05 15.09 28.49
C LEU E 53 36.36 16.31 29.32
N ASP E 54 35.87 16.37 30.55
CA ASP E 54 35.86 17.65 31.33
C ASP E 54 37.15 17.71 32.18
N GLU E 55 38.26 17.24 31.60
CA GLU E 55 39.66 17.30 32.17
C GLU E 55 40.37 18.35 31.23
N PRO E 56 41.47 19.02 31.64
CA PRO E 56 42.27 19.74 30.65
C PRO E 56 42.77 18.82 29.54
N GLU E 57 42.61 19.30 28.29
CA GLU E 57 42.99 18.58 27.07
C GLU E 57 42.27 17.24 27.01
N HIS E 58 41.12 17.19 27.67
CA HIS E 58 40.29 15.98 27.82
C HIS E 58 41.10 14.80 28.32
N GLY E 59 42.11 15.09 29.14
CA GLY E 59 42.98 14.07 29.72
C GLY E 59 43.97 13.46 28.75
N LEU E 60 44.03 13.97 27.52
CA LEU E 60 44.83 13.42 26.45
C LEU E 60 45.96 14.38 26.04
N THR E 61 46.80 14.70 27.02
CA THR E 61 47.99 15.48 26.77
C THR E 61 48.98 14.68 25.94
N ASP E 62 49.98 15.37 25.40
CA ASP E 62 51.10 14.71 24.72
C ASP E 62 51.74 13.67 25.67
N GLU E 63 51.89 14.02 26.95
CA GLU E 63 52.55 13.11 27.90
C GLU E 63 51.75 11.85 28.00
N VAL E 64 50.44 12.00 28.15
CA VAL E 64 49.55 10.84 28.35
C VAL E 64 49.55 9.95 27.10
N LEU E 65 49.43 10.56 25.93
CA LEU E 65 49.31 9.82 24.67
C LEU E 65 50.62 9.17 24.29
N ASP E 66 51.76 9.79 24.63
CA ASP E 66 52.99 9.11 24.32
C ASP E 66 53.19 7.84 25.14
N ARG E 67 52.57 7.71 26.32
CA ARG E 67 52.68 6.46 27.13
C ARG E 67 51.54 5.51 26.85
N CYS E 68 50.63 5.93 25.97
CA CYS E 68 49.41 5.14 25.73
C CYS E 68 49.62 4.16 24.59
N ASP E 69 49.51 2.84 24.81
CA ASP E 69 49.64 1.90 23.73
C ASP E 69 48.31 1.73 23.01
N VAL E 70 47.22 1.71 23.76
CA VAL E 70 45.83 1.61 23.19
C VAL E 70 44.86 2.52 23.90
N LEU E 71 44.06 3.27 23.12
CA LEU E 71 43.10 4.19 23.61
C LEU E 71 41.71 3.61 23.34
N VAL E 72 40.85 3.53 24.34
CA VAL E 72 39.45 3.10 24.20
C VAL E 72 38.60 4.39 24.27
N TRP E 73 37.49 4.47 23.53
CA TRP E 73 36.80 5.76 23.36
C TRP E 73 35.30 5.51 23.40
N TRP E 74 34.62 6.10 24.38
CA TRP E 74 33.12 6.16 24.38
C TRP E 74 32.66 7.63 24.41
N GLY E 75 31.74 7.99 23.53
CA GLY E 75 31.16 9.34 23.58
C GLY E 75 29.75 9.28 23.04
N HIS E 76 29.00 10.37 23.18
CA HIS E 76 27.61 10.34 22.73
C HIS E 76 26.98 11.69 22.46
N ILE E 77 26.84 12.49 23.51
CA ILE E 77 26.03 13.73 23.43
C ILE E 77 26.89 14.93 23.40
N ALA E 78 28.22 14.73 23.46
CA ALA E 78 29.16 15.87 23.40
C ALA E 78 30.36 15.68 22.47
N HIS E 79 30.16 14.97 21.34
CA HIS E 79 31.24 14.69 20.41
C HIS E 79 31.91 16.02 19.93
N ASP E 80 31.10 17.04 19.77
CA ASP E 80 31.53 18.33 19.24
C ASP E 80 32.44 19.10 20.18
N GLU E 81 32.43 18.70 21.46
CA GLU E 81 33.19 19.43 22.52
C GLU E 81 34.63 18.98 22.62
N VAL E 82 34.95 17.89 21.92
CA VAL E 82 36.32 17.42 21.85
C VAL E 82 37.11 18.33 20.88
N LYS E 83 38.06 19.07 21.42
CA LYS E 83 38.78 20.04 20.62
C LYS E 83 39.55 19.44 19.44
N ASP E 84 39.49 20.12 18.31
CA ASP E 84 40.19 19.69 17.09
C ASP E 84 41.68 19.42 17.33
N GLU E 85 42.32 20.26 18.17
CA GLU E 85 43.73 20.05 18.50
C GLU E 85 43.97 18.63 19.10
N VAL E 86 43.07 18.21 19.97
CA VAL E 86 43.20 16.90 20.63
C VAL E 86 42.89 15.82 19.62
N VAL E 87 41.85 16.00 18.80
CA VAL E 87 41.53 14.98 17.78
C VAL E 87 42.74 14.79 16.83
N GLU E 88 43.39 15.89 16.42
CA GLU E 88 44.55 15.82 15.52
C GLU E 88 45.71 15.08 16.20
N ARG E 89 45.91 15.36 17.49
CA ARG E 89 46.92 14.66 18.32
C ARG E 89 46.73 13.13 18.37
N VAL E 90 45.50 12.74 18.60
CA VAL E 90 45.16 11.32 18.72
C VAL E 90 45.34 10.70 17.35
N HIS E 91 44.85 11.37 16.32
CA HIS E 91 44.96 10.86 14.93
C HIS E 91 46.43 10.58 14.52
N ARG E 92 47.32 11.50 14.85
CA ARG E 92 48.69 11.32 14.59
C ARG E 92 49.21 10.10 15.33
N ARG E 93 48.81 9.92 16.56
CA ARG E 93 49.31 8.79 17.36
C ARG E 93 48.82 7.46 16.81
N VAL E 94 47.58 7.41 16.39
CA VAL E 94 47.06 6.20 15.75
C VAL E 94 47.87 5.82 14.50
N LEU E 95 48.15 6.80 13.67
CA LEU E 95 48.89 6.59 12.44
C LEU E 95 50.30 6.09 12.68
N GLU E 96 50.87 6.50 13.78
CA GLU E 96 52.18 6.04 14.31
C GLU E 96 52.20 4.71 14.99
N GLY E 97 51.00 4.16 15.24
CA GLY E 97 50.93 2.80 15.79
C GLY E 97 50.04 2.62 17.01
N MET E 98 49.51 3.69 17.59
CA MET E 98 48.73 3.57 18.82
C MET E 98 47.41 2.87 18.44
N GLY E 99 47.01 1.87 19.21
CA GLY E 99 45.67 1.24 19.02
C GLY E 99 44.48 2.13 19.41
N LEU E 100 43.31 1.82 18.82
CA LEU E 100 42.16 2.54 19.11
C LEU E 100 40.97 1.61 19.13
N ILE E 101 40.26 1.58 20.23
CA ILE E 101 38.99 0.74 20.31
C ILE E 101 37.87 1.76 20.48
N VAL E 102 36.95 1.78 19.54
CA VAL E 102 35.84 2.74 19.55
C VAL E 102 34.60 2.01 19.97
N LEU E 103 33.86 2.53 20.96
CA LEU E 103 32.70 1.79 21.56
C LEU E 103 31.41 2.49 21.26
N HIS E 104 30.43 1.74 20.81
CA HIS E 104 29.04 2.17 20.76
C HIS E 104 28.90 3.55 20.05
N SER E 105 28.40 4.53 20.76
CA SER E 105 28.12 5.86 20.20
C SER E 105 29.40 6.61 19.86
N GLY E 106 30.54 6.02 20.21
CA GLY E 106 31.84 6.47 19.61
C GLY E 106 31.90 6.47 18.11
N HIS E 107 30.98 5.78 17.41
CA HIS E 107 30.99 5.73 15.97
C HIS E 107 30.83 7.16 15.39
N PHE E 108 30.33 8.07 16.18
CA PHE E 108 30.07 9.47 15.72
C PHE E 108 31.11 10.41 16.32
N SER E 109 32.13 9.88 16.97
CA SER E 109 33.18 10.74 17.51
C SER E 109 33.95 11.39 16.41
N LYS E 110 34.53 12.56 16.67
CA LYS E 110 35.35 13.15 15.68
C LYS E 110 36.50 12.29 15.25
N ILE E 111 37.18 11.61 16.16
CA ILE E 111 38.32 10.79 15.80
C ILE E 111 37.94 9.63 14.88
N PHE E 112 36.88 8.90 15.20
CA PHE E 112 36.47 7.80 14.34
C PHE E 112 36.06 8.32 13.00
N LYS E 113 35.25 9.37 12.93
CA LYS E 113 34.90 9.93 11.62
C LYS E 113 36.10 10.36 10.80
N LYS E 114 37.09 10.94 11.43
CA LYS E 114 38.27 11.36 10.77
C LYS E 114 39.04 10.18 10.15
N LEU E 115 39.22 9.10 10.92
CA LEU E 115 39.95 7.98 10.46
C LEU E 115 39.22 7.20 9.36
N MET E 116 37.90 7.27 9.41
CA MET E 116 37.07 6.53 8.44
C MET E 116 36.85 7.30 7.11
N GLY E 117 36.68 8.63 7.15
CA GLY E 117 36.55 9.37 5.92
C GLY E 117 35.11 9.39 5.41
N THR E 118 34.22 8.85 6.23
CA THR E 118 32.76 8.80 5.90
C THR E 118 31.90 9.38 7.03
N THR E 119 30.55 9.44 6.88
CA THR E 119 29.76 10.07 7.97
C THR E 119 29.66 9.22 9.20
N CYS E 120 29.88 7.87 9.06
CA CYS E 120 29.62 6.91 10.13
C CYS E 120 28.17 6.95 10.66
N ASN E 121 27.22 7.46 9.87
CA ASN E 121 25.85 7.45 10.30
C ASN E 121 25.27 6.05 10.17
N LEU E 122 24.06 5.89 10.69
CA LEU E 122 23.38 4.58 10.79
C LEU E 122 21.93 4.77 11.20
N LYS E 123 21.15 3.71 11.13
CA LYS E 123 19.81 3.69 11.65
C LYS E 123 19.90 3.34 13.12
N TRP E 124 18.95 3.80 13.94
CA TRP E 124 18.94 3.50 15.37
C TRP E 124 17.55 3.52 16.00
N ARG E 125 17.46 2.95 17.19
CA ARG E 125 16.23 2.90 17.97
C ARG E 125 16.50 2.50 19.39
N GLU E 126 15.99 3.29 20.33
CA GLU E 126 16.11 2.96 21.76
C GLU E 126 14.80 2.30 22.22
N ALA E 127 14.79 0.97 22.31
CA ALA E 127 13.55 0.25 22.61
C ALA E 127 13.76 -0.96 23.52
N ASP E 128 14.91 -1.00 24.21
CA ASP E 128 15.23 -2.02 25.18
C ASP E 128 15.09 -3.41 24.58
N GLU E 129 15.54 -3.58 23.34
CA GLU E 129 15.35 -4.85 22.63
C GLU E 129 16.52 -5.78 22.68
N LYS E 130 16.27 -7.04 22.40
CA LYS E 130 17.36 -8.03 22.43
C LYS E 130 18.33 -7.91 21.25
N GLU E 131 19.65 -8.07 21.52
CA GLU E 131 20.72 -8.12 20.52
C GLU E 131 21.47 -9.45 20.64
N ARG E 132 21.67 -10.15 19.53
CA ARG E 132 22.54 -11.37 19.51
C ARG E 132 23.75 -11.05 18.62
N LEU E 133 24.95 -10.94 19.17
CA LEU E 133 26.11 -10.68 18.39
C LEU E 133 26.74 -11.95 17.93
N TRP E 134 26.62 -12.28 16.65
CA TRP E 134 27.13 -13.52 16.15
C TRP E 134 28.60 -13.40 15.71
N VAL E 135 29.44 -14.36 16.09
CA VAL E 135 30.81 -14.33 15.65
C VAL E 135 30.94 -14.78 14.20
N VAL E 136 31.61 -13.99 13.39
CA VAL E 136 31.82 -14.34 11.99
C VAL E 136 33.29 -14.43 11.61
N ALA E 137 34.20 -14.28 12.57
CA ALA E 137 35.63 -14.49 12.35
C ALA E 137 36.09 -15.36 13.50
N PRO E 138 35.72 -16.62 13.49
CA PRO E 138 35.88 -17.45 14.68
C PRO E 138 37.32 -17.79 15.13
N GLY E 139 38.29 -17.52 14.27
CA GLY E 139 39.72 -17.75 14.62
C GLY E 139 40.39 -16.43 15.03
N HIS E 140 39.66 -15.34 15.05
CA HIS E 140 40.30 -14.02 15.37
C HIS E 140 40.68 -13.87 16.83
N PRO E 141 41.87 -13.31 17.17
CA PRO E 141 42.18 -13.08 18.59
C PRO E 141 41.11 -12.35 19.41
N ILE E 142 40.36 -11.44 18.78
CA ILE E 142 39.36 -10.69 19.51
C ILE E 142 38.28 -11.59 20.11
N VAL E 143 38.02 -12.74 19.49
CA VAL E 143 37.00 -13.62 20.06
C VAL E 143 37.54 -14.83 20.85
N GLU E 144 38.78 -14.74 21.30
CA GLU E 144 39.31 -15.77 22.18
C GLU E 144 38.39 -15.91 23.40
N GLY E 145 37.93 -17.13 23.68
CA GLY E 145 37.12 -17.34 24.87
C GLY E 145 35.65 -16.95 24.74
N ILE E 146 35.22 -16.60 23.53
CA ILE E 146 33.83 -16.21 23.26
C ILE E 146 33.17 -17.38 22.54
N GLY E 147 31.89 -17.62 22.83
CA GLY E 147 31.14 -18.73 22.17
C GLY E 147 30.68 -18.25 20.81
N PRO E 148 29.71 -18.93 20.19
CA PRO E 148 29.23 -18.58 18.85
C PRO E 148 28.54 -17.23 18.78
N TYR E 149 27.98 -16.77 19.88
CA TYR E 149 27.36 -15.45 19.96
C TYR E 149 27.39 -14.96 21.40
N ILE E 150 27.26 -13.65 21.55
CA ILE E 150 26.97 -12.96 22.79
C ILE E 150 25.54 -12.46 22.76
N GLU E 151 24.73 -12.76 23.77
CA GLU E 151 23.33 -12.31 23.80
C GLU E 151 23.22 -11.24 24.87
N LEU E 152 22.69 -10.07 24.49
CA LEU E 152 22.38 -9.01 25.42
C LEU E 152 20.86 -8.87 25.47
N GLU E 153 20.29 -8.91 26.66
CA GLU E 153 18.82 -8.91 26.78
C GLU E 153 18.18 -7.61 26.38
N GLN E 154 18.88 -6.51 26.64
CA GLN E 154 18.43 -5.18 26.28
C GLN E 154 19.57 -4.39 25.71
N GLU E 155 19.37 -3.75 24.56
CA GLU E 155 20.34 -2.77 24.04
C GLU E 155 19.64 -1.76 23.15
N GLU E 156 20.38 -0.76 22.74
CA GLU E 156 19.92 0.21 21.73
C GLU E 156 20.29 -0.36 20.41
N MET E 157 19.30 -0.47 19.54
CA MET E 157 19.54 -0.90 18.19
C MET E 157 20.29 0.10 17.35
N TYR E 158 21.34 -0.36 16.65
CA TYR E 158 21.93 0.25 15.45
C TYR E 158 21.70 -0.67 14.26
N GLY E 159 21.45 -0.09 13.11
CA GLY E 159 21.14 -0.87 11.92
C GLY E 159 21.88 -0.39 10.67
N GLU E 160 22.10 -1.34 9.78
CA GLU E 160 22.65 -1.05 8.48
C GLU E 160 21.63 -0.21 7.66
N PHE E 161 22.09 0.61 6.75
CA PHE E 161 23.49 0.77 6.35
C PHE E 161 24.22 1.67 7.35
N PHE E 162 25.37 1.14 7.81
CA PHE E 162 26.32 1.83 8.63
C PHE E 162 27.37 2.47 7.68
N ASP E 163 27.49 3.79 7.63
CA ASP E 163 28.30 4.42 6.60
C ASP E 163 29.75 4.43 7.00
N ILE E 164 30.38 3.28 6.94
CA ILE E 164 31.84 3.11 7.19
C ILE E 164 32.49 2.57 5.93
N PRO E 165 33.81 2.70 5.80
CA PRO E 165 34.53 2.02 4.76
C PRO E 165 34.43 0.53 5.12
N GLU E 166 34.51 -0.34 4.14
CA GLU E 166 34.45 -1.77 4.37
C GLU E 166 35.56 -2.14 5.35
N PRO E 167 35.24 -2.84 6.42
CA PRO E 167 36.32 -3.17 7.40
C PRO E 167 37.35 -4.11 6.82
N ASP E 168 38.54 -4.04 7.36
CA ASP E 168 39.50 -5.04 7.12
C ASP E 168 38.96 -6.42 7.43
N GLU E 169 38.40 -6.57 8.63
CA GLU E 169 37.66 -7.82 9.00
C GLU E 169 36.39 -7.51 9.77
N THR E 170 35.27 -8.19 9.45
CA THR E 170 34.13 -8.13 10.26
C THR E 170 34.21 -9.27 11.25
N ILE E 171 34.14 -8.96 12.52
CA ILE E 171 34.27 -9.95 13.63
C ILE E 171 32.93 -10.38 14.20
N PHE E 172 31.98 -9.46 14.28
CA PHE E 172 30.64 -9.76 14.79
C PHE E 172 29.61 -9.15 13.82
N ILE E 173 28.50 -9.87 13.65
CA ILE E 173 27.31 -9.28 13.01
C ILE E 173 26.18 -9.43 14.04
N SER E 174 25.43 -8.34 14.31
CA SER E 174 24.34 -8.39 15.27
C SER E 174 23.00 -8.62 14.58
N TRP E 175 22.21 -9.43 15.25
CA TRP E 175 20.79 -9.60 15.00
C TRP E 175 20.04 -8.80 16.08
N PHE E 176 19.02 -7.99 15.72
CA PHE E 176 18.23 -7.26 16.66
C PHE E 176 16.76 -7.74 16.54
N GLU E 177 16.12 -7.80 17.66
CA GLU E 177 14.73 -8.28 17.77
C GLU E 177 13.79 -7.56 16.81
N GLY E 178 14.02 -6.28 16.62
CA GLY E 178 13.13 -5.44 15.81
C GLY E 178 13.30 -5.53 14.28
N GLY E 179 14.26 -6.38 13.83
CA GLY E 179 14.43 -6.71 12.40
C GLY E 179 15.63 -6.28 11.61
N GLU E 180 16.59 -5.62 12.26
CA GLU E 180 17.74 -5.08 11.69
C GLU E 180 18.98 -5.92 11.99
N VAL E 181 20.03 -5.67 11.22
CA VAL E 181 21.34 -6.31 11.46
C VAL E 181 22.39 -5.23 11.52
N PHE E 182 23.58 -5.56 11.95
CA PHE E 182 24.62 -4.49 12.04
C PHE E 182 25.99 -5.16 12.09
N ARG E 183 26.97 -4.63 11.37
CA ARG E 183 28.39 -5.07 11.49
C ARG E 183 28.96 -4.48 12.79
N SER E 184 28.85 -5.26 13.86
CA SER E 184 28.99 -4.78 15.26
C SER E 184 30.37 -4.94 15.79
N GLY E 185 31.23 -5.65 15.09
CA GLY E 185 32.68 -5.69 15.42
C GLY E 185 33.44 -5.64 14.13
N CYS E 186 34.26 -4.59 13.96
CA CYS E 186 34.88 -4.32 12.68
C CYS E 186 36.31 -3.88 13.00
N THR E 187 37.26 -4.39 12.26
CA THR E 187 38.68 -3.94 12.42
C THR E 187 39.08 -3.09 11.25
N PHE E 188 40.00 -2.15 11.47
CA PHE E 188 40.59 -1.40 10.41
C PHE E 188 42.06 -1.14 10.78
N THR E 189 42.87 -0.86 9.81
CA THR E 189 44.27 -0.36 10.07
C THR E 189 44.37 1.01 9.42
N ARG E 190 45.02 1.93 10.13
CA ARG E 190 45.28 3.25 9.61
C ARG E 190 46.71 3.58 10.01
N GLY E 191 47.56 3.75 9.00
CA GLY E 191 49.02 3.85 9.21
C GLY E 191 49.47 2.57 9.82
N LYS E 192 50.18 2.70 10.94
CA LYS E 192 50.58 1.56 11.75
C LYS E 192 49.51 1.14 12.79
N GLY E 193 48.43 1.88 12.96
CA GLY E 193 47.56 1.79 14.09
C GLY E 193 46.43 0.83 13.75
N LYS E 194 46.11 -0.03 14.70
CA LYS E 194 44.98 -0.97 14.60
C LYS E 194 43.78 -0.43 15.35
N ILE E 195 42.61 -0.44 14.66
CA ILE E 195 41.37 0.06 15.17
C ILE E 195 40.31 -1.00 15.23
N PHE E 196 39.59 -1.08 16.35
CA PHE E 196 38.44 -2.04 16.47
C PHE E 196 37.24 -1.19 16.88
N TYR E 197 36.18 -1.31 16.10
CA TYR E 197 34.91 -0.73 16.43
C TYR E 197 34.03 -1.83 17.03
N PHE E 198 33.55 -1.62 18.23
CA PHE E 198 32.63 -2.60 18.98
C PHE E 198 31.32 -1.92 19.41
N ARG E 199 30.18 -2.43 18.95
CA ARG E 199 28.93 -1.73 18.99
C ARG E 199 28.33 -1.63 20.39
N PRO E 200 28.28 -2.72 21.17
CA PRO E 200 27.49 -2.65 22.40
C PRO E 200 27.98 -1.61 23.40
N GLY E 201 27.04 -1.01 24.14
CA GLY E 201 27.44 -0.03 25.17
C GLY E 201 26.52 1.11 25.50
N HIS E 202 25.22 0.95 25.30
CA HIS E 202 24.32 2.06 25.64
C HIS E 202 24.27 2.36 27.13
N GLU E 203 24.33 3.66 27.44
CA GLU E 203 24.45 4.11 28.81
C GLU E 203 23.35 3.67 29.77
N THR E 204 22.15 3.36 29.26
CA THR E 204 21.07 3.03 30.13
C THR E 204 20.94 1.55 30.43
N TYR E 205 21.84 0.72 29.88
CA TYR E 205 21.85 -0.72 30.10
C TYR E 205 23.18 -1.11 30.67
N PRO E 206 23.22 -2.15 31.50
CA PRO E 206 24.47 -2.59 32.15
C PRO E 206 25.41 -3.44 31.30
N THR E 207 25.57 -3.04 30.05
CA THR E 207 26.29 -3.78 29.01
C THR E 207 27.73 -3.98 29.39
N TYR E 208 28.34 -2.98 30.01
CA TYR E 208 29.72 -3.13 30.45
C TYR E 208 29.90 -3.88 31.75
N HIS E 209 28.82 -4.46 32.24
CA HIS E 209 28.91 -5.45 33.31
C HIS E 209 28.79 -6.89 32.78
N HIS E 210 28.58 -7.06 31.48
CA HIS E 210 28.45 -8.38 30.88
C HIS E 210 29.85 -8.96 30.69
N PRO E 211 30.13 -10.13 31.24
CA PRO E 211 31.48 -10.69 31.14
C PRO E 211 32.05 -10.91 29.73
N ASP E 212 31.23 -11.31 28.76
CA ASP E 212 31.70 -11.51 27.41
C ASP E 212 32.03 -10.17 26.70
N VAL E 213 31.21 -9.13 26.93
CA VAL E 213 31.52 -7.83 26.38
C VAL E 213 32.91 -7.40 26.88
N LEU E 214 33.13 -7.50 28.16
CA LEU E 214 34.42 -7.04 28.75
C LEU E 214 35.58 -7.89 28.19
N LYS E 215 35.34 -9.20 28.03
CA LYS E 215 36.38 -10.08 27.51
C LYS E 215 36.74 -9.70 26.08
N VAL E 216 35.76 -9.26 25.23
CA VAL E 216 36.05 -8.87 23.87
C VAL E 216 36.91 -7.62 23.98
N ILE E 217 36.53 -6.69 24.83
CA ILE E 217 37.30 -5.44 24.90
C ILE E 217 38.76 -5.75 25.32
N ALA E 218 38.95 -6.60 26.32
CA ALA E 218 40.33 -7.00 26.76
C ALA E 218 41.09 -7.65 25.59
N ASN E 219 40.45 -8.63 24.94
CA ASN E 219 41.04 -9.24 23.79
C ASN E 219 41.48 -8.21 22.70
N ALA E 220 40.59 -7.23 22.43
CA ALA E 220 40.86 -6.30 21.39
C ALA E 220 42.02 -5.36 21.77
N VAL E 221 42.14 -5.09 23.05
CA VAL E 221 43.25 -4.22 23.55
C VAL E 221 44.56 -4.96 23.32
N ARG E 222 44.60 -6.27 23.55
CA ARG E 222 45.81 -7.00 23.28
C ARG E 222 46.11 -7.04 21.80
N TRP E 223 45.06 -7.26 20.99
CA TRP E 223 45.16 -7.29 19.56
C TRP E 223 45.68 -5.97 18.97
N ALA E 224 45.26 -4.87 19.55
CA ALA E 224 45.50 -3.55 18.98
C ALA E 224 46.81 -2.98 19.47
N ALA E 225 47.55 -3.72 20.26
CA ALA E 225 48.79 -3.14 20.81
C ALA E 225 49.81 -2.86 19.68
N PRO E 226 50.58 -1.78 19.79
CA PRO E 226 51.46 -1.37 18.73
C PRO E 226 52.53 -2.35 18.38
N VAL E 227 52.88 -2.35 17.11
CA VAL E 227 54.12 -2.91 16.63
C VAL E 227 54.84 -1.86 15.80
N ASN E 228 56.14 -1.86 15.97
CA ASN E 228 57.00 -0.88 15.27
C ASN E 228 56.51 0.53 15.43
N ARG E 229 56.04 0.86 16.64
CA ARG E 229 55.47 2.21 16.87
C ARG E 229 56.51 3.29 16.62
N GLY E 230 56.06 4.37 15.96
CA GLY E 230 56.93 5.52 15.71
C GLY E 230 56.62 6.08 14.33
N GLU E 231 57.25 7.22 14.02
CA GLU E 231 57.29 7.85 12.67
C GLU E 231 57.73 6.94 11.52
N ILE E 232 56.93 6.95 10.43
CA ILE E 232 57.38 6.31 9.18
C ILE E 232 58.14 7.38 8.41
N VAL E 233 59.20 6.94 7.73
CA VAL E 233 59.96 7.79 6.81
C VAL E 233 59.25 7.95 5.45
N PHE E 234 59.04 9.20 5.06
CA PHE E 234 58.45 9.55 3.79
C PHE E 234 59.34 10.55 3.07
N GLY E 235 58.95 11.00 1.89
CA GLY E 235 59.66 12.04 1.19
C GLY E 235 60.73 11.59 0.18
N ASN E 236 61.62 12.51 -0.18
CA ASN E 236 62.49 12.33 -1.30
C ASN E 236 63.57 11.32 -0.96
N VAL E 237 63.80 10.33 -1.82
CA VAL E 237 64.84 9.27 -1.58
C VAL E 237 65.71 9.03 -2.78
N LYS E 238 67.00 8.79 -2.54
CA LYS E 238 67.92 8.43 -3.55
C LYS E 238 67.66 6.99 -4.01
N PRO E 239 68.02 6.70 -5.24
CA PRO E 239 67.80 5.38 -5.77
C PRO E 239 68.68 4.32 -5.16
N LEU E 240 68.15 3.11 -5.12
CA LEU E 240 68.88 1.95 -4.62
C LEU E 240 69.53 1.17 -5.75
N GLU E 241 69.09 1.40 -6.98
CA GLU E 241 69.55 0.64 -8.14
C GLU E 241 69.73 1.64 -9.24
N PRO E 242 70.49 1.30 -10.30
CA PRO E 242 70.80 2.23 -11.39
C PRO E 242 69.58 2.66 -12.21
N ILE E 243 69.52 3.95 -12.52
CA ILE E 243 68.56 4.49 -13.44
C ILE E 243 69.30 4.72 -14.74
N LYS E 244 68.96 3.88 -15.71
CA LYS E 244 69.78 3.71 -16.91
C LYS E 244 69.50 4.72 -17.99
N ALA E 245 70.53 4.94 -18.81
CA ALA E 245 70.38 5.74 -20.01
C ALA E 245 69.41 5.12 -20.98
N THR F 6 53.16 -23.64 27.60
CA THR F 6 52.91 -22.32 26.94
C THR F 6 53.66 -22.06 25.65
N PRO F 7 54.83 -22.67 25.34
CA PRO F 7 55.46 -22.32 24.07
C PRO F 7 54.55 -22.77 22.92
N ILE F 8 54.47 -21.98 21.87
CA ILE F 8 53.79 -22.41 20.66
C ILE F 8 54.54 -23.60 20.03
N ARG F 9 53.78 -24.62 19.68
CA ARG F 9 54.29 -25.85 19.07
C ARG F 9 54.25 -25.82 17.52
N VAL F 10 55.42 -25.82 16.91
CA VAL F 10 55.55 -25.65 15.49
C VAL F 10 56.20 -26.89 14.88
N VAL F 11 55.64 -27.33 13.75
CA VAL F 11 56.26 -28.38 12.97
C VAL F 11 56.71 -27.83 11.64
N VAL F 12 58.01 -27.94 11.37
CA VAL F 12 58.60 -27.58 10.11
C VAL F 12 58.65 -28.76 9.15
N TRP F 13 57.76 -28.71 8.14
CA TRP F 13 57.68 -29.74 7.11
C TRP F 13 58.44 -29.34 5.87
N ASN F 14 59.26 -30.27 5.43
CA ASN F 14 60.06 -30.13 4.24
C ASN F 14 60.13 -31.38 3.41
N GLU F 15 60.08 -31.18 2.10
CA GLU F 15 60.10 -32.26 1.14
C GLU F 15 61.41 -33.00 1.32
N PHE F 16 62.51 -32.27 1.53
CA PHE F 16 63.82 -32.88 1.83
C PHE F 16 64.32 -33.90 0.77
N ARG F 17 64.19 -33.48 -0.49
CA ARG F 17 64.78 -34.18 -1.64
C ARG F 17 66.02 -33.45 -2.19
N HIS F 18 65.91 -32.18 -2.51
CA HIS F 18 67.04 -31.45 -3.07
C HIS F 18 68.27 -31.60 -2.22
N GLU F 19 68.11 -31.62 -0.90
CA GLU F 19 69.30 -31.53 -0.04
C GLU F 19 70.03 -32.86 -0.03
N LYS F 20 69.35 -33.93 -0.43
CA LYS F 20 69.96 -35.28 -0.45
C LYS F 20 70.80 -35.54 -1.74
N LYS F 21 70.46 -34.80 -2.78
CA LYS F 21 70.75 -35.10 -4.19
C LYS F 21 71.69 -34.12 -4.86
N ASP F 22 71.38 -32.86 -4.66
CA ASP F 22 72.01 -31.79 -5.35
C ASP F 22 73.14 -31.34 -4.47
N GLU F 23 74.36 -31.55 -4.95
CA GLU F 23 75.57 -31.14 -4.20
C GLU F 23 75.60 -29.68 -3.80
N GLN F 24 75.08 -28.82 -4.67
CA GLN F 24 75.19 -27.39 -4.41
C GLN F 24 74.23 -26.99 -3.29
N VAL F 25 73.07 -27.66 -3.25
CA VAL F 25 72.11 -27.43 -2.16
C VAL F 25 72.60 -28.04 -0.83
N ARG F 26 73.11 -29.26 -0.88
CA ARG F 26 73.65 -29.89 0.31
C ARG F 26 74.75 -29.08 1.01
N ALA F 27 75.53 -28.36 0.23
CA ALA F 27 76.58 -27.54 0.79
C ALA F 27 76.02 -26.42 1.65
N ILE F 28 74.85 -25.88 1.26
CA ILE F 28 74.21 -24.79 2.01
C ILE F 28 73.39 -25.32 3.17
N TYR F 29 72.70 -26.44 2.94
CA TYR F 29 71.78 -26.99 3.89
C TYR F 29 72.04 -28.47 4.09
N PRO F 30 73.13 -28.79 4.74
CA PRO F 30 73.55 -30.17 4.81
C PRO F 30 72.64 -31.05 5.63
N GLU F 31 71.84 -30.48 6.54
CA GLU F 31 70.88 -31.25 7.33
C GLU F 31 69.45 -30.99 6.92
N GLY F 32 69.25 -30.29 5.81
CA GLY F 32 67.90 -29.92 5.32
C GLY F 32 67.60 -28.50 5.73
N MET F 33 66.78 -27.85 4.94
CA MET F 33 66.32 -26.54 5.29
C MET F 33 65.47 -26.54 6.54
N HIS F 34 64.73 -27.63 6.76
CA HIS F 34 63.90 -27.78 7.95
C HIS F 34 64.69 -27.68 9.24
N THR F 35 65.88 -28.26 9.26
CA THR F 35 66.70 -28.23 10.43
C THR F 35 67.11 -26.80 10.76
N VAL F 36 67.44 -26.05 9.74
CA VAL F 36 67.87 -24.64 9.88
C VAL F 36 66.74 -23.78 10.48
N ILE F 37 65.55 -23.95 9.93
CA ILE F 37 64.41 -23.19 10.38
C ILE F 37 63.99 -23.60 11.75
N ALA F 38 63.88 -24.92 12.03
CA ALA F 38 63.44 -25.35 13.36
C ALA F 38 64.43 -24.95 14.45
N SER F 39 65.70 -24.97 14.12
CA SER F 39 66.75 -24.60 15.07
C SER F 39 66.60 -23.15 15.48
N TYR F 40 66.36 -22.27 14.53
CA TYR F 40 66.11 -20.86 14.82
C TYR F 40 64.88 -20.70 15.69
N LEU F 41 63.81 -21.39 15.32
CA LEU F 41 62.58 -21.35 16.10
C LEU F 41 62.78 -21.85 17.53
N ALA F 42 63.56 -22.89 17.72
CA ALA F 42 63.75 -23.40 19.06
C ALA F 42 64.49 -22.32 19.88
N GLU F 43 65.49 -21.73 19.27
CA GLU F 43 66.27 -20.67 19.92
C GLU F 43 65.42 -19.47 20.26
N ALA F 44 64.41 -19.21 19.45
CA ALA F 44 63.49 -18.11 19.64
C ALA F 44 62.39 -18.40 20.66
N GLY F 45 62.38 -19.58 21.25
CA GLY F 45 61.41 -19.90 22.30
C GLY F 45 60.29 -20.89 21.94
N PHE F 46 60.20 -21.29 20.70
CA PHE F 46 59.12 -22.16 20.25
C PHE F 46 59.45 -23.61 20.56
N ASP F 47 58.42 -24.44 20.65
CA ASP F 47 58.64 -25.91 20.80
C ASP F 47 58.62 -26.43 19.37
N ALA F 48 59.79 -26.63 18.78
CA ALA F 48 59.88 -26.84 17.36
C ALA F 48 60.24 -28.24 17.01
N ALA F 49 59.58 -28.79 16.02
CA ALA F 49 59.87 -30.17 15.56
C ALA F 49 59.94 -30.15 14.04
N THR F 50 60.38 -31.24 13.42
CA THR F 50 60.43 -31.28 11.98
C THR F 50 59.68 -32.51 11.48
N ALA F 51 59.35 -32.48 10.20
CA ALA F 51 58.66 -33.59 9.50
C ALA F 51 59.07 -33.54 8.05
N VAL F 52 59.26 -34.70 7.41
CA VAL F 52 59.66 -34.75 6.00
C VAL F 52 58.81 -35.73 5.19
N LEU F 53 58.90 -35.62 3.87
CA LEU F 53 57.99 -36.34 2.96
C LEU F 53 58.19 -37.84 3.14
N ASP F 54 59.43 -38.25 3.25
CA ASP F 54 59.70 -39.74 3.24
C ASP F 54 59.53 -40.45 4.60
N GLU F 55 59.06 -39.75 5.63
CA GLU F 55 58.64 -40.36 6.92
C GLU F 55 57.27 -41.03 6.68
N PRO F 56 56.88 -42.04 7.48
CA PRO F 56 55.51 -42.56 7.41
C PRO F 56 54.48 -41.43 7.59
N GLU F 57 53.50 -41.41 6.70
CA GLU F 57 52.45 -40.39 6.64
C GLU F 57 53.09 -39.00 6.50
N HIS F 58 54.29 -38.99 5.92
CA HIS F 58 55.07 -37.73 5.74
C HIS F 58 55.30 -37.00 7.06
N GLY F 59 55.36 -37.75 8.12
CA GLY F 59 55.54 -37.23 9.46
C GLY F 59 54.33 -36.53 10.01
N LEU F 60 53.17 -36.60 9.31
CA LEU F 60 52.04 -35.83 9.72
C LEU F 60 50.87 -36.76 10.12
N THR F 61 51.14 -37.57 11.13
CA THR F 61 50.14 -38.45 11.73
C THR F 61 49.12 -37.61 12.45
N ASP F 62 47.95 -38.21 12.71
CA ASP F 62 46.98 -37.54 13.55
C ASP F 62 47.58 -37.09 14.89
N GLU F 63 48.46 -37.90 15.49
CA GLU F 63 48.99 -37.58 16.79
C GLU F 63 49.88 -36.36 16.67
N VAL F 64 50.66 -36.27 15.61
CA VAL F 64 51.58 -35.12 15.46
C VAL F 64 50.78 -33.87 15.23
N LEU F 65 49.79 -33.98 14.38
CA LEU F 65 49.05 -32.77 13.96
C LEU F 65 48.23 -32.23 15.10
N ASP F 66 47.72 -33.14 15.94
CA ASP F 66 46.95 -32.75 17.09
C ASP F 66 47.74 -31.98 18.14
N ARG F 67 49.05 -32.10 18.17
CA ARG F 67 49.86 -31.24 19.04
C ARG F 67 50.66 -30.23 18.24
N CYS F 68 50.20 -29.90 17.05
CA CYS F 68 50.88 -28.92 16.23
C CYS F 68 50.02 -27.68 16.21
N ASP F 69 50.55 -26.55 16.66
CA ASP F 69 49.78 -25.32 16.64
C ASP F 69 49.93 -24.62 15.29
N VAL F 70 51.15 -24.67 14.74
CA VAL F 70 51.50 -24.08 13.45
C VAL F 70 52.37 -25.00 12.62
N LEU F 71 51.95 -25.21 11.37
CA LEU F 71 52.69 -25.97 10.40
C LEU F 71 53.35 -25.10 9.38
N VAL F 72 54.66 -25.31 9.22
CA VAL F 72 55.46 -24.64 8.21
C VAL F 72 55.74 -25.59 7.06
N TRP F 73 55.53 -25.15 5.82
CA TRP F 73 55.56 -26.03 4.64
C TRP F 73 56.48 -25.58 3.52
N TRP F 74 57.53 -26.38 3.21
CA TRP F 74 58.35 -26.15 2.03
C TRP F 74 58.32 -27.39 1.12
N GLY F 75 58.01 -27.21 -0.17
CA GLY F 75 58.08 -28.24 -1.19
C GLY F 75 58.43 -27.70 -2.54
N HIS F 76 58.77 -28.57 -3.49
CA HIS F 76 59.17 -28.14 -4.82
C HIS F 76 58.99 -29.18 -5.90
N ILE F 77 59.75 -30.28 -5.79
CA ILE F 77 59.82 -31.21 -6.91
C ILE F 77 59.04 -32.49 -6.65
N ALA F 78 58.36 -32.57 -5.52
CA ALA F 78 57.58 -33.79 -5.18
C ALA F 78 56.25 -33.45 -4.62
N HIS F 79 55.61 -32.34 -5.05
CA HIS F 79 54.37 -32.00 -4.47
C HIS F 79 53.31 -33.10 -4.65
N ASP F 80 53.40 -33.78 -5.75
CA ASP F 80 52.38 -34.79 -6.11
C ASP F 80 52.50 -36.04 -5.29
N GLU F 81 53.63 -36.20 -4.59
CA GLU F 81 53.83 -37.38 -3.73
C GLU F 81 53.28 -37.30 -2.32
N VAL F 82 52.75 -36.15 -1.98
CA VAL F 82 52.09 -35.99 -0.71
C VAL F 82 50.72 -36.65 -0.87
N LYS F 83 50.46 -37.73 -0.16
CA LYS F 83 49.19 -38.42 -0.29
C LYS F 83 47.96 -37.55 -0.02
N ASP F 84 46.92 -37.73 -0.80
CA ASP F 84 45.68 -36.98 -0.59
C ASP F 84 45.09 -37.14 0.81
N GLU F 85 45.19 -38.33 1.42
CA GLU F 85 44.74 -38.55 2.80
C GLU F 85 45.42 -37.59 3.78
N VAL F 86 46.71 -37.35 3.61
CA VAL F 86 47.42 -36.48 4.49
C VAL F 86 47.08 -35.01 4.19
N VAL F 87 46.94 -34.69 2.92
CA VAL F 87 46.50 -33.28 2.54
C VAL F 87 45.12 -32.99 3.17
N GLU F 88 44.19 -33.92 3.05
CA GLU F 88 42.89 -33.72 3.70
C GLU F 88 42.95 -33.61 5.20
N ARG F 89 43.81 -34.39 5.86
CA ARG F 89 43.99 -34.24 7.27
C ARG F 89 44.51 -32.83 7.70
N VAL F 90 45.49 -32.33 6.97
CA VAL F 90 46.08 -31.05 7.25
C VAL F 90 45.04 -29.98 6.97
N HIS F 91 44.29 -30.14 5.89
CA HIS F 91 43.26 -29.14 5.53
C HIS F 91 42.27 -29.06 6.69
N ARG F 92 41.72 -30.21 7.15
CA ARG F 92 40.85 -30.21 8.31
C ARG F 92 41.40 -29.51 9.53
N ARG F 93 42.67 -29.70 9.83
CA ARG F 93 43.26 -29.13 11.02
C ARG F 93 43.34 -27.57 10.84
N VAL F 94 43.70 -27.14 9.65
CA VAL F 94 43.76 -25.68 9.34
C VAL F 94 42.39 -25.07 9.58
N LEU F 95 41.35 -25.70 9.04
CA LEU F 95 40.03 -25.11 9.23
C LEU F 95 39.60 -25.06 10.71
N GLU F 96 40.07 -26.04 11.52
CA GLU F 96 39.84 -26.07 12.97
C GLU F 96 40.65 -25.12 13.75
N GLY F 97 41.65 -24.53 13.12
CA GLY F 97 42.43 -23.46 13.72
C GLY F 97 43.92 -23.58 13.65
N MET F 98 44.46 -24.70 13.16
CA MET F 98 45.94 -24.79 13.09
C MET F 98 46.49 -23.74 12.10
N GLY F 99 47.55 -23.04 12.48
CA GLY F 99 48.18 -22.10 11.61
C GLY F 99 49.00 -22.80 10.54
N LEU F 100 49.18 -22.09 9.45
CA LEU F 100 49.92 -22.62 8.32
C LEU F 100 50.84 -21.58 7.69
N ILE F 101 52.15 -21.82 7.64
CA ILE F 101 53.08 -20.88 6.97
C ILE F 101 53.62 -21.59 5.73
N VAL F 102 53.31 -21.10 4.55
CA VAL F 102 53.72 -21.69 3.31
C VAL F 102 54.88 -20.92 2.73
N LEU F 103 55.95 -21.63 2.41
CA LEU F 103 57.20 -21.00 1.97
C LEU F 103 57.53 -21.28 0.53
N HIS F 104 57.92 -20.23 -0.17
CA HIS F 104 58.51 -20.26 -1.48
C HIS F 104 57.76 -21.21 -2.43
N SER F 105 58.40 -22.30 -2.87
CA SER F 105 57.81 -23.23 -3.84
C SER F 105 56.66 -24.03 -3.26
N GLY F 106 56.39 -23.85 -1.98
CA GLY F 106 55.18 -24.27 -1.28
C GLY F 106 53.91 -23.71 -1.89
N HIS F 107 54.07 -22.69 -2.74
CA HIS F 107 52.86 -22.13 -3.46
C HIS F 107 52.20 -23.15 -4.35
N PHE F 108 52.92 -24.18 -4.82
CA PHE F 108 52.34 -25.26 -5.65
C PHE F 108 52.10 -26.53 -4.90
N SER F 109 52.12 -26.48 -3.57
CA SER F 109 51.81 -27.62 -2.71
C SER F 109 50.33 -27.94 -2.86
N LYS F 110 50.01 -29.22 -2.78
CA LYS F 110 48.60 -29.61 -2.75
C LYS F 110 47.79 -28.90 -1.66
N ILE F 111 48.34 -28.74 -0.46
CA ILE F 111 47.64 -28.12 0.64
C ILE F 111 47.35 -26.64 0.32
N PHE F 112 48.38 -25.92 -0.09
CA PHE F 112 48.15 -24.46 -0.39
C PHE F 112 47.14 -24.28 -1.54
N LYS F 113 47.30 -25.03 -2.62
CA LYS F 113 46.35 -25.00 -3.75
C LYS F 113 44.91 -25.32 -3.34
N LYS F 114 44.77 -26.31 -2.45
CA LYS F 114 43.43 -26.69 -1.94
C LYS F 114 42.78 -25.57 -1.13
N LEU F 115 43.54 -24.92 -0.26
CA LEU F 115 43.07 -23.78 0.52
C LEU F 115 42.75 -22.56 -0.28
N MET F 116 43.50 -22.32 -1.36
CA MET F 116 43.37 -21.11 -2.14
C MET F 116 42.24 -21.29 -3.12
N GLY F 117 42.08 -22.49 -3.67
CA GLY F 117 41.04 -22.70 -4.73
C GLY F 117 41.36 -22.17 -6.12
N THR F 118 42.63 -21.80 -6.36
CA THR F 118 43.13 -21.34 -7.63
C THR F 118 44.39 -22.17 -8.00
N THR F 119 44.99 -21.89 -9.15
CA THR F 119 46.14 -22.72 -9.56
C THR F 119 47.40 -22.38 -8.79
N CYS F 120 47.45 -21.16 -8.29
CA CYS F 120 48.66 -20.65 -7.61
C CYS F 120 49.85 -20.62 -8.53
N ASN F 121 49.61 -20.54 -9.81
CA ASN F 121 50.62 -20.43 -10.81
C ASN F 121 51.16 -19.01 -10.81
N LEU F 122 52.24 -18.83 -11.52
CA LEU F 122 53.02 -17.56 -11.48
C LEU F 122 54.08 -17.57 -12.58
N LYS F 123 54.75 -16.43 -12.81
CA LYS F 123 55.92 -16.38 -13.68
C LYS F 123 57.14 -16.62 -12.78
N TRP F 124 58.18 -17.17 -13.34
CA TRP F 124 59.41 -17.46 -12.59
C TRP F 124 60.68 -17.46 -13.45
N ARG F 125 61.84 -17.36 -12.81
CA ARG F 125 63.07 -17.41 -13.55
C ARG F 125 64.13 -17.64 -12.54
N GLU F 126 65.08 -18.51 -12.83
CA GLU F 126 66.22 -18.78 -11.94
C GLU F 126 67.42 -18.11 -12.59
N ALA F 127 67.74 -16.90 -12.16
CA ALA F 127 68.84 -16.12 -12.74
C ALA F 127 69.75 -15.42 -11.73
N ASP F 128 69.76 -15.90 -10.49
CA ASP F 128 70.55 -15.35 -9.40
C ASP F 128 70.30 -13.84 -9.25
N GLU F 129 69.06 -13.38 -9.22
CA GLU F 129 68.86 -11.92 -9.29
C GLU F 129 68.49 -11.33 -7.96
N LYS F 130 68.64 -10.02 -7.80
CA LYS F 130 68.33 -9.31 -6.58
C LYS F 130 66.87 -9.18 -6.33
N GLU F 131 66.45 -9.39 -5.09
CA GLU F 131 65.03 -9.23 -4.65
C GLU F 131 65.02 -8.25 -3.48
N ARG F 132 64.14 -7.27 -3.50
CA ARG F 132 63.95 -6.43 -2.35
C ARG F 132 62.49 -6.56 -1.91
N LEU F 133 62.24 -7.03 -0.69
CA LEU F 133 60.88 -7.29 -0.18
C LEU F 133 60.47 -6.04 0.61
N TRP F 134 59.61 -5.23 0.01
CA TRP F 134 59.19 -4.02 0.67
C TRP F 134 58.03 -4.27 1.60
N VAL F 135 58.10 -3.72 2.80
CA VAL F 135 56.97 -3.76 3.76
C VAL F 135 55.84 -2.81 3.36
N VAL F 136 54.65 -3.36 3.24
CA VAL F 136 53.47 -2.56 2.94
C VAL F 136 52.36 -2.60 4.02
N ALA F 137 52.60 -3.27 5.13
CA ALA F 137 51.70 -3.34 6.28
C ALA F 137 52.61 -3.14 7.47
N PRO F 138 53.07 -1.91 7.69
CA PRO F 138 54.16 -1.68 8.65
C PRO F 138 53.76 -1.78 10.14
N GLY F 139 52.49 -1.92 10.41
CA GLY F 139 52.00 -2.16 11.76
C GLY F 139 51.68 -3.64 12.06
N HIS F 140 51.91 -4.51 11.10
CA HIS F 140 51.48 -5.89 11.23
C HIS F 140 52.45 -6.64 12.11
N PRO F 141 51.97 -7.47 13.04
CA PRO F 141 52.88 -8.28 13.87
C PRO F 141 53.95 -9.10 13.10
N ILE F 142 53.70 -9.49 11.85
CA ILE F 142 54.64 -10.29 11.07
C ILE F 142 55.95 -9.49 10.77
N VAL F 143 55.84 -8.15 10.72
CA VAL F 143 57.02 -7.34 10.46
C VAL F 143 57.59 -6.67 11.70
N GLU F 144 57.27 -7.19 12.90
CA GLU F 144 57.93 -6.71 14.13
C GLU F 144 59.43 -6.85 13.97
N GLY F 145 60.16 -5.74 14.14
CA GLY F 145 61.61 -5.82 14.09
C GLY F 145 62.20 -5.76 12.70
N ILE F 146 61.37 -5.61 11.69
CA ILE F 146 61.84 -5.59 10.33
C ILE F 146 61.93 -4.14 9.90
N GLY F 147 62.89 -3.77 9.08
CA GLY F 147 63.00 -2.34 8.64
C GLY F 147 62.06 -2.15 7.46
N PRO F 148 62.28 -1.14 6.63
CA PRO F 148 61.38 -0.87 5.50
C PRO F 148 61.38 -1.93 4.37
N TYR F 149 62.47 -2.72 4.28
CA TYR F 149 62.59 -3.78 3.32
C TYR F 149 63.59 -4.82 3.79
N ILE F 150 63.51 -5.99 3.19
CA ILE F 150 64.54 -7.05 3.30
C ILE F 150 65.18 -7.16 1.91
N GLU F 151 66.48 -7.18 1.83
CA GLU F 151 67.18 -7.28 0.58
C GLU F 151 67.88 -8.61 0.56
N LEU F 152 67.61 -9.32 -0.53
CA LEU F 152 68.24 -10.59 -0.81
C LEU F 152 69.12 -10.46 -2.05
N GLU F 153 70.43 -10.73 -1.87
CA GLU F 153 71.33 -10.53 -2.97
C GLU F 153 71.11 -11.40 -4.15
N GLN F 154 70.63 -12.64 -3.94
CA GLN F 154 70.33 -13.53 -5.03
C GLN F 154 69.11 -14.34 -4.65
N GLU F 155 68.15 -14.44 -5.56
CA GLU F 155 66.97 -15.32 -5.35
C GLU F 155 66.40 -15.71 -6.71
N GLU F 156 65.42 -16.62 -6.69
CA GLU F 156 64.68 -16.98 -7.87
C GLU F 156 63.53 -16.01 -7.96
N MET F 157 63.32 -15.43 -9.12
CA MET F 157 62.22 -14.51 -9.32
C MET F 157 60.92 -15.30 -9.38
N TYR F 158 59.89 -14.80 -8.68
CA TYR F 158 58.48 -15.18 -8.99
C TYR F 158 57.85 -13.82 -9.36
N GLY F 159 56.90 -13.82 -10.25
CA GLY F 159 56.32 -12.54 -10.69
C GLY F 159 54.85 -12.64 -10.86
N GLU F 160 54.20 -11.49 -10.73
CA GLU F 160 52.77 -11.40 -11.06
C GLU F 160 52.49 -11.64 -12.53
N PHE F 161 51.28 -12.12 -12.89
CA PHE F 161 50.22 -12.43 -11.99
C PHE F 161 50.40 -13.78 -11.28
N PHE F 162 50.23 -13.70 -9.97
CA PHE F 162 50.26 -14.87 -9.02
C PHE F 162 48.77 -15.24 -8.83
N ASP F 163 48.41 -16.43 -9.28
CA ASP F 163 46.98 -16.80 -9.32
C ASP F 163 46.54 -17.25 -7.93
N ILE F 164 46.37 -16.31 -7.03
CA ILE F 164 45.83 -16.49 -5.70
C ILE F 164 44.54 -15.67 -5.54
N PRO F 165 43.67 -16.06 -4.60
CA PRO F 165 42.65 -15.14 -4.16
C PRO F 165 43.32 -13.91 -3.54
N GLU F 166 42.63 -12.77 -3.64
CA GLU F 166 43.19 -11.56 -3.02
C GLU F 166 43.41 -11.82 -1.52
N PRO F 167 44.63 -11.58 -1.03
CA PRO F 167 44.91 -11.89 0.37
C PRO F 167 44.07 -11.09 1.33
N ASP F 168 43.89 -11.60 2.54
CA ASP F 168 43.34 -10.82 3.61
C ASP F 168 44.18 -9.57 3.77
N GLU F 169 45.50 -9.73 3.82
CA GLU F 169 46.41 -8.57 3.87
C GLU F 169 47.66 -8.89 3.09
N THR F 170 48.21 -7.88 2.42
CA THR F 170 49.47 -7.99 1.73
C THR F 170 50.45 -7.29 2.68
N ILE F 171 51.47 -8.04 3.03
CA ILE F 171 52.49 -7.60 3.97
C ILE F 171 53.79 -7.13 3.30
N PHE F 172 54.24 -7.84 2.28
CA PHE F 172 55.41 -7.50 1.51
C PHE F 172 55.08 -7.54 0.02
N ILE F 173 55.71 -6.65 -0.71
CA ILE F 173 55.74 -6.64 -2.14
C ILE F 173 57.17 -6.64 -2.56
N SER F 174 57.56 -7.60 -3.39
CA SER F 174 58.95 -7.74 -3.86
C SER F 174 59.17 -7.02 -5.16
N TRP F 175 60.32 -6.38 -5.26
CA TRP F 175 60.91 -5.86 -6.48
C TRP F 175 62.03 -6.84 -6.95
N PHE F 176 62.01 -7.26 -8.21
CA PHE F 176 63.10 -8.05 -8.75
C PHE F 176 63.93 -7.27 -9.78
N GLU F 177 65.24 -7.52 -9.76
CA GLU F 177 66.15 -6.95 -10.72
C GLU F 177 65.73 -7.05 -12.16
N GLY F 178 65.10 -8.18 -12.57
CA GLY F 178 64.71 -8.33 -13.98
C GLY F 178 63.40 -7.72 -14.42
N GLY F 179 62.74 -6.98 -13.53
CA GLY F 179 61.65 -6.07 -13.91
C GLY F 179 60.27 -6.44 -13.41
N GLU F 180 60.14 -7.58 -12.73
CA GLU F 180 58.90 -8.07 -12.17
C GLU F 180 58.65 -7.62 -10.70
N VAL F 181 57.43 -7.83 -10.25
CA VAL F 181 57.08 -7.60 -8.87
C VAL F 181 56.28 -8.79 -8.37
N PHE F 182 56.09 -8.89 -7.07
CA PHE F 182 55.37 -10.02 -6.49
C PHE F 182 54.83 -9.72 -5.13
N ARG F 183 53.62 -10.21 -4.89
CA ARG F 183 52.99 -10.17 -3.57
C ARG F 183 53.58 -11.27 -2.72
N SER F 184 54.72 -10.95 -2.09
CA SER F 184 55.61 -11.94 -1.44
C SER F 184 55.32 -12.27 0.00
N GLY F 185 54.39 -11.56 0.62
CA GLY F 185 53.96 -11.86 1.97
C GLY F 185 52.49 -11.61 1.96
N CYS F 186 51.71 -12.65 2.18
CA CYS F 186 50.24 -12.59 2.04
C CYS F 186 49.58 -13.38 3.14
N THR F 187 48.56 -12.83 3.78
CA THR F 187 47.81 -13.55 4.83
C THR F 187 46.48 -13.92 4.29
N PHE F 188 45.99 -15.04 4.81
CA PHE F 188 44.65 -15.56 4.51
C PHE F 188 44.08 -16.16 5.77
N THR F 189 42.74 -16.25 5.85
CA THR F 189 42.13 -17.03 6.95
C THR F 189 41.22 -18.04 6.28
N ARG F 190 41.26 -19.28 6.77
CA ARG F 190 40.39 -20.32 6.25
C ARG F 190 39.84 -21.09 7.41
N GLY F 191 38.53 -21.05 7.58
CA GLY F 191 37.92 -21.44 8.82
C GLY F 191 38.49 -20.65 9.98
N LYS F 192 38.96 -21.34 11.01
CA LYS F 192 39.62 -20.69 12.16
C LYS F 192 41.13 -20.50 11.93
N GLY F 193 41.67 -21.11 10.87
CA GLY F 193 43.14 -21.17 10.67
C GLY F 193 43.71 -19.95 9.92
N LYS F 194 44.83 -19.49 10.38
CA LYS F 194 45.50 -18.34 9.84
C LYS F 194 46.64 -18.88 8.95
N ILE F 195 46.77 -18.30 7.78
CA ILE F 195 47.74 -18.78 6.79
C ILE F 195 48.60 -17.58 6.35
N PHE F 196 49.90 -17.80 6.31
CA PHE F 196 50.84 -16.79 5.75
C PHE F 196 51.70 -17.45 4.66
N TYR F 197 51.67 -16.87 3.46
CA TYR F 197 52.47 -17.23 2.33
C TYR F 197 53.66 -16.28 2.32
N PHE F 198 54.87 -16.85 2.37
CA PHE F 198 56.12 -16.02 2.36
C PHE F 198 57.05 -16.55 1.28
N ARG F 199 57.39 -15.68 0.37
CA ARG F 199 58.01 -16.04 -0.91
C ARG F 199 59.44 -16.60 -0.85
N PRO F 200 60.33 -15.95 -0.12
CA PRO F 200 61.72 -16.34 -0.24
C PRO F 200 62.03 -17.75 0.17
N GLY F 201 63.00 -18.38 -0.49
CA GLY F 201 63.63 -19.60 0.04
C GLY F 201 64.07 -20.60 -0.99
N HIS F 202 64.69 -20.15 -2.06
CA HIS F 202 65.08 -21.06 -3.10
C HIS F 202 66.22 -21.89 -2.60
N GLU F 203 66.17 -23.19 -2.89
CA GLU F 203 67.11 -24.13 -2.33
C GLU F 203 68.59 -23.92 -2.65
N THR F 204 68.90 -23.25 -3.77
CA THR F 204 70.30 -23.03 -4.18
C THR F 204 70.91 -21.81 -3.57
N TYR F 205 70.13 -21.04 -2.82
CA TYR F 205 70.65 -19.84 -2.10
C TYR F 205 70.46 -19.97 -0.59
N PRO F 206 71.34 -19.34 0.19
CA PRO F 206 71.27 -19.41 1.68
C PRO F 206 70.21 -18.46 2.31
N THR F 207 69.02 -18.39 1.71
CA THR F 207 68.02 -17.52 2.15
C THR F 207 67.59 -17.75 3.59
N TYR F 208 67.49 -19.03 4.03
CA TYR F 208 67.06 -19.31 5.37
C TYR F 208 68.20 -19.19 6.41
N HIS F 209 69.32 -18.64 6.00
CA HIS F 209 70.33 -18.16 6.91
C HIS F 209 70.25 -16.63 7.10
N HIS F 210 69.37 -15.98 6.39
CA HIS F 210 69.23 -14.51 6.48
C HIS F 210 68.45 -14.21 7.74
N PRO F 211 68.98 -13.38 8.62
CA PRO F 211 68.35 -13.15 9.93
C PRO F 211 66.95 -12.48 9.80
N ASP F 212 66.73 -11.68 8.78
CA ASP F 212 65.42 -11.04 8.64
C ASP F 212 64.37 -12.02 8.15
N VAL F 213 64.78 -12.91 7.25
CA VAL F 213 63.86 -13.95 6.72
C VAL F 213 63.42 -14.81 7.91
N LEU F 214 64.40 -15.28 8.70
CA LEU F 214 64.09 -16.09 9.86
C LEU F 214 63.20 -15.36 10.89
N LYS F 215 63.41 -14.04 11.07
CA LYS F 215 62.65 -13.24 12.02
C LYS F 215 61.20 -13.19 11.56
N VAL F 216 61.01 -12.96 10.27
CA VAL F 216 59.64 -12.97 9.68
C VAL F 216 58.96 -14.29 9.92
N ILE F 217 59.67 -15.37 9.68
CA ILE F 217 59.00 -16.67 9.91
C ILE F 217 58.59 -16.81 11.37
N ALA F 218 59.48 -16.52 12.32
CA ALA F 218 59.15 -16.57 13.76
C ALA F 218 57.97 -15.66 14.09
N ASN F 219 57.96 -14.43 13.57
CA ASN F 219 56.86 -13.55 13.86
C ASN F 219 55.56 -14.17 13.34
N ALA F 220 55.66 -14.76 12.17
CA ALA F 220 54.43 -15.35 11.54
C ALA F 220 53.89 -16.54 12.28
N VAL F 221 54.80 -17.35 12.82
CA VAL F 221 54.37 -18.45 13.69
C VAL F 221 53.57 -17.97 14.89
N ARG F 222 54.00 -16.88 15.53
CA ARG F 222 53.33 -16.37 16.67
C ARG F 222 52.00 -15.81 16.23
N TRP F 223 52.00 -15.13 15.10
CA TRP F 223 50.76 -14.53 14.56
C TRP F 223 49.74 -15.58 14.22
N ALA F 224 50.20 -16.70 13.68
CA ALA F 224 49.32 -17.77 13.19
C ALA F 224 48.83 -18.74 14.27
N ALA F 225 49.27 -18.55 15.50
CA ALA F 225 48.91 -19.47 16.60
C ALA F 225 47.37 -19.56 16.74
N PRO F 226 46.87 -20.76 16.96
CA PRO F 226 45.44 -21.00 17.05
C PRO F 226 44.76 -20.24 18.17
N VAL F 227 43.53 -19.81 17.90
CA VAL F 227 42.61 -19.34 18.92
C VAL F 227 41.32 -20.16 18.73
N ASN F 228 40.71 -20.55 19.82
CA ASN F 228 39.42 -21.28 19.78
C ASN F 228 39.57 -22.58 18.98
N ARG F 229 40.73 -23.20 19.09
CA ARG F 229 40.99 -24.35 18.24
C ARG F 229 39.93 -25.40 18.50
N GLY F 230 39.44 -26.02 17.43
CA GLY F 230 38.51 -27.16 17.55
C GLY F 230 37.46 -27.08 16.46
N GLU F 231 36.69 -28.14 16.29
CA GLU F 231 35.65 -28.18 15.25
C GLU F 231 34.47 -27.22 15.61
N ILE F 232 33.93 -26.51 14.60
CA ILE F 232 32.77 -25.57 14.75
C ILE F 232 31.48 -26.36 14.60
N VAL F 233 30.41 -25.91 15.25
CA VAL F 233 29.08 -26.52 15.13
C VAL F 233 28.29 -26.03 13.90
N PHE F 234 27.87 -26.99 13.05
CA PHE F 234 27.18 -26.69 11.84
C PHE F 234 25.93 -27.59 11.85
N GLY F 235 25.14 -27.51 10.81
CA GLY F 235 24.02 -28.44 10.67
C GLY F 235 22.66 -27.89 10.99
N ASN F 236 21.70 -28.81 11.08
CA ASN F 236 20.29 -28.47 11.21
C ASN F 236 20.10 -27.99 12.62
N VAL F 237 19.59 -26.77 12.81
CA VAL F 237 19.36 -26.23 14.16
C VAL F 237 17.95 -25.75 14.39
N LYS F 238 17.49 -25.82 15.63
CA LYS F 238 16.19 -25.34 15.99
C LYS F 238 16.28 -23.84 16.23
N PRO F 239 15.14 -23.16 16.19
CA PRO F 239 15.20 -21.72 16.35
C PRO F 239 15.53 -21.24 17.74
N LEU F 240 16.13 -20.03 17.84
CA LEU F 240 16.35 -19.37 19.11
C LEU F 240 15.26 -18.39 19.54
N GLU F 241 14.33 -18.06 18.60
CA GLU F 241 13.28 -17.12 18.79
C GLU F 241 12.00 -17.82 18.29
N PRO F 242 10.86 -17.47 18.85
CA PRO F 242 9.58 -17.95 18.33
C PRO F 242 9.38 -17.57 16.89
N ILE F 243 9.08 -18.55 16.04
CA ILE F 243 8.72 -18.30 14.65
C ILE F 243 7.23 -18.28 14.57
N LYS F 244 6.65 -17.25 13.95
CA LYS F 244 5.19 -17.10 13.93
C LYS F 244 4.58 -17.90 12.79
N ALA F 245 3.43 -18.50 13.01
CA ALA F 245 2.77 -19.26 11.97
C ALA F 245 2.19 -18.29 10.96
N LYS F 246 1.97 -18.74 9.73
CA LYS F 246 1.27 -17.91 8.74
C LYS F 246 -0.25 -17.98 8.95
N THR G 6 26.29 -8.90 -29.16
CA THR G 6 26.75 -8.45 -27.83
C THR G 6 26.05 -8.97 -26.59
N PRO G 7 24.87 -9.62 -26.62
CA PRO G 7 24.23 -9.91 -25.33
C PRO G 7 25.10 -10.83 -24.52
N ILE G 8 25.04 -10.72 -23.20
CA ILE G 8 25.83 -11.63 -22.36
C ILE G 8 25.14 -12.99 -22.43
N ARG G 9 25.94 -14.04 -22.53
CA ARG G 9 25.47 -15.41 -22.69
C ARG G 9 25.54 -16.09 -21.33
N VAL G 10 24.39 -16.54 -20.86
CA VAL G 10 24.26 -17.08 -19.52
C VAL G 10 23.73 -18.49 -19.62
N VAL G 11 24.34 -19.39 -18.90
CA VAL G 11 23.79 -20.80 -18.77
C VAL G 11 23.31 -20.94 -17.33
N VAL G 12 22.07 -21.34 -17.12
CA VAL G 12 21.45 -21.47 -15.82
C VAL G 12 21.45 -22.98 -15.56
N TRP G 13 22.32 -23.41 -14.66
CA TRP G 13 22.45 -24.88 -14.35
C TRP G 13 21.64 -25.23 -13.13
N ASN G 14 20.85 -26.31 -13.18
CA ASN G 14 20.02 -26.72 -12.08
C ASN G 14 20.03 -28.29 -12.03
N GLU G 15 20.21 -28.79 -10.84
CA GLU G 15 20.28 -30.22 -10.58
C GLU G 15 19.04 -30.86 -11.17
N PHE G 16 17.91 -30.27 -10.89
CA PHE G 16 16.60 -30.68 -11.43
C PHE G 16 16.23 -32.08 -11.01
N ARG G 17 16.45 -32.38 -9.74
CA ARG G 17 15.97 -33.63 -9.14
C ARG G 17 14.67 -33.40 -8.34
N HIS G 18 14.65 -32.42 -7.43
CA HIS G 18 13.46 -32.12 -6.59
C HIS G 18 12.19 -31.94 -7.38
N GLU G 19 12.29 -31.18 -8.46
CA GLU G 19 11.07 -30.75 -9.16
C GLU G 19 10.41 -31.91 -9.85
N LYS G 20 11.06 -33.07 -9.86
CA LYS G 20 10.45 -34.28 -10.38
C LYS G 20 10.06 -35.30 -9.31
N LYS G 21 10.61 -35.19 -8.12
CA LYS G 21 10.27 -36.17 -7.08
C LYS G 21 9.35 -35.62 -5.97
N ASP G 22 9.12 -34.30 -5.94
CA ASP G 22 8.31 -33.67 -4.92
C ASP G 22 7.15 -32.88 -5.52
N GLU G 23 5.90 -33.37 -5.34
CA GLU G 23 4.78 -32.64 -5.95
C GLU G 23 4.62 -31.18 -5.46
N GLN G 24 4.91 -30.94 -4.18
CA GLN G 24 4.85 -29.57 -3.66
C GLN G 24 5.86 -28.64 -4.36
N VAL G 25 7.05 -29.17 -4.69
CA VAL G 25 8.04 -28.41 -5.46
C VAL G 25 7.61 -28.24 -6.92
N ARG G 26 7.12 -29.33 -7.52
CA ARG G 26 6.75 -29.28 -8.91
C ARG G 26 5.65 -28.29 -9.12
N ALA G 27 4.76 -28.13 -8.13
CA ALA G 27 3.66 -27.18 -8.24
C ALA G 27 4.11 -25.75 -8.35
N ILE G 28 5.22 -25.41 -7.70
CA ILE G 28 5.76 -24.00 -7.75
C ILE G 28 6.57 -23.76 -9.01
N TYR G 29 7.33 -24.77 -9.41
CA TYR G 29 8.24 -24.77 -10.51
C TYR G 29 7.98 -25.95 -11.42
N PRO G 30 6.90 -25.90 -12.19
CA PRO G 30 6.47 -27.05 -13.01
C PRO G 30 7.41 -27.39 -14.17
N GLU G 31 8.29 -26.46 -14.53
CA GLU G 31 9.30 -26.67 -15.57
C GLU G 31 10.71 -26.47 -14.98
N GLY G 32 10.83 -26.51 -13.66
CA GLY G 32 12.11 -26.41 -12.96
C GLY G 32 12.41 -24.94 -12.69
N MET G 33 13.24 -24.72 -11.66
CA MET G 33 13.70 -23.36 -11.31
C MET G 33 14.57 -22.76 -12.44
N HIS G 34 15.30 -23.57 -13.19
CA HIS G 34 16.08 -23.09 -14.32
C HIS G 34 15.27 -22.37 -15.35
N THR G 35 14.06 -22.86 -15.59
CA THR G 35 13.24 -22.20 -16.57
C THR G 35 12.81 -20.84 -16.12
N VAL G 36 12.44 -20.71 -14.85
CA VAL G 36 11.96 -19.45 -14.32
C VAL G 36 13.07 -18.42 -14.41
N ILE G 37 14.28 -18.83 -14.02
CA ILE G 37 15.39 -17.83 -14.01
C ILE G 37 15.81 -17.46 -15.43
N ALA G 38 15.93 -18.46 -16.30
CA ALA G 38 16.41 -18.26 -17.65
C ALA G 38 15.39 -17.44 -18.42
N SER G 39 14.11 -17.66 -18.14
CA SER G 39 13.05 -16.81 -18.79
C SER G 39 13.16 -15.33 -18.43
N TYR G 40 13.37 -15.06 -17.15
CA TYR G 40 13.54 -13.69 -16.68
C TYR G 40 14.77 -13.09 -17.32
N LEU G 41 15.88 -13.83 -17.32
CA LEU G 41 17.14 -13.32 -17.94
C LEU G 41 16.97 -13.07 -19.44
N ALA G 42 16.25 -13.95 -20.15
CA ALA G 42 15.92 -13.71 -21.54
C ALA G 42 15.12 -12.40 -21.71
N GLU G 43 14.08 -12.16 -20.91
CA GLU G 43 13.32 -10.92 -21.03
C GLU G 43 14.17 -9.72 -20.72
N ALA G 44 15.21 -9.91 -19.92
CA ALA G 44 16.08 -8.83 -19.53
C ALA G 44 17.14 -8.59 -20.61
N GLY G 45 17.08 -9.33 -21.71
CA GLY G 45 17.98 -9.14 -22.83
C GLY G 45 19.25 -9.98 -22.83
N PHE G 46 19.37 -10.96 -21.90
CA PHE G 46 20.51 -11.86 -21.94
C PHE G 46 20.24 -12.99 -22.93
N ASP G 47 21.32 -13.60 -23.43
CA ASP G 47 21.22 -14.81 -24.22
C ASP G 47 21.28 -15.97 -23.23
N ALA G 48 20.10 -16.52 -22.85
CA ALA G 48 20.00 -17.46 -21.74
C ALA G 48 19.71 -18.87 -22.22
N ALA G 49 20.42 -19.82 -21.66
CA ALA G 49 20.21 -21.25 -21.89
C ALA G 49 20.19 -21.97 -20.54
N THR G 50 19.73 -23.22 -20.54
CA THR G 50 19.64 -23.94 -19.29
C THR G 50 20.40 -25.26 -19.48
N ALA G 51 20.82 -25.82 -18.36
CA ALA G 51 21.54 -27.11 -18.32
C ALA G 51 21.15 -27.84 -17.07
N VAL G 52 21.15 -29.19 -17.05
CA VAL G 52 20.82 -29.85 -15.86
C VAL G 52 21.74 -31.09 -15.66
N LEU G 53 21.72 -31.60 -14.47
CA LEU G 53 22.58 -32.73 -14.07
C LEU G 53 22.54 -33.88 -15.03
N ASP G 54 21.35 -34.24 -15.51
CA ASP G 54 21.24 -35.50 -16.25
C ASP G 54 21.52 -35.43 -17.75
N GLU G 55 21.80 -34.22 -18.25
CA GLU G 55 22.30 -34.06 -19.58
C GLU G 55 23.73 -34.69 -19.64
N PRO G 56 24.20 -35.02 -20.82
CA PRO G 56 25.55 -35.54 -20.97
C PRO G 56 26.52 -34.49 -20.54
N GLU G 57 27.56 -34.90 -19.83
CA GLU G 57 28.49 -33.92 -19.20
C GLU G 57 27.79 -32.87 -18.36
N HIS G 58 26.58 -33.20 -17.86
CA HIS G 58 25.75 -32.30 -17.07
C HIS G 58 25.43 -31.06 -17.84
N GLY G 59 25.51 -31.10 -19.14
CA GLY G 59 25.15 -29.99 -19.99
C GLY G 59 26.27 -29.03 -20.20
N LEU G 60 27.42 -29.37 -19.64
CA LEU G 60 28.58 -28.44 -19.59
C LEU G 60 29.77 -29.04 -20.30
N THR G 61 29.56 -29.26 -21.58
CA THR G 61 30.62 -29.65 -22.50
C THR G 61 31.56 -28.47 -22.71
N ASP G 62 32.73 -28.73 -23.28
CA ASP G 62 33.65 -27.64 -23.65
C ASP G 62 32.96 -26.66 -24.58
N GLU G 63 32.19 -27.19 -25.52
CA GLU G 63 31.48 -26.40 -26.50
C GLU G 63 30.57 -25.39 -25.80
N VAL G 64 29.77 -25.88 -24.86
CA VAL G 64 28.83 -25.04 -24.15
C VAL G 64 29.58 -24.01 -23.30
N LEU G 65 30.56 -24.48 -22.56
CA LEU G 65 31.30 -23.56 -21.68
C LEU G 65 32.10 -22.49 -22.40
N ASP G 66 32.59 -22.80 -23.59
CA ASP G 66 33.39 -21.81 -24.31
C ASP G 66 32.51 -20.70 -24.83
N ARG G 67 31.20 -20.94 -24.91
CA ARG G 67 30.29 -19.86 -25.28
C ARG G 67 29.42 -19.36 -24.10
N CYS G 68 29.82 -19.68 -22.87
CA CYS G 68 29.13 -19.27 -21.68
C CYS G 68 29.92 -18.13 -21.06
N ASP G 69 29.34 -16.95 -21.00
CA ASP G 69 29.97 -15.86 -20.23
C ASP G 69 29.79 -15.96 -18.72
N VAL G 70 28.58 -16.37 -18.27
CA VAL G 70 28.23 -16.48 -16.88
C VAL G 70 27.48 -17.79 -16.68
N LEU G 71 27.95 -18.57 -15.72
CA LEU G 71 27.23 -19.80 -15.31
C LEU G 71 26.51 -19.53 -14.00
N VAL G 72 25.24 -19.90 -13.91
CA VAL G 72 24.47 -19.82 -12.70
C VAL G 72 24.32 -21.26 -12.18
N TRP G 73 24.45 -21.45 -10.87
CA TRP G 73 24.47 -22.89 -10.34
C TRP G 73 23.50 -23.06 -9.18
N TRP G 74 22.56 -24.01 -9.26
CA TRP G 74 21.73 -24.44 -8.14
C TRP G 74 21.79 -25.98 -8.00
N GLY G 75 22.16 -26.45 -6.82
CA GLY G 75 22.13 -27.91 -6.54
C GLY G 75 21.75 -28.14 -5.12
N HIS G 76 21.47 -29.43 -4.73
CA HIS G 76 21.10 -29.69 -3.37
C HIS G 76 21.30 -31.14 -2.95
N ILE G 77 20.57 -32.00 -3.57
CA ILE G 77 20.55 -33.45 -3.15
C ILE G 77 21.46 -34.38 -3.95
N ALA G 78 22.10 -33.89 -5.00
CA ALA G 78 23.00 -34.69 -5.84
C ALA G 78 24.29 -33.98 -6.21
N HIS G 79 24.87 -33.27 -5.26
CA HIS G 79 26.07 -32.55 -5.51
C HIS G 79 27.18 -33.55 -5.95
N ASP G 80 27.12 -34.72 -5.33
CA ASP G 80 28.11 -35.77 -5.48
C ASP G 80 28.12 -36.39 -6.87
N GLU G 81 26.98 -36.30 -7.58
CA GLU G 81 26.89 -36.84 -8.95
C GLU G 81 27.46 -36.02 -10.03
N VAL G 82 27.93 -34.80 -9.73
CA VAL G 82 28.58 -34.00 -10.70
C VAL G 82 29.99 -34.50 -10.82
N LYS G 83 30.33 -35.03 -11.98
CA LYS G 83 31.64 -35.71 -12.20
C LYS G 83 32.82 -34.75 -12.05
N ASP G 84 33.85 -35.22 -11.42
CA ASP G 84 35.03 -34.38 -11.20
C ASP G 84 35.65 -33.79 -12.46
N GLU G 85 35.64 -34.52 -13.55
CA GLU G 85 36.15 -34.00 -14.80
C GLU G 85 35.40 -32.71 -15.20
N VAL G 86 34.10 -32.67 -14.97
CA VAL G 86 33.27 -31.50 -15.31
C VAL G 86 33.53 -30.37 -14.33
N VAL G 87 33.67 -30.69 -13.04
CA VAL G 87 34.00 -29.68 -12.01
C VAL G 87 35.31 -28.98 -12.40
N GLU G 88 36.29 -29.78 -12.78
CA GLU G 88 37.65 -29.31 -13.17
C GLU G 88 37.58 -28.41 -14.39
N ARG G 89 36.72 -28.76 -15.34
CA ARG G 89 36.49 -27.99 -16.57
C ARG G 89 35.88 -26.67 -16.26
N VAL G 90 34.83 -26.64 -15.43
CA VAL G 90 34.19 -25.39 -15.00
C VAL G 90 35.20 -24.51 -14.22
N HIS G 91 35.94 -25.15 -13.32
CA HIS G 91 36.95 -24.43 -12.50
C HIS G 91 37.95 -23.69 -13.39
N ARG G 92 38.46 -24.36 -14.43
CA ARG G 92 39.41 -23.72 -15.38
C ARG G 92 38.77 -22.55 -16.12
N ARG G 93 37.51 -22.71 -16.53
CA ARG G 93 36.80 -21.62 -17.21
C ARG G 93 36.64 -20.43 -16.28
N VAL G 94 36.31 -20.65 -15.03
CA VAL G 94 36.16 -19.53 -14.09
C VAL G 94 37.47 -18.80 -13.97
N LEU G 95 38.53 -19.52 -13.74
CA LEU G 95 39.85 -18.87 -13.61
C LEU G 95 40.28 -18.08 -14.84
N GLU G 96 39.82 -18.49 -16.01
CA GLU G 96 40.05 -17.80 -17.28
C GLU G 96 39.14 -16.58 -17.49
N GLY G 97 38.14 -16.37 -16.66
CA GLY G 97 37.26 -15.18 -16.78
C GLY G 97 35.77 -15.47 -16.79
N MET G 98 35.35 -16.74 -16.86
CA MET G 98 33.89 -17.01 -16.90
C MET G 98 33.29 -16.63 -15.54
N GLY G 99 32.19 -15.89 -15.53
CA GLY G 99 31.53 -15.58 -14.29
C GLY G 99 30.74 -16.78 -13.74
N LEU G 100 30.50 -16.73 -12.44
CA LEU G 100 29.83 -17.81 -11.69
C LEU G 100 28.89 -17.18 -10.67
N ILE G 101 27.59 -17.49 -10.77
CA ILE G 101 26.66 -17.11 -9.73
C ILE G 101 26.24 -18.42 -9.04
N VAL G 102 26.45 -18.55 -7.74
CA VAL G 102 26.10 -19.79 -6.99
C VAL G 102 24.91 -19.42 -6.11
N LEU G 103 23.82 -20.18 -6.26
CA LEU G 103 22.61 -19.89 -5.56
C LEU G 103 22.27 -20.85 -4.43
N HIS G 104 21.84 -20.34 -3.28
CA HIS G 104 21.23 -21.15 -2.25
C HIS G 104 22.06 -22.43 -1.94
N SER G 105 21.47 -23.61 -2.15
CA SER G 105 22.16 -24.87 -1.78
C SER G 105 23.39 -25.21 -2.65
N GLY G 106 23.67 -24.41 -3.65
CA GLY G 106 24.86 -24.50 -4.44
C GLY G 106 26.08 -24.15 -3.58
N HIS G 107 25.89 -23.69 -2.36
CA HIS G 107 27.07 -23.46 -1.43
C HIS G 107 27.75 -24.78 -1.22
N PHE G 108 27.02 -25.90 -1.31
CA PHE G 108 27.67 -27.20 -1.13
C PHE G 108 28.06 -27.91 -2.40
N SER G 109 27.99 -27.23 -3.53
CA SER G 109 28.42 -27.78 -4.83
C SER G 109 29.87 -28.06 -4.83
N LYS G 110 30.31 -29.08 -5.59
CA LYS G 110 31.75 -29.34 -5.72
C LYS G 110 32.49 -28.13 -6.28
N ILE G 111 31.87 -27.43 -7.24
CA ILE G 111 32.53 -26.22 -7.80
C ILE G 111 32.67 -25.10 -6.80
N PHE G 112 31.63 -24.76 -6.03
CA PHE G 112 31.77 -23.66 -5.03
C PHE G 112 32.83 -24.06 -3.95
N LYS G 113 32.77 -25.30 -3.49
CA LYS G 113 33.73 -25.73 -2.45
C LYS G 113 35.15 -25.70 -2.95
N LYS G 114 35.36 -26.06 -4.20
CA LYS G 114 36.66 -26.08 -4.79
C LYS G 114 37.24 -24.68 -4.93
N LEU G 115 36.41 -23.77 -5.42
CA LEU G 115 36.89 -22.36 -5.47
C LEU G 115 37.10 -21.67 -4.15
N MET G 116 36.35 -22.04 -3.13
CA MET G 116 36.42 -21.46 -1.81
C MET G 116 37.57 -22.01 -0.99
N GLY G 117 37.83 -23.30 -1.11
CA GLY G 117 38.94 -23.88 -0.34
C GLY G 117 38.58 -24.25 1.11
N THR G 118 37.27 -24.28 1.41
CA THR G 118 36.74 -24.47 2.74
C THR G 118 35.57 -25.41 2.59
N THR G 119 34.96 -25.77 3.70
CA THR G 119 33.84 -26.74 3.64
C THR G 119 32.56 -26.15 3.12
N CYS G 120 32.44 -24.82 3.24
CA CYS G 120 31.18 -24.14 2.90
C CYS G 120 29.97 -24.63 3.71
N ASN G 121 30.26 -25.18 4.89
CA ASN G 121 29.21 -25.64 5.82
C ASN G 121 28.60 -24.41 6.54
N LEU G 122 27.47 -24.65 7.19
CA LEU G 122 26.68 -23.56 7.80
C LEU G 122 25.61 -24.21 8.69
N LYS G 123 24.89 -23.42 9.47
CA LYS G 123 23.68 -23.85 10.19
C LYS G 123 22.50 -23.70 9.26
N TRP G 124 21.50 -24.58 9.37
CA TRP G 124 20.31 -24.37 8.56
C TRP G 124 19.03 -24.89 9.23
N ARG G 125 17.90 -24.44 8.70
CA ARG G 125 16.62 -24.87 9.21
C ARG G 125 15.57 -24.60 8.16
N GLU G 126 14.70 -25.59 7.92
CA GLU G 126 13.54 -25.33 7.07
C GLU G 126 12.31 -25.17 7.96
N ALA G 127 11.91 -23.92 8.19
CA ALA G 127 10.76 -23.60 9.02
C ALA G 127 9.85 -22.47 8.48
N ASP G 128 9.87 -22.24 7.17
CA ASP G 128 8.98 -21.29 6.50
C ASP G 128 9.07 -19.95 7.15
N GLU G 129 10.26 -19.52 7.55
CA GLU G 129 10.36 -18.28 8.37
C GLU G 129 10.77 -17.09 7.51
N LYS G 130 10.61 -15.91 8.06
CA LYS G 130 10.87 -14.66 7.34
C LYS G 130 12.35 -14.43 7.23
N GLU G 131 12.79 -13.91 6.08
CA GLU G 131 14.20 -13.43 5.85
C GLU G 131 14.19 -12.00 5.37
N ARG G 132 15.09 -11.16 5.88
CA ARG G 132 15.17 -9.78 5.38
C ARG G 132 16.63 -9.62 5.04
N LEU G 133 16.90 -9.44 3.75
CA LEU G 133 18.21 -9.31 3.20
C LEU G 133 18.55 -7.85 3.16
N TRP G 134 19.37 -7.43 4.08
CA TRP G 134 19.75 -6.01 4.18
C TRP G 134 20.93 -5.70 3.26
N VAL G 135 20.85 -4.60 2.50
CA VAL G 135 21.91 -4.16 1.66
C VAL G 135 23.00 -3.49 2.49
N VAL G 136 24.21 -4.02 2.39
CA VAL G 136 25.33 -3.39 3.05
C VAL G 136 26.41 -2.86 2.11
N ALA G 137 26.17 -2.91 0.79
CA ALA G 137 27.05 -2.33 -0.23
C ALA G 137 26.16 -1.51 -1.13
N PRO G 138 25.68 -0.36 -0.64
CA PRO G 138 24.55 0.32 -1.34
C PRO G 138 24.85 0.92 -2.71
N GLY G 139 26.13 1.07 -3.03
CA GLY G 139 26.53 1.53 -4.36
C GLY G 139 26.96 0.44 -5.32
N HIS G 140 26.84 -0.83 -4.91
CA HIS G 140 27.35 -1.91 -5.76
C HIS G 140 26.42 -2.18 -6.93
N PRO G 141 26.94 -2.47 -8.12
CA PRO G 141 26.08 -2.73 -9.26
C PRO G 141 25.07 -3.83 -9.04
N ILE G 142 25.37 -4.77 -8.17
CA ILE G 142 24.44 -5.90 -7.91
C ILE G 142 23.16 -5.43 -7.28
N VAL G 143 23.18 -4.29 -6.59
CA VAL G 143 22.00 -3.77 -5.96
C VAL G 143 21.32 -2.61 -6.70
N GLU G 144 21.64 -2.42 -7.97
CA GLU G 144 20.97 -1.40 -8.78
C GLU G 144 19.52 -1.68 -8.77
N GLY G 145 18.73 -0.67 -8.37
CA GLY G 145 17.28 -0.82 -8.35
C GLY G 145 16.65 -1.48 -7.15
N ILE G 146 17.48 -1.91 -6.19
CA ILE G 146 17.06 -2.57 -4.99
C ILE G 146 16.95 -1.55 -3.88
N GLY G 147 15.94 -1.72 -3.03
CA GLY G 147 15.69 -0.83 -1.87
C GLY G 147 16.68 -1.18 -0.74
N PRO G 148 16.42 -0.71 0.49
CA PRO G 148 17.34 -1.00 1.58
C PRO G 148 17.41 -2.48 1.94
N TYR G 149 16.35 -3.22 1.65
CA TYR G 149 16.31 -4.69 1.95
C TYR G 149 15.36 -5.36 1.00
N ILE G 150 15.55 -6.66 0.81
CA ILE G 150 14.56 -7.55 0.21
C ILE G 150 13.94 -8.36 1.34
N GLU G 151 12.61 -8.46 1.36
CA GLU G 151 12.00 -9.22 2.36
C GLU G 151 11.26 -10.39 1.72
N LEU G 152 11.58 -11.57 2.22
CA LEU G 152 10.98 -12.85 1.80
C LEU G 152 10.11 -13.42 2.92
N GLU G 153 8.82 -13.63 2.67
CA GLU G 153 7.92 -14.04 3.72
C GLU G 153 8.27 -15.39 4.26
N GLN G 154 8.75 -16.28 3.40
CA GLN G 154 9.16 -17.66 3.82
C GLN G 154 10.46 -18.02 3.16
N GLU G 155 11.39 -18.61 3.91
CA GLU G 155 12.57 -19.18 3.33
C GLU G 155 13.18 -20.14 4.36
N GLU G 156 14.17 -20.87 3.92
CA GLU G 156 14.97 -21.78 4.74
C GLU G 156 16.09 -20.92 5.31
N MET G 157 16.24 -20.95 6.62
CA MET G 157 17.33 -20.22 7.28
C MET G 157 18.66 -20.89 6.94
N TYR G 158 19.66 -20.10 6.55
CA TYR G 158 21.06 -20.50 6.70
C TYR G 158 21.66 -19.48 7.73
N GLY G 159 22.61 -19.94 8.55
CA GLY G 159 23.09 -19.15 9.69
C GLY G 159 24.60 -19.23 9.85
N GLU G 160 25.21 -18.11 10.24
CA GLU G 160 26.63 -18.11 10.54
C GLU G 160 26.94 -19.01 11.71
N PHE G 161 28.17 -19.52 11.85
CA PHE G 161 29.30 -19.30 10.91
C PHE G 161 29.17 -20.08 9.61
N PHE G 162 29.26 -19.38 8.50
CA PHE G 162 29.29 -19.91 7.17
C PHE G 162 30.75 -20.08 6.82
N ASP G 163 31.20 -21.33 6.61
CA ASP G 163 32.65 -21.60 6.42
C ASP G 163 33.14 -21.28 5.01
N ILE G 164 33.32 -19.97 4.73
CA ILE G 164 33.79 -19.50 3.45
C ILE G 164 34.98 -18.56 3.76
N PRO G 165 35.83 -18.35 2.81
CA PRO G 165 36.83 -17.31 2.94
C PRO G 165 36.12 -15.98 3.05
N GLU G 166 36.75 -15.00 3.67
CA GLU G 166 36.13 -13.67 3.72
C GLU G 166 35.87 -13.19 2.34
N PRO G 167 34.64 -12.74 2.03
CA PRO G 167 34.33 -12.26 0.72
C PRO G 167 35.14 -11.05 0.29
N ASP G 168 35.34 -10.90 -0.98
CA ASP G 168 35.86 -9.60 -1.44
C ASP G 168 34.95 -8.47 -1.05
N GLU G 169 33.64 -8.60 -1.27
CA GLU G 169 32.66 -7.68 -0.78
C GLU G 169 31.40 -8.42 -0.27
N THR G 170 30.87 -7.99 0.88
CA THR G 170 29.59 -8.42 1.37
C THR G 170 28.56 -7.46 0.91
N ILE G 171 27.60 -7.99 0.15
CA ILE G 171 26.56 -7.15 -0.49
C ILE G 171 25.29 -7.14 0.38
N PHE G 172 24.86 -8.32 0.86
CA PHE G 172 23.70 -8.48 1.70
C PHE G 172 24.08 -9.19 2.96
N ILE G 173 23.45 -8.80 4.05
CA ILE G 173 23.37 -9.58 5.29
C ILE G 173 21.91 -9.86 5.63
N SER G 174 21.57 -11.13 5.81
CA SER G 174 20.24 -11.51 6.12
C SER G 174 19.97 -11.56 7.65
N TRP G 175 18.79 -11.12 8.02
CA TRP G 175 18.16 -11.32 9.33
C TRP G 175 17.13 -12.40 9.19
N PHE G 176 17.17 -13.40 10.08
CA PHE G 176 16.10 -14.44 10.09
C PHE G 176 15.24 -14.34 11.32
N GLU G 177 13.94 -14.64 11.14
CA GLU G 177 13.01 -14.66 12.23
C GLU G 177 13.48 -15.44 13.46
N GLY G 178 14.17 -16.57 13.27
CA GLY G 178 14.50 -17.46 14.36
C GLY G 178 15.76 -17.11 15.09
N GLY G 179 16.34 -15.97 14.76
CA GLY G 179 17.48 -15.46 15.51
C GLY G 179 18.89 -15.45 14.91
N GLU G 180 19.08 -15.99 13.73
CA GLU G 180 20.35 -16.09 13.06
C GLU G 180 20.54 -14.98 11.99
N VAL G 181 21.77 -14.77 11.57
CA VAL G 181 22.14 -13.94 10.48
C VAL G 181 22.98 -14.71 9.49
N PHE G 182 23.16 -14.11 8.32
CA PHE G 182 23.91 -14.69 7.25
C PHE G 182 24.45 -13.68 6.27
N ARG G 183 25.72 -13.84 5.90
CA ARG G 183 26.32 -13.21 4.72
C ARG G 183 25.77 -13.79 3.39
N SER G 184 24.63 -13.23 2.98
CA SER G 184 23.74 -13.77 1.98
C SER G 184 24.01 -13.28 0.54
N GLY G 185 24.83 -12.24 0.34
CA GLY G 185 25.32 -11.88 -0.98
C GLY G 185 26.80 -11.54 -0.78
N CYS G 186 27.67 -12.37 -1.36
CA CYS G 186 29.13 -12.33 -1.22
C CYS G 186 29.77 -12.35 -2.56
N THR G 187 30.75 -11.50 -2.83
CA THR G 187 31.44 -11.58 -4.11
C THR G 187 32.87 -12.12 -3.81
N PHE G 188 33.44 -12.76 -4.81
CA PHE G 188 34.80 -13.27 -4.81
C PHE G 188 35.39 -13.14 -6.20
N THR G 189 36.69 -12.97 -6.30
CA THR G 189 37.35 -13.06 -7.55
C THR G 189 38.32 -14.24 -7.48
N ARG G 190 38.31 -15.07 -8.51
CA ARG G 190 39.18 -16.27 -8.59
C ARG G 190 39.77 -16.26 -9.97
N GLY G 191 41.08 -15.96 -10.05
CA GLY G 191 41.73 -15.74 -11.33
C GLY G 191 41.14 -14.52 -11.98
N LYS G 192 40.70 -14.62 -13.23
CA LYS G 192 39.96 -13.51 -13.85
C LYS G 192 38.47 -13.60 -13.64
N GLY G 193 37.97 -14.71 -13.10
CA GLY G 193 36.50 -14.91 -12.95
C GLY G 193 35.91 -14.24 -11.70
N LYS G 194 34.75 -13.65 -11.85
CA LYS G 194 34.01 -13.08 -10.78
C LYS G 194 32.89 -14.03 -10.36
N ILE G 195 32.73 -14.18 -9.04
CA ILE G 195 31.75 -15.13 -8.44
C ILE G 195 30.89 -14.38 -7.47
N PHE G 196 29.58 -14.57 -7.53
CA PHE G 196 28.68 -14.01 -6.59
C PHE G 196 27.87 -15.17 -5.97
N TYR G 197 27.93 -15.30 -4.65
CA TYR G 197 27.06 -16.22 -3.89
C TYR G 197 25.84 -15.49 -3.39
N PHE G 198 24.65 -15.97 -3.76
CA PHE G 198 23.38 -15.38 -3.39
C PHE G 198 22.49 -16.44 -2.75
N ARG G 199 22.12 -16.19 -1.52
CA ARG G 199 21.57 -17.17 -0.62
C ARG G 199 20.17 -17.68 -0.96
N PRO G 200 19.22 -16.79 -1.25
CA PRO G 200 17.83 -17.26 -1.42
C PRO G 200 17.62 -18.30 -2.49
N GLY G 201 16.67 -19.22 -2.28
CA GLY G 201 16.26 -20.10 -3.32
C GLY G 201 15.74 -21.49 -2.94
N HIS G 202 15.15 -21.66 -1.75
CA HIS G 202 14.87 -23.06 -1.31
C HIS G 202 13.75 -23.56 -2.18
N GLU G 203 13.79 -24.85 -2.51
CA GLU G 203 12.93 -25.39 -3.59
C GLU G 203 11.46 -25.43 -3.22
N THR G 204 11.14 -25.38 -1.93
CA THR G 204 9.72 -25.50 -1.49
C THR G 204 9.04 -24.14 -1.45
N TYR G 205 9.80 -23.06 -1.71
CA TYR G 205 9.18 -21.71 -1.72
C TYR G 205 9.32 -21.04 -3.10
N PRO G 206 8.40 -20.14 -3.47
CA PRO G 206 8.46 -19.48 -4.74
C PRO G 206 9.45 -18.33 -4.81
N THR G 207 10.65 -18.55 -4.30
CA THR G 207 11.63 -17.44 -4.17
C THR G 207 12.05 -16.86 -5.50
N TYR G 208 12.09 -17.70 -6.53
CA TYR G 208 12.57 -17.26 -7.83
C TYR G 208 11.43 -16.64 -8.68
N HIS G 209 10.30 -16.46 -8.03
CA HIS G 209 9.22 -15.63 -8.59
C HIS G 209 9.20 -14.26 -7.98
N HIS G 210 10.11 -13.98 -7.03
CA HIS G 210 10.13 -12.68 -6.37
C HIS G 210 10.90 -11.68 -7.27
N PRO G 211 10.30 -10.56 -7.63
CA PRO G 211 10.91 -9.65 -8.56
C PRO G 211 12.25 -9.13 -8.13
N ASP G 212 12.44 -8.86 -6.85
CA ASP G 212 13.77 -8.29 -6.43
C ASP G 212 14.87 -9.38 -6.47
N VAL G 213 14.49 -10.60 -6.19
CA VAL G 213 15.48 -11.71 -6.20
C VAL G 213 15.98 -11.85 -7.65
N LEU G 214 15.03 -11.88 -8.59
CA LEU G 214 15.36 -11.99 -10.02
C LEU G 214 16.21 -10.81 -10.46
N LYS G 215 15.85 -9.63 -9.99
CA LYS G 215 16.60 -8.43 -10.38
C LYS G 215 18.08 -8.54 -9.92
N VAL G 216 18.28 -8.98 -8.69
CA VAL G 216 19.65 -9.18 -8.15
C VAL G 216 20.38 -10.12 -9.06
N ILE G 217 19.74 -11.24 -9.42
CA ILE G 217 20.44 -12.19 -10.26
C ILE G 217 20.80 -11.62 -11.62
N ALA G 218 19.93 -10.82 -12.25
CA ALA G 218 20.21 -10.22 -13.51
C ALA G 218 21.40 -9.22 -13.31
N ASN G 219 21.33 -8.40 -12.28
CA ASN G 219 22.40 -7.42 -11.99
C ASN G 219 23.74 -8.13 -11.83
N ALA G 220 23.71 -9.25 -11.14
CA ALA G 220 24.92 -10.03 -10.85
C ALA G 220 25.47 -10.64 -12.14
N VAL G 221 24.59 -11.16 -13.00
CA VAL G 221 25.06 -11.62 -14.31
C VAL G 221 25.81 -10.54 -15.08
N ARG G 222 25.28 -9.31 -15.13
CA ARG G 222 25.95 -8.27 -15.81
C ARG G 222 27.26 -7.95 -15.12
N TRP G 223 27.27 -7.93 -13.80
CA TRP G 223 28.51 -7.61 -13.03
C TRP G 223 29.59 -8.67 -13.29
N ALA G 224 29.17 -9.94 -13.38
CA ALA G 224 30.12 -11.08 -13.43
C ALA G 224 30.63 -11.39 -14.86
N ALA G 225 30.16 -10.65 -15.86
CA ALA G 225 30.55 -10.88 -17.25
C ALA G 225 32.08 -10.79 -17.42
N PRO G 226 32.70 -11.65 -18.23
CA PRO G 226 34.15 -11.65 -18.39
C PRO G 226 34.73 -10.36 -18.92
N VAL G 227 35.93 -10.05 -18.45
CA VAL G 227 36.80 -9.00 -18.96
C VAL G 227 38.09 -9.72 -19.27
N ASN G 228 38.65 -9.49 -20.44
CA ASN G 228 40.00 -10.03 -20.71
C ASN G 228 39.97 -11.58 -20.70
N ARG G 229 38.85 -12.16 -21.09
CA ARG G 229 38.71 -13.63 -20.94
C ARG G 229 39.75 -14.35 -21.76
N GLY G 230 40.36 -15.38 -21.17
CA GLY G 230 41.31 -16.23 -21.87
C GLY G 230 42.40 -16.67 -20.92
N GLU G 231 43.23 -17.60 -21.39
CA GLU G 231 44.40 -18.12 -20.63
C GLU G 231 45.33 -16.97 -20.22
N ILE G 232 45.84 -17.01 -18.98
CA ILE G 232 46.91 -16.06 -18.54
C ILE G 232 48.27 -16.72 -18.79
N VAL G 233 49.28 -15.93 -19.08
CA VAL G 233 50.66 -16.42 -19.23
C VAL G 233 51.37 -16.67 -17.88
N PHE G 234 51.87 -17.89 -17.69
CA PHE G 234 52.63 -18.22 -16.50
C PHE G 234 53.92 -18.89 -16.95
N GLY G 235 54.79 -19.25 -16.03
CA GLY G 235 55.89 -20.11 -16.36
C GLY G 235 57.18 -19.36 -16.46
N ASN G 236 58.19 -20.02 -17.02
CA ASN G 236 59.59 -19.49 -17.12
C ASN G 236 59.57 -18.30 -18.07
N VAL G 237 60.10 -17.16 -17.63
CA VAL G 237 60.09 -15.96 -18.46
C VAL G 237 61.46 -15.31 -18.50
N LYS G 238 61.75 -14.68 -19.64
CA LYS G 238 63.00 -13.99 -19.86
C LYS G 238 62.91 -12.65 -19.18
N PRO G 239 64.02 -12.12 -18.69
CA PRO G 239 63.93 -10.87 -17.96
C PRO G 239 63.66 -9.72 -18.89
N LEU G 240 63.07 -8.68 -18.31
CA LEU G 240 62.80 -7.46 -19.05
C LEU G 240 63.89 -6.42 -18.86
N GLU G 241 64.79 -6.66 -17.91
CA GLU G 241 65.90 -5.75 -17.64
C GLU G 241 67.14 -6.59 -17.47
N PRO G 242 68.31 -6.01 -17.67
CA PRO G 242 69.55 -6.74 -17.44
C PRO G 242 69.72 -7.16 -15.99
N ILE G 243 70.28 -8.35 -15.81
CA ILE G 243 70.59 -8.89 -14.51
C ILE G 243 72.12 -9.12 -14.49
N LYS G 244 72.73 -8.61 -13.46
CA LYS G 244 74.15 -8.60 -13.33
C LYS G 244 74.66 -9.97 -12.89
N ALA G 245 75.79 -10.41 -13.42
CA ALA G 245 76.42 -11.64 -12.87
C ALA G 245 76.77 -11.39 -11.40
N LYS G 246 76.59 -12.40 -10.56
CA LYS G 246 76.77 -12.21 -9.13
C LYS G 246 78.02 -13.01 -8.79
N GLN G 247 78.71 -12.59 -7.74
CA GLN G 247 79.88 -13.33 -7.23
C GLN G 247 79.42 -14.30 -6.16
N THR H 6 22.18 9.52 -21.23
CA THR H 6 22.74 8.16 -21.43
C THR H 6 24.26 8.11 -21.25
N PRO H 7 25.05 8.97 -21.89
CA PRO H 7 26.48 8.92 -21.65
C PRO H 7 26.80 9.31 -20.22
N ILE H 8 27.87 8.73 -19.69
CA ILE H 8 28.31 9.08 -18.38
C ILE H 8 28.94 10.45 -18.48
N ARG H 9 28.68 11.28 -17.50
CA ARG H 9 29.09 12.65 -17.51
C ARG H 9 30.29 12.76 -16.58
N VAL H 10 31.41 13.28 -17.08
CA VAL H 10 32.67 13.31 -16.35
C VAL H 10 33.18 14.72 -16.33
N VAL H 11 33.64 15.16 -15.18
CA VAL H 11 34.31 16.47 -15.07
C VAL H 11 35.77 16.18 -14.75
N VAL H 12 36.70 16.73 -15.53
CA VAL H 12 38.14 16.60 -15.30
C VAL H 12 38.61 17.87 -14.63
N TRP H 13 39.01 17.76 -13.37
CA TRP H 13 39.45 18.91 -12.57
C TRP H 13 40.95 18.93 -12.53
N ASN H 14 41.56 20.08 -12.80
CA ASN H 14 42.99 20.19 -12.75
C ASN H 14 43.33 21.52 -12.11
N GLU H 15 44.39 21.50 -11.33
CA GLU H 15 44.91 22.70 -10.69
C GLU H 15 45.28 23.77 -11.72
N PHE H 16 45.93 23.34 -12.80
CA PHE H 16 46.26 24.19 -13.96
C PHE H 16 47.10 25.39 -13.59
N ARG H 17 48.13 25.12 -12.78
CA ARG H 17 49.12 26.15 -12.47
C ARG H 17 50.44 25.86 -13.22
N HIS H 18 50.93 24.62 -13.17
CA HIS H 18 52.17 24.30 -13.87
C HIS H 18 52.16 24.66 -15.33
N GLU H 19 51.06 24.39 -16.02
CA GLU H 19 51.07 24.50 -17.45
C GLU H 19 51.17 25.94 -17.86
N LYS H 20 50.88 26.82 -16.93
CA LYS H 20 50.96 28.26 -17.23
C LYS H 20 52.28 28.91 -16.87
N LYS H 21 53.01 28.29 -15.96
CA LYS H 21 54.19 28.94 -15.38
C LYS H 21 55.48 28.26 -15.83
N ASP H 22 55.42 26.98 -16.16
CA ASP H 22 56.60 26.20 -16.54
C ASP H 22 56.61 25.90 -18.02
N GLU H 23 57.59 26.46 -18.75
CA GLU H 23 57.66 26.26 -20.20
C GLU H 23 57.84 24.80 -20.62
N GLN H 24 58.50 24.00 -19.79
CA GLN H 24 58.74 22.63 -20.18
C GLN H 24 57.44 21.88 -20.08
N VAL H 25 56.61 22.22 -19.10
CA VAL H 25 55.28 21.60 -18.96
C VAL H 25 54.31 22.11 -20.02
N ARG H 26 54.34 23.43 -20.24
CA ARG H 26 53.50 24.04 -21.25
C ARG H 26 53.73 23.41 -22.61
N ALA H 27 54.97 23.04 -22.91
CA ALA H 27 55.33 22.41 -24.18
C ALA H 27 54.64 21.06 -24.36
N ILE H 28 54.53 20.30 -23.28
CA ILE H 28 53.83 18.99 -23.33
C ILE H 28 52.32 19.14 -23.32
N TYR H 29 51.82 20.02 -22.46
CA TYR H 29 50.39 20.20 -22.24
C TYR H 29 50.01 21.69 -22.43
N PRO H 30 50.01 22.17 -23.64
CA PRO H 30 49.84 23.62 -23.90
C PRO H 30 48.44 24.16 -23.55
N GLU H 31 47.43 23.30 -23.55
CA GLU H 31 46.09 23.67 -23.07
C GLU H 31 45.74 23.07 -21.70
N GLY H 32 46.72 22.47 -21.00
CA GLY H 32 46.47 21.89 -19.71
C GLY H 32 46.22 20.40 -19.83
N MET H 33 46.62 19.65 -18.81
CA MET H 33 46.38 18.17 -18.80
C MET H 33 44.91 17.84 -18.88
N HIS H 34 44.06 18.69 -18.29
CA HIS H 34 42.63 18.43 -18.28
C HIS H 34 42.03 18.36 -19.67
N THR H 35 42.51 19.20 -20.58
CA THR H 35 42.04 19.24 -21.97
C THR H 35 42.35 17.96 -22.72
N VAL H 36 43.56 17.45 -22.51
CA VAL H 36 44.01 16.18 -23.09
C VAL H 36 43.16 15.04 -22.57
N ILE H 37 43.03 14.90 -21.25
CA ILE H 37 42.22 13.82 -20.68
C ILE H 37 40.75 13.97 -21.11
N ALA H 38 40.18 15.16 -20.99
CA ALA H 38 38.76 15.32 -21.36
C ALA H 38 38.53 15.08 -22.85
N SER H 39 39.46 15.46 -23.72
CA SER H 39 39.36 15.17 -25.15
C SER H 39 39.31 13.66 -25.44
N TYR H 40 40.17 12.93 -24.78
CA TYR H 40 40.16 11.50 -24.96
C TYR H 40 38.85 10.93 -24.49
N LEU H 41 38.38 11.40 -23.35
CA LEU H 41 37.13 10.88 -22.80
C LEU H 41 35.97 11.19 -23.72
N ALA H 42 36.01 12.34 -24.33
CA ALA H 42 34.96 12.65 -25.36
C ALA H 42 34.98 11.66 -26.57
N GLU H 43 36.18 11.39 -27.08
CA GLU H 43 36.43 10.37 -28.12
C GLU H 43 35.99 8.99 -27.70
N ALA H 44 36.03 8.73 -26.41
CA ALA H 44 35.60 7.44 -25.84
C ALA H 44 34.09 7.36 -25.57
N GLY H 45 33.34 8.38 -25.91
CA GLY H 45 31.89 8.35 -25.75
C GLY H 45 31.31 9.04 -24.52
N PHE H 46 32.15 9.61 -23.65
CA PHE H 46 31.67 10.24 -22.46
C PHE H 46 31.26 11.68 -22.76
N ASP H 47 30.46 12.22 -21.88
CA ASP H 47 30.06 13.65 -21.90
C ASP H 47 31.02 14.33 -20.94
N ALA H 48 32.11 14.81 -21.48
CA ALA H 48 33.23 15.29 -20.69
C ALA H 48 33.28 16.81 -20.63
N ALA H 49 33.64 17.34 -19.46
CA ALA H 49 33.86 18.77 -19.25
C ALA H 49 35.06 18.93 -18.39
N THR H 50 35.49 20.16 -18.22
CA THR H 50 36.64 20.37 -17.35
C THR H 50 36.36 21.45 -16.33
N ALA H 51 37.22 21.51 -15.30
CA ALA H 51 37.12 22.51 -14.29
C ALA H 51 38.52 22.77 -13.78
N VAL H 52 38.79 24.02 -13.38
CA VAL H 52 40.12 24.36 -12.85
C VAL H 52 40.12 25.17 -11.55
N LEU H 53 41.27 25.18 -10.85
CA LEU H 53 41.32 25.83 -9.59
C LEU H 53 40.86 27.29 -9.70
N ASP H 54 41.31 27.96 -10.72
CA ASP H 54 41.18 29.44 -10.77
C ASP H 54 39.84 29.91 -11.33
N GLU H 55 38.87 29.03 -11.48
CA GLU H 55 37.47 29.41 -11.82
C GLU H 55 36.71 29.69 -10.51
N PRO H 56 35.57 30.39 -10.57
CA PRO H 56 34.66 30.50 -9.42
C PRO H 56 34.30 29.15 -8.82
N GLU H 57 34.42 29.03 -7.50
CA GLU H 57 34.21 27.76 -6.75
C GLU H 57 35.04 26.62 -7.31
N HIS H 58 36.16 26.99 -7.92
CA HIS H 58 37.07 26.04 -8.57
C HIS H 58 36.36 25.23 -9.67
N GLY H 59 35.30 25.79 -10.23
CA GLY H 59 34.51 25.13 -11.22
C GLY H 59 33.53 24.11 -10.68
N LEU H 60 33.46 23.96 -9.36
CA LEU H 60 32.67 22.89 -8.75
C LEU H 60 31.51 23.46 -7.96
N THR H 61 30.61 24.15 -8.67
CA THR H 61 29.40 24.59 -8.04
C THR H 61 28.51 23.39 -7.78
N ASP H 62 27.51 23.59 -6.94
CA ASP H 62 26.49 22.56 -6.72
C ASP H 62 25.89 22.12 -8.03
N GLU H 63 25.63 23.09 -8.95
CA GLU H 63 24.99 22.74 -10.23
C GLU H 63 25.89 21.81 -11.10
N VAL H 64 27.19 22.11 -11.13
CA VAL H 64 28.13 21.29 -11.86
C VAL H 64 28.21 19.89 -11.24
N LEU H 65 28.35 19.83 -9.93
CA LEU H 65 28.53 18.50 -9.25
C LEU H 65 27.26 17.70 -9.31
N ASP H 66 26.12 18.37 -9.30
CA ASP H 66 24.86 17.62 -9.44
C ASP H 66 24.70 16.92 -10.81
N ARG H 67 25.40 17.41 -11.84
CA ARG H 67 25.36 16.73 -13.11
C ARG H 67 26.64 16.03 -13.44
N CYS H 68 27.46 15.76 -12.42
CA CYS H 68 28.71 15.09 -12.60
C CYS H 68 28.53 13.68 -12.09
N ASP H 69 28.64 12.68 -12.95
CA ASP H 69 28.63 11.28 -12.52
C ASP H 69 29.99 10.88 -11.96
N VAL H 70 31.09 11.41 -12.51
CA VAL H 70 32.46 11.00 -12.06
C VAL H 70 33.33 12.26 -12.19
N LEU H 71 34.09 12.47 -11.13
CA LEU H 71 35.01 13.62 -11.05
C LEU H 71 36.42 13.06 -11.09
N VAL H 72 37.28 13.66 -11.92
CA VAL H 72 38.66 13.25 -12.01
C VAL H 72 39.47 14.40 -11.44
N TRP H 73 40.51 14.08 -10.65
CA TRP H 73 41.23 15.15 -9.91
C TRP H 73 42.75 15.04 -10.07
N TRP H 74 43.41 16.12 -10.53
CA TRP H 74 44.87 16.21 -10.56
C TRP H 74 45.20 17.56 -9.85
N GLY H 75 46.09 17.53 -8.87
CA GLY H 75 46.61 18.74 -8.20
C GLY H 75 48.02 18.46 -7.78
N HIS H 76 48.73 19.50 -7.36
CA HIS H 76 50.09 19.30 -6.94
C HIS H 76 50.63 20.42 -6.04
N ILE H 77 50.75 21.59 -6.61
CA ILE H 77 51.49 22.64 -5.87
C ILE H 77 50.57 23.61 -5.12
N ALA H 78 49.26 23.48 -5.30
CA ALA H 78 48.27 24.33 -4.65
C ALA H 78 47.06 23.61 -4.06
N HIS H 79 47.30 22.47 -3.42
CA HIS H 79 46.26 21.70 -2.78
C HIS H 79 45.58 22.54 -1.70
N ASP H 80 46.34 23.41 -1.00
CA ASP H 80 45.78 24.17 0.11
C ASP H 80 44.82 25.27 -0.35
N GLU H 81 44.93 25.70 -1.60
CA GLU H 81 44.09 26.82 -2.12
C GLU H 81 42.67 26.36 -2.47
N VAL H 82 42.46 25.06 -2.49
CA VAL H 82 41.10 24.54 -2.66
C VAL H 82 40.30 24.76 -1.38
N LYS H 83 39.24 25.55 -1.48
CA LYS H 83 38.50 25.94 -0.28
C LYS H 83 37.81 24.78 0.35
N ASP H 84 37.82 24.78 1.66
CA ASP H 84 37.21 23.70 2.43
C ASP H 84 35.75 23.57 2.11
N GLU H 85 35.05 24.66 1.80
CA GLU H 85 33.63 24.50 1.46
C GLU H 85 33.43 23.61 0.22
N VAL H 86 34.34 23.76 -0.76
CA VAL H 86 34.26 22.99 -2.01
C VAL H 86 34.65 21.54 -1.69
N VAL H 87 35.71 21.35 -0.94
CA VAL H 87 36.08 19.96 -0.50
C VAL H 87 34.87 19.23 0.14
N GLU H 88 34.23 19.87 1.09
CA GLU H 88 33.04 19.35 1.74
C GLU H 88 31.94 18.99 0.78
N ARG H 89 31.68 19.86 -0.17
CA ARG H 89 30.68 19.64 -1.19
C ARG H 89 30.98 18.41 -2.06
N VAL H 90 32.24 18.27 -2.44
CA VAL H 90 32.67 17.12 -3.18
C VAL H 90 32.56 15.85 -2.36
N HIS H 91 32.98 15.92 -1.10
CA HIS H 91 32.94 14.76 -0.19
C HIS H 91 31.49 14.25 -0.04
N ARG H 92 30.54 15.14 0.18
CA ARG H 92 29.12 14.80 0.24
C ARG H 92 28.67 14.09 -1.02
N ARG H 93 29.08 14.60 -2.19
CA ARG H 93 28.65 14.04 -3.46
C ARG H 93 29.21 12.65 -3.63
N VAL H 94 30.47 12.45 -3.27
CA VAL H 94 31.01 11.06 -3.36
C VAL H 94 30.26 10.10 -2.46
N LEU H 95 29.97 10.50 -1.25
CA LEU H 95 29.26 9.55 -0.33
C LEU H 95 27.91 9.23 -0.84
N GLU H 96 27.32 10.15 -1.56
CA GLU H 96 26.04 9.93 -2.24
C GLU H 96 26.07 9.06 -3.51
N GLY H 97 27.25 8.75 -4.02
CA GLY H 97 27.39 8.02 -5.25
C GLY H 97 28.28 8.51 -6.34
N MET H 98 28.74 9.77 -6.28
CA MET H 98 29.53 10.28 -7.37
C MET H 98 30.89 9.59 -7.39
N GLY H 99 31.36 9.15 -8.54
CA GLY H 99 32.65 8.48 -8.63
C GLY H 99 33.77 9.52 -8.54
N LEU H 100 34.96 9.05 -8.22
CA LEU H 100 36.11 9.95 -8.03
C LEU H 100 37.34 9.25 -8.53
N ILE H 101 38.05 9.79 -9.56
CA ILE H 101 39.33 9.25 -10.01
C ILE H 101 40.39 10.26 -9.59
N VAL H 102 41.30 9.79 -8.81
CA VAL H 102 42.38 10.67 -8.28
C VAL H 102 43.66 10.29 -8.95
N LEU H 103 44.37 11.30 -9.50
CA LEU H 103 45.51 11.05 -10.34
C LEU H 103 46.78 11.58 -9.72
N HIS H 104 47.81 10.73 -9.68
CA HIS H 104 49.17 11.21 -9.43
C HIS H 104 49.24 12.03 -8.16
N SER H 105 49.74 13.28 -8.19
CA SER H 105 49.88 14.08 -7.00
C SER H 105 48.54 14.51 -6.35
N GLY H 106 47.42 14.12 -6.94
CA GLY H 106 46.19 14.17 -6.24
C GLY H 106 46.10 13.32 -5.00
N HIS H 107 47.12 12.45 -4.78
CA HIS H 107 47.18 11.71 -3.53
C HIS H 107 47.26 12.64 -2.33
N PHE H 108 47.77 13.89 -2.52
CA PHE H 108 47.84 14.83 -1.44
C PHE H 108 46.75 15.92 -1.51
N SER H 109 45.70 15.70 -2.28
CA SER H 109 44.60 16.64 -2.35
C SER H 109 43.81 16.55 -1.04
N LYS H 110 43.16 17.67 -0.70
CA LYS H 110 42.34 17.70 0.47
C LYS H 110 41.25 16.62 0.36
N ILE H 111 40.72 16.46 -0.81
CA ILE H 111 39.53 15.56 -0.92
C ILE H 111 40.01 14.12 -0.72
N PHE H 112 41.11 13.75 -1.38
CA PHE H 112 41.61 12.33 -1.23
C PHE H 112 41.98 12.06 0.24
N LYS H 113 42.78 12.95 0.86
CA LYS H 113 43.09 12.80 2.28
C LYS H 113 41.88 12.69 3.21
N LYS H 114 40.78 13.42 2.90
CA LYS H 114 39.64 13.41 3.76
C LYS H 114 38.93 12.08 3.60
N LEU H 115 38.84 11.57 2.38
CA LEU H 115 38.15 10.26 2.18
C LEU H 115 38.95 9.11 2.73
N MET H 116 40.24 9.28 2.75
CA MET H 116 41.17 8.16 3.18
C MET H 116 41.30 8.10 4.71
N GLY H 117 41.41 9.25 5.37
CA GLY H 117 41.56 9.33 6.80
C GLY H 117 43.01 9.16 7.29
N THR H 118 43.94 9.20 6.35
CA THR H 118 45.39 8.97 6.62
C THR H 118 46.14 10.12 5.98
N THR H 119 47.46 10.13 6.08
CA THR H 119 48.23 11.26 5.52
C THR H 119 48.41 11.17 4.03
N CYS H 120 48.32 9.94 3.48
CA CYS H 120 48.52 9.71 2.08
C CYS H 120 49.97 10.12 1.65
N ASN H 121 50.91 10.09 2.59
CA ASN H 121 52.27 10.46 2.27
C ASN H 121 52.96 9.21 1.67
N LEU H 122 54.17 9.36 1.13
CA LEU H 122 54.85 8.31 0.36
C LEU H 122 56.28 8.76 0.18
N LYS H 123 57.13 7.84 -0.28
CA LYS H 123 58.44 8.16 -0.77
C LYS H 123 58.40 8.57 -2.24
N TRP H 124 59.31 9.46 -2.64
CA TRP H 124 59.30 9.90 -4.02
C TRP H 124 60.65 10.35 -4.57
N ARG H 125 60.75 10.41 -5.88
CA ARG H 125 61.96 10.86 -6.57
C ARG H 125 61.65 11.26 -7.98
N GLU H 126 62.17 12.41 -8.41
CA GLU H 126 62.03 12.79 -9.84
C GLU H 126 63.34 12.57 -10.56
N ALA H 127 63.48 11.42 -11.22
CA ALA H 127 64.73 11.06 -11.86
C ALA H 127 64.55 10.50 -13.24
N ASP H 128 63.41 10.73 -13.86
CA ASP H 128 63.17 10.31 -15.25
C ASP H 128 63.31 8.83 -15.45
N GLU H 129 62.81 8.03 -14.52
CA GLU H 129 63.12 6.61 -14.52
C GLU H 129 61.96 5.84 -15.05
N LYS H 130 62.23 4.62 -15.48
CA LYS H 130 61.16 3.77 -16.04
C LYS H 130 60.22 3.25 -14.94
N GLU H 131 58.91 3.12 -15.26
CA GLU H 131 57.88 2.57 -14.36
C GLU H 131 57.21 1.48 -15.21
N ARG H 132 57.04 0.31 -14.61
CA ARG H 132 56.24 -0.72 -15.21
C ARG H 132 55.13 -1.03 -14.26
N LEU H 133 53.88 -0.84 -14.71
CA LEU H 133 52.71 -1.01 -13.87
C LEU H 133 52.16 -2.35 -14.16
N TRP H 134 52.33 -3.28 -13.24
CA TRP H 134 51.89 -4.62 -13.50
C TRP H 134 50.45 -4.80 -13.08
N VAL H 135 49.65 -5.48 -13.89
CA VAL H 135 48.31 -5.78 -13.53
C VAL H 135 48.25 -6.93 -12.50
N VAL H 136 47.58 -6.72 -11.39
CA VAL H 136 47.38 -7.78 -10.39
C VAL H 136 45.91 -8.10 -10.13
N ALA H 137 45.01 -7.49 -10.88
CA ALA H 137 43.61 -7.84 -10.85
C ALA H 137 43.17 -8.02 -12.32
N PRO H 138 43.56 -9.13 -12.95
CA PRO H 138 43.45 -9.27 -14.39
C PRO H 138 42.02 -9.39 -14.96
N GLY H 139 41.03 -9.55 -14.09
CA GLY H 139 39.63 -9.66 -14.50
C GLY H 139 38.90 -8.35 -14.24
N HIS H 140 39.60 -7.32 -13.78
CA HIS H 140 38.87 -6.15 -13.27
C HIS H 140 38.49 -5.25 -14.47
N PRO H 141 37.28 -4.67 -14.50
CA PRO H 141 36.90 -3.78 -15.60
C PRO H 141 37.93 -2.69 -15.92
N ILE H 142 38.62 -2.23 -14.90
CA ILE H 142 39.58 -1.13 -15.09
C ILE H 142 40.70 -1.53 -16.04
N VAL H 143 41.03 -2.81 -16.13
CA VAL H 143 42.10 -3.24 -17.01
C VAL H 143 41.61 -3.89 -18.31
N GLU H 144 40.35 -3.65 -18.69
CA GLU H 144 39.85 -4.08 -20.00
C GLU H 144 40.72 -3.52 -21.13
N GLY H 145 41.25 -4.40 -21.95
CA GLY H 145 42.07 -3.98 -23.04
C GLY H 145 43.52 -3.64 -22.70
N ILE H 146 43.95 -3.97 -21.49
CA ILE H 146 45.31 -3.64 -21.04
C ILE H 146 46.02 -4.99 -21.00
N GLY H 147 47.30 -4.99 -21.41
CA GLY H 147 48.15 -6.18 -21.39
C GLY H 147 48.61 -6.47 -19.97
N PRO H 148 49.65 -7.29 -19.84
CA PRO H 148 50.11 -7.68 -18.53
C PRO H 148 50.70 -6.54 -17.71
N TYR H 149 51.15 -5.52 -18.41
CA TYR H 149 51.69 -4.35 -17.78
C TYR H 149 51.62 -3.16 -18.72
N ILE H 150 51.79 -1.96 -18.15
CA ILE H 150 51.94 -0.73 -18.88
C ILE H 150 53.34 -0.27 -18.57
N GLU H 151 54.10 0.09 -19.57
CA GLU H 151 55.49 0.63 -19.34
C GLU H 151 55.53 2.07 -19.71
N LEU H 152 56.00 2.90 -18.80
CA LEU H 152 56.24 4.32 -19.06
C LEU H 152 57.75 4.53 -19.02
N GLU H 153 58.33 5.06 -20.11
CA GLU H 153 59.80 5.21 -20.21
C GLU H 153 60.38 6.15 -19.18
N GLN H 154 59.62 7.18 -18.82
CA GLN H 154 60.00 8.18 -17.85
C GLN H 154 58.81 8.58 -17.00
N GLU H 155 59.03 8.54 -15.69
CA GLU H 155 58.05 9.00 -14.70
C GLU H 155 58.75 9.37 -13.43
N GLU H 156 58.01 9.99 -12.54
CA GLU H 156 58.42 10.25 -11.17
C GLU H 156 58.08 9.08 -10.28
N MET H 157 59.08 8.60 -9.58
CA MET H 157 58.87 7.52 -8.65
C MET H 157 58.04 7.95 -7.48
N TYR H 158 57.02 7.13 -7.13
CA TYR H 158 56.42 7.12 -5.78
C TYR H 158 56.72 5.72 -5.21
N GLY H 159 56.98 5.66 -3.93
CA GLY H 159 57.42 4.37 -3.29
C GLY H 159 56.68 4.06 -2.03
N GLU H 160 56.46 2.77 -1.72
CA GLU H 160 55.91 2.38 -0.45
C GLU H 160 56.87 2.73 0.69
N PHE H 161 56.39 2.93 1.92
CA PHE H 161 54.96 2.76 2.27
C PHE H 161 54.18 4.00 1.90
N PHE H 162 53.06 3.75 1.27
CA PHE H 162 52.04 4.75 0.83
C PHE H 162 50.98 4.69 1.93
N ASP H 163 50.81 5.80 2.65
CA ASP H 163 49.99 5.84 3.86
C ASP H 163 48.52 6.01 3.51
N ILE H 164 47.93 4.91 3.03
CA ILE H 164 46.52 4.85 2.66
C ILE H 164 45.93 3.66 3.45
N PRO H 165 44.63 3.68 3.66
CA PRO H 165 43.94 2.45 4.08
C PRO H 165 44.12 1.39 3.03
N GLU H 166 44.12 0.09 3.42
CA GLU H 166 44.29 -0.98 2.46
C GLU H 166 43.16 -0.80 1.40
N PRO H 167 43.48 -0.83 0.13
CA PRO H 167 42.44 -0.66 -0.90
C PRO H 167 41.41 -1.77 -0.87
N ASP H 168 40.20 -1.48 -1.33
CA ASP H 168 39.30 -2.57 -1.59
C ASP H 168 39.89 -3.57 -2.57
N GLU H 169 40.46 -3.10 -3.67
CA GLU H 169 41.21 -3.91 -4.61
C GLU H 169 42.47 -3.18 -5.05
N THR H 170 43.58 -3.90 -5.18
CA THR H 170 44.80 -3.36 -5.81
C THR H 170 44.78 -3.88 -7.25
N ILE H 171 44.75 -2.96 -8.17
CA ILE H 171 44.68 -3.21 -9.58
C ILE H 171 46.05 -3.27 -10.24
N PHE H 172 46.98 -2.36 -9.84
CA PHE H 172 48.29 -2.29 -10.45
C PHE H 172 49.29 -2.16 -9.33
N ILE H 173 50.38 -2.86 -9.50
CA ILE H 173 51.62 -2.65 -8.68
C ILE H 173 52.71 -2.22 -9.61
N SER H 174 53.35 -1.06 -9.31
CA SER H 174 54.39 -0.55 -10.14
C SER H 174 55.81 -1.03 -9.68
N TRP H 175 56.65 -1.36 -10.62
CA TRP H 175 58.11 -1.55 -10.47
C TRP H 175 58.77 -0.26 -10.97
N PHE H 176 59.66 0.31 -10.18
CA PHE H 176 60.44 1.43 -10.63
C PHE H 176 61.89 1.02 -10.76
N GLU H 177 62.54 1.58 -11.77
CA GLU H 177 63.92 1.36 -12.06
C GLU H 177 64.87 1.48 -10.86
N GLY H 178 64.59 2.44 -10.00
CA GLY H 178 65.45 2.74 -8.85
C GLY H 178 65.35 1.86 -7.65
N GLY H 179 64.44 0.89 -7.66
CA GLY H 179 64.40 -0.17 -6.68
C GLY H 179 63.15 -0.24 -5.84
N GLU H 180 62.18 0.69 -6.03
CA GLU H 180 60.96 0.77 -5.27
C GLU H 180 59.76 0.12 -6.01
N VAL H 181 58.72 -0.09 -5.26
CA VAL H 181 57.42 -0.56 -5.76
C VAL H 181 56.32 0.40 -5.24
N PHE H 182 55.09 0.30 -5.78
CA PHE H 182 54.01 1.15 -5.35
C PHE H 182 52.70 0.53 -5.75
N ARG H 183 51.72 0.61 -4.90
CA ARG H 183 50.32 0.21 -5.19
C ARG H 183 49.71 1.35 -6.02
N SER H 184 49.88 1.29 -7.32
CA SER H 184 49.67 2.40 -8.27
C SER H 184 48.31 2.44 -8.85
N GLY H 185 47.50 1.42 -8.61
CA GLY H 185 46.08 1.50 -8.95
C GLY H 185 45.30 0.83 -7.82
N CYS H 186 44.47 1.60 -7.15
CA CYS H 186 43.81 1.22 -5.89
C CYS H 186 42.35 1.62 -5.99
N THR H 187 41.42 0.69 -5.75
CA THR H 187 40.03 1.07 -5.59
C THR H 187 39.62 1.17 -4.12
N PHE H 188 38.62 2.03 -3.88
CA PHE H 188 38.01 2.22 -2.58
C PHE H 188 36.51 2.51 -2.77
N THR H 189 35.66 2.14 -1.81
CA THR H 189 34.25 2.65 -1.81
C THR H 189 34.03 3.45 -0.52
N ARG H 190 33.46 4.63 -0.62
CA ARG H 190 33.10 5.43 0.53
C ARG H 190 31.67 5.84 0.36
N GLY H 191 30.80 5.45 1.30
CA GLY H 191 29.34 5.56 1.13
C GLY H 191 28.96 4.76 -0.10
N LYS H 192 28.18 5.37 -1.00
CA LYS H 192 27.89 4.81 -2.32
C LYS H 192 28.97 5.06 -3.38
N GLY H 193 29.93 5.94 -3.13
CA GLY H 193 30.87 6.33 -4.19
C GLY H 193 32.03 5.40 -4.40
N LYS H 194 32.42 5.25 -5.63
CA LYS H 194 33.54 4.43 -6.01
C LYS H 194 34.68 5.38 -6.34
N ILE H 195 35.87 5.05 -5.84
CA ILE H 195 37.06 5.90 -5.98
C ILE H 195 38.20 5.06 -6.55
N PHE H 196 38.88 5.53 -7.61
CA PHE H 196 40.10 4.85 -8.08
C PHE H 196 41.24 5.84 -7.95
N TYR H 197 42.31 5.40 -7.33
CA TYR H 197 43.53 6.17 -7.32
C TYR H 197 44.45 5.57 -8.38
N PHE H 198 44.97 6.41 -9.25
CA PHE H 198 45.83 5.99 -10.34
C PHE H 198 47.10 6.82 -10.37
N ARG H 199 48.21 6.18 -10.15
CA ARG H 199 49.46 6.91 -9.88
C ARG H 199 50.05 7.76 -11.01
N PRO H 200 50.11 7.28 -12.24
CA PRO H 200 50.85 8.03 -13.26
C PRO H 200 50.36 9.45 -13.56
N GLY H 201 51.30 10.36 -13.83
CA GLY H 201 50.90 11.68 -14.29
C GLY H 201 51.74 12.87 -13.92
N HIS H 202 53.03 12.67 -13.73
CA HIS H 202 53.86 13.83 -13.42
C HIS H 202 53.86 14.85 -14.55
N GLU H 203 53.81 16.15 -14.19
CA GLU H 203 53.54 17.19 -15.17
C GLU H 203 54.67 17.37 -16.18
N THR H 204 55.89 16.97 -15.83
CA THR H 204 56.99 17.16 -16.78
C THR H 204 57.14 16.08 -17.84
N TYR H 205 56.27 15.06 -17.84
CA TYR H 205 56.40 13.94 -18.74
C TYR H 205 55.04 13.78 -19.47
N PRO H 206 55.02 13.32 -20.72
CA PRO H 206 53.76 13.26 -21.49
C PRO H 206 52.97 11.99 -21.17
N THR H 207 52.74 11.76 -19.90
CA THR H 207 52.12 10.47 -19.45
C THR H 207 50.68 10.40 -19.96
N TYR H 208 50.01 11.55 -19.99
CA TYR H 208 48.59 11.57 -20.44
C TYR H 208 48.43 11.60 -21.97
N HIS H 209 49.53 11.42 -22.69
CA HIS H 209 49.51 11.10 -24.09
C HIS H 209 49.65 9.57 -24.33
N HIS H 210 49.87 8.80 -23.29
CA HIS H 210 50.14 7.39 -23.45
C HIS H 210 48.78 6.70 -23.57
N PRO H 211 48.58 5.94 -24.62
CA PRO H 211 47.25 5.39 -24.87
C PRO H 211 46.75 4.48 -23.78
N ASP H 212 47.65 3.75 -23.13
CA ASP H 212 47.23 2.78 -22.11
C ASP H 212 46.83 3.51 -20.86
N VAL H 213 47.53 4.61 -20.52
CA VAL H 213 47.17 5.38 -19.34
C VAL H 213 45.77 5.94 -19.53
N LEU H 214 45.55 6.51 -20.70
CA LEU H 214 44.25 7.09 -21.07
C LEU H 214 43.14 6.02 -21.11
N LYS H 215 43.45 4.85 -21.64
CA LYS H 215 42.44 3.78 -21.65
C LYS H 215 42.06 3.39 -20.22
N VAL H 216 43.04 3.20 -19.32
CA VAL H 216 42.76 2.94 -17.92
C VAL H 216 41.85 3.99 -17.33
N ILE H 217 42.11 5.27 -17.55
CA ILE H 217 41.22 6.30 -16.99
C ILE H 217 39.78 6.18 -17.51
N ALA H 218 39.63 5.93 -18.79
CA ALA H 218 38.29 5.75 -19.36
C ALA H 218 37.62 4.56 -18.79
N ASN H 219 38.36 3.47 -18.65
CA ASN H 219 37.77 2.28 -18.04
C ASN H 219 37.30 2.55 -16.62
N ALA H 220 38.12 3.30 -15.87
CA ALA H 220 37.83 3.67 -14.50
C ALA H 220 36.59 4.56 -14.38
N VAL H 221 36.45 5.50 -15.32
CA VAL H 221 35.30 6.37 -15.36
C VAL H 221 34.04 5.50 -15.48
N ARG H 222 34.07 4.52 -16.36
CA ARG H 222 32.89 3.68 -16.56
C ARG H 222 32.61 2.82 -15.34
N TRP H 223 33.65 2.25 -14.77
CA TRP H 223 33.56 1.48 -13.53
C TRP H 223 33.00 2.30 -12.37
N ALA H 224 33.37 3.60 -12.26
CA ALA H 224 33.04 4.41 -11.11
C ALA H 224 31.67 5.12 -11.23
N ALA H 225 30.97 4.89 -12.31
CA ALA H 225 29.70 5.60 -12.52
C ALA H 225 28.71 5.23 -11.40
N PRO H 226 27.91 6.18 -10.95
CA PRO H 226 27.04 5.99 -9.82
C PRO H 226 26.02 4.93 -10.05
N VAL H 227 25.74 4.19 -9.00
CA VAL H 227 24.55 3.37 -8.94
C VAL H 227 23.80 3.80 -7.68
N ASN H 228 22.50 3.87 -7.84
CA ASN H 228 21.62 4.20 -6.73
C ASN H 228 21.97 5.57 -6.16
N ARG H 229 22.38 6.48 -7.02
CA ARG H 229 22.94 7.73 -6.52
C ARG H 229 21.87 8.44 -5.69
N GLY H 230 22.29 9.10 -4.61
CA GLY H 230 21.36 9.90 -3.82
C GLY H 230 21.60 9.76 -2.33
N GLU H 231 20.87 10.59 -1.57
CA GLU H 231 20.95 10.59 -0.08
C GLU H 231 20.58 9.23 0.49
N ILE H 232 21.42 8.73 1.41
CA ILE H 232 21.12 7.51 2.18
C ILE H 232 20.26 7.89 3.39
N VAL H 233 19.21 7.11 3.67
CA VAL H 233 18.40 7.22 4.90
C VAL H 233 19.04 6.64 6.17
N PHE H 234 19.14 7.51 7.18
CA PHE H 234 19.68 7.16 8.47
C PHE H 234 18.69 7.57 9.57
N GLY H 235 19.11 7.46 10.81
CA GLY H 235 18.43 8.02 11.94
C GLY H 235 17.43 7.09 12.59
N ASN H 236 16.52 7.66 13.34
CA ASN H 236 15.65 6.90 14.22
C ASN H 236 14.60 6.20 13.37
N VAL H 237 14.40 4.89 13.59
CA VAL H 237 13.45 4.11 12.81
C VAL H 237 12.57 3.22 13.70
N LYS H 238 11.34 3.03 13.28
CA LYS H 238 10.42 2.17 14.01
C LYS H 238 10.79 0.73 13.69
N PRO H 239 10.43 -0.19 14.56
CA PRO H 239 10.78 -1.60 14.39
C PRO H 239 9.96 -2.26 13.30
N LEU H 240 10.57 -3.23 12.63
CA LEU H 240 9.85 -4.00 11.61
C LEU H 240 9.17 -5.21 12.20
N GLU H 241 9.53 -5.58 13.44
CA GLU H 241 8.99 -6.72 14.16
C GLU H 241 8.64 -6.24 15.56
N PRO H 242 7.63 -6.85 16.17
CA PRO H 242 7.27 -6.51 17.55
C PRO H 242 8.44 -6.72 18.50
N ILE H 243 8.58 -5.82 19.46
CA ILE H 243 9.59 -5.95 20.50
C ILE H 243 8.87 -6.31 21.79
N LYS H 244 9.30 -7.39 22.44
CA LYS H 244 8.64 -7.79 23.67
C LYS H 244 8.98 -6.86 24.83
N ALA H 245 7.94 -6.48 25.58
CA ALA H 245 8.06 -5.60 26.76
C ALA H 245 8.77 -6.31 27.92
N LYS H 246 9.32 -5.49 28.80
CA LYS H 246 10.12 -5.91 29.98
C LYS H 246 11.16 -4.82 30.27
#